data_1C6X
# 
_entry.id   1C6X 
# 
_audit_conform.dict_name       mmcif_pdbx.dic 
_audit_conform.dict_version    5.383 
_audit_conform.dict_location   http://mmcif.pdb.org/dictionaries/ascii/mmcif_pdbx.dic 
# 
loop_
_database_2.database_id 
_database_2.database_code 
_database_2.pdbx_database_accession 
_database_2.pdbx_DOI 
PDB   1C6X         pdb_00001c6x 10.2210/pdb1c6x/pdb 
RCSB  RCSB001410   ?            ?                   
WWPDB D_1000001410 ?            ?                   
# 
loop_
_pdbx_audit_revision_history.ordinal 
_pdbx_audit_revision_history.data_content_type 
_pdbx_audit_revision_history.major_revision 
_pdbx_audit_revision_history.minor_revision 
_pdbx_audit_revision_history.revision_date 
1 'Structure model' 1 0 2000-12-28 
2 'Structure model' 1 1 2008-04-26 
3 'Structure model' 1 2 2011-07-13 
4 'Structure model' 1 3 2023-12-27 
# 
_pdbx_audit_revision_details.ordinal             1 
_pdbx_audit_revision_details.revision_ordinal    1 
_pdbx_audit_revision_details.data_content_type   'Structure model' 
_pdbx_audit_revision_details.provider            repository 
_pdbx_audit_revision_details.type                'Initial release' 
_pdbx_audit_revision_details.description         ? 
_pdbx_audit_revision_details.details             ? 
# 
loop_
_pdbx_audit_revision_group.ordinal 
_pdbx_audit_revision_group.revision_ordinal 
_pdbx_audit_revision_group.data_content_type 
_pdbx_audit_revision_group.group 
1 2 'Structure model' 'Version format compliance' 
2 3 'Structure model' 'Version format compliance' 
3 4 'Structure model' 'Data collection'           
4 4 'Structure model' 'Database references'       
5 4 'Structure model' 'Derived calculations'      
# 
loop_
_pdbx_audit_revision_category.ordinal 
_pdbx_audit_revision_category.revision_ordinal 
_pdbx_audit_revision_category.data_content_type 
_pdbx_audit_revision_category.category 
1 4 'Structure model' chem_comp_atom 
2 4 'Structure model' chem_comp_bond 
3 4 'Structure model' database_2     
4 4 'Structure model' struct_site    
# 
loop_
_pdbx_audit_revision_item.ordinal 
_pdbx_audit_revision_item.revision_ordinal 
_pdbx_audit_revision_item.data_content_type 
_pdbx_audit_revision_item.item 
1 4 'Structure model' '_database_2.pdbx_DOI'                
2 4 'Structure model' '_database_2.pdbx_database_accession' 
3 4 'Structure model' '_struct_site.pdbx_auth_asym_id'      
4 4 'Structure model' '_struct_site.pdbx_auth_comp_id'      
5 4 'Structure model' '_struct_site.pdbx_auth_seq_id'       
# 
_pdbx_database_status.status_code                     REL 
_pdbx_database_status.entry_id                        1C6X 
_pdbx_database_status.recvd_initial_deposition_date   1999-12-28 
_pdbx_database_status.deposit_site                    RCSB 
_pdbx_database_status.process_site                    RCSB 
_pdbx_database_status.SG_entry                        . 
_pdbx_database_status.pdb_format_compatible           Y 
_pdbx_database_status.status_code_mr                  ? 
_pdbx_database_status.status_code_sf                  ? 
_pdbx_database_status.status_code_cs                  ? 
_pdbx_database_status.status_code_nmr_data            ? 
_pdbx_database_status.methods_development_category    ? 
# 
loop_
_pdbx_database_related.db_name 
_pdbx_database_related.db_id 
_pdbx_database_related.details 
_pdbx_database_related.content_type 
PDB 1c6y 'HIV-1 protease with L-735,524'  unspecified 
PDB 1c6z 'hiv-1 protease with saquinavir' unspecified 
PDB 1c70 'hiv-1 protease with L-756,423'  unspecified 
# 
_audit_author.name           'Munshi, S.' 
_audit_author.pdbx_ordinal   1 
# 
loop_
_citation.id 
_citation.title 
_citation.journal_abbrev 
_citation.journal_volume 
_citation.page_first 
_citation.page_last 
_citation.year 
_citation.journal_id_ASTM 
_citation.country 
_citation.journal_id_ISSN 
_citation.journal_id_CSD 
_citation.book_publisher 
_citation.pdbx_database_id_PubMed 
_citation.pdbx_database_id_DOI 
primary 
;An alternate binding site for the P1-P3 group of a class of potent HIV-1 protease inhibitors as a result of concerted structural change in the 80s loop of the protease.
;
'Acta Crystallogr.,Sect.D' 56  381   388   2000 ABCRE6 DK 0907-4449 0766 ? 10739910 10.1107/S0907444900000469 
1       
;Crystal Structure at 1.9-A Resolution of Human Immunodeficiency Virus (HIV) II Protease Complexed with L-735,524, an Orally Bioavailable Inhibitor of the HIV Proteases
;
J.Biol.Chem.               269 26344 26348 1994 JBCHA3 US 0021-9258 0071 ? ?        ?                         
# 
loop_
_citation_author.citation_id 
_citation_author.name 
_citation_author.ordinal 
_citation_author.identifier_ORCID 
primary 'Munshi, S.'    1  ? 
primary 'Chen, Z.'      2  ? 
primary 'Yan, Y.'       3  ? 
primary 'Li, Y.'        4  ? 
primary 'Olsen, D.B.'   5  ? 
primary 'Schock, H.B.'  6  ? 
primary 'Galvin, B.B.'  7  ? 
primary 'Dorsey, B.'    8  ? 
primary 'Kuo, L.C.'     9  ? 
1       'Chen, Z.'      10 ? 
1       'Li, Y.'        11 ? 
1       'Chen, E.'      12 ? 
1       'Hall, D.L.'    13 ? 
1       'Darke, P.L.'   14 ? 
1       'Culberson, C.' 15 ? 
1       'Shafer, J.A.'  16 ? 
1       'Kuo, L.C.'     17 ? 
# 
loop_
_entity.id 
_entity.type 
_entity.src_method 
_entity.pdbx_description 
_entity.formula_weight 
_entity.pdbx_number_of_molecules 
_entity.pdbx_ec 
_entity.pdbx_mutation 
_entity.pdbx_fragment 
_entity.details 
1 polymer     man 'PROTEIN (PROTEASE)' 10801.674 2  3.4.24.- ? ? 'NY5 ISOLATE' 
2 non-polymer syn 
;N-[2(S)-CYCLOPENTYL-1(R)-HYDROXY-3(R)METHYL]-5-[(2(S)-TERTIARY-BUTYLAMINO-CARBONYL)-4-(N1-(2)-(N-METHYLPIPERAZINYL)-3-CHLORO-PYRAZINYL-5-CARBONYL)-PIPERAZINO]-4(S)-HYDROXY-2(R)-PHENYLMETHYL-PENTANAMIDE
;
727.336   1  ?        ? ? ?             
3 water       nat water 18.015    69 ?        ? ? ?             
# 
_entity_poly.entity_id                      1 
_entity_poly.type                           'polypeptide(L)' 
_entity_poly.nstd_linkage                   no 
_entity_poly.nstd_monomer                   no 
_entity_poly.pdbx_seq_one_letter_code       
;PQITLWQRPVVTIKIGGQLMEALIDTGADDTVLEEMDLPGRWKPKIIGGIGGFVKVRQYDQIPIEICGHKVIGTVLVGPT
PTNIIGRNLLTQIGCTLNF
;
_entity_poly.pdbx_seq_one_letter_code_can   
;PQITLWQRPVVTIKIGGQLMEALIDTGADDTVLEEMDLPGRWKPKIIGGIGGFVKVRQYDQIPIEICGHKVIGTVLVGPT
PTNIIGRNLLTQIGCTLNF
;
_entity_poly.pdbx_strand_id                 A,B 
_entity_poly.pdbx_target_identifier         ? 
# 
loop_
_pdbx_entity_nonpoly.entity_id 
_pdbx_entity_nonpoly.name 
_pdbx_entity_nonpoly.comp_id 
2 
;N-[2(S)-CYCLOPENTYL-1(R)-HYDROXY-3(R)METHYL]-5-[(2(S)-TERTIARY-BUTYLAMINO-CARBONYL)-4-(N1-(2)-(N-METHYLPIPERAZINYL)-3-CHLORO-PYRAZINYL-5-CARBONYL)-PIPERAZINO]-4(S)-HYDROXY-2(R)-PHENYLMETHYL-PENTANAMIDE
;
3IN 
3 water HOH 
# 
loop_
_entity_poly_seq.entity_id 
_entity_poly_seq.num 
_entity_poly_seq.mon_id 
_entity_poly_seq.hetero 
1 1  PRO n 
1 2  GLN n 
1 3  ILE n 
1 4  THR n 
1 5  LEU n 
1 6  TRP n 
1 7  GLN n 
1 8  ARG n 
1 9  PRO n 
1 10 VAL n 
1 11 VAL n 
1 12 THR n 
1 13 ILE n 
1 14 LYS n 
1 15 ILE n 
1 16 GLY n 
1 17 GLY n 
1 18 GLN n 
1 19 LEU n 
1 20 MET n 
1 21 GLU n 
1 22 ALA n 
1 23 LEU n 
1 24 ILE n 
1 25 ASP n 
1 26 THR n 
1 27 GLY n 
1 28 ALA n 
1 29 ASP n 
1 30 ASP n 
1 31 THR n 
1 32 VAL n 
1 33 LEU n 
1 34 GLU n 
1 35 GLU n 
1 36 MET n 
1 37 ASP n 
1 38 LEU n 
1 39 PRO n 
1 40 GLY n 
1 41 ARG n 
1 42 TRP n 
1 43 LYS n 
1 44 PRO n 
1 45 LYS n 
1 46 ILE n 
1 47 ILE n 
1 48 GLY n 
1 49 GLY n 
1 50 ILE n 
1 51 GLY n 
1 52 GLY n 
1 53 PHE n 
1 54 VAL n 
1 55 LYS n 
1 56 VAL n 
1 57 ARG n 
1 58 GLN n 
1 59 TYR n 
1 60 ASP n 
1 61 GLN n 
1 62 ILE n 
1 63 PRO n 
1 64 ILE n 
1 65 GLU n 
1 66 ILE n 
1 67 CYS n 
1 68 GLY n 
1 69 HIS n 
1 70 LYS n 
1 71 VAL n 
1 72 ILE n 
1 73 GLY n 
1 74 THR n 
1 75 VAL n 
1 76 LEU n 
1 77 VAL n 
1 78 GLY n 
1 79 PRO n 
1 80 THR n 
1 81 PRO n 
1 82 THR n 
1 83 ASN n 
1 84 ILE n 
1 85 ILE n 
1 86 GLY n 
1 87 ARG n 
1 88 ASN n 
1 89 LEU n 
1 90 LEU n 
1 91 THR n 
1 92 GLN n 
1 93 ILE n 
1 94 GLY n 
1 95 CYS n 
1 96 THR n 
1 97 LEU n 
1 98 ASN n 
1 99 PHE n 
# 
_entity_src_gen.entity_id                          1 
_entity_src_gen.pdbx_src_id                        1 
_entity_src_gen.pdbx_alt_source_flag               sample 
_entity_src_gen.pdbx_seq_type                      ? 
_entity_src_gen.pdbx_beg_seq_num                   ? 
_entity_src_gen.pdbx_end_seq_num                   ? 
_entity_src_gen.gene_src_common_name               ? 
_entity_src_gen.gene_src_genus                     Lentivirus 
_entity_src_gen.pdbx_gene_src_gene                 'NY5 ISOLATE' 
_entity_src_gen.gene_src_species                   ? 
_entity_src_gen.gene_src_strain                    ? 
_entity_src_gen.gene_src_tissue                    ? 
_entity_src_gen.gene_src_tissue_fraction           ? 
_entity_src_gen.gene_src_details                   ? 
_entity_src_gen.pdbx_gene_src_fragment             ? 
_entity_src_gen.pdbx_gene_src_scientific_name      'Human immunodeficiency virus 1' 
_entity_src_gen.pdbx_gene_src_ncbi_taxonomy_id     11676 
_entity_src_gen.pdbx_gene_src_variant              ? 
_entity_src_gen.pdbx_gene_src_cell_line            ? 
_entity_src_gen.pdbx_gene_src_atcc                 ? 
_entity_src_gen.pdbx_gene_src_organ                ? 
_entity_src_gen.pdbx_gene_src_organelle            ? 
_entity_src_gen.pdbx_gene_src_cell                 ? 
_entity_src_gen.pdbx_gene_src_cellular_location    ? 
_entity_src_gen.host_org_common_name               ? 
_entity_src_gen.pdbx_host_org_scientific_name      'Escherichia coli' 
_entity_src_gen.pdbx_host_org_ncbi_taxonomy_id     562 
_entity_src_gen.host_org_genus                     Escherichia 
_entity_src_gen.pdbx_host_org_gene                 ? 
_entity_src_gen.pdbx_host_org_organ                ? 
_entity_src_gen.host_org_species                   ? 
_entity_src_gen.pdbx_host_org_tissue               ? 
_entity_src_gen.pdbx_host_org_tissue_fraction      ? 
_entity_src_gen.pdbx_host_org_strain               ? 
_entity_src_gen.pdbx_host_org_variant              ? 
_entity_src_gen.pdbx_host_org_cell_line            ? 
_entity_src_gen.pdbx_host_org_atcc                 ? 
_entity_src_gen.pdbx_host_org_culture_collection   ? 
_entity_src_gen.pdbx_host_org_cell                 ? 
_entity_src_gen.pdbx_host_org_organelle            ? 
_entity_src_gen.pdbx_host_org_cellular_location    ? 
_entity_src_gen.pdbx_host_org_vector_type          ? 
_entity_src_gen.pdbx_host_org_vector               ? 
_entity_src_gen.host_org_details                   ? 
_entity_src_gen.expression_system_id               ? 
_entity_src_gen.plasmid_name                       ? 
_entity_src_gen.plasmid_details                    ? 
_entity_src_gen.pdbx_description                   ? 
# 
loop_
_chem_comp.id 
_chem_comp.type 
_chem_comp.mon_nstd_flag 
_chem_comp.name 
_chem_comp.pdbx_synonyms 
_chem_comp.formula 
_chem_comp.formula_weight 
3IN non-polymer         . 
;N-[2(S)-CYCLOPENTYL-1(R)-HYDROXY-3(R)METHYL]-5-[(2(S)-TERTIARY-BUTYLAMINO-CARBONYL)-4-(N1-(2)-(N-METHYLPIPERAZINYL)-3-CHLORO-PYRAZINYL-5-CARBONYL)-PIPERAZINO]-4(S)-HYDROXY-2(R)-PHENYLMETHYL-PENTANAMIDE
;
? 'C37 H55 Cl N8 O5' 727.336 
ALA 'L-peptide linking' y ALANINE ? 'C3 H7 N O2'       89.093  
ARG 'L-peptide linking' y ARGININE ? 'C6 H15 N4 O2 1'   175.209 
ASN 'L-peptide linking' y ASPARAGINE ? 'C4 H8 N2 O3'      132.118 
ASP 'L-peptide linking' y 'ASPARTIC ACID' ? 'C4 H7 N O4'       133.103 
CYS 'L-peptide linking' y CYSTEINE ? 'C3 H7 N O2 S'     121.158 
GLN 'L-peptide linking' y GLUTAMINE ? 'C5 H10 N2 O3'     146.144 
GLU 'L-peptide linking' y 'GLUTAMIC ACID' ? 'C5 H9 N O4'       147.129 
GLY 'peptide linking'   y GLYCINE ? 'C2 H5 N O2'       75.067  
HIS 'L-peptide linking' y HISTIDINE ? 'C6 H10 N3 O2 1'   156.162 
HOH non-polymer         . WATER ? 'H2 O'             18.015  
ILE 'L-peptide linking' y ISOLEUCINE ? 'C6 H13 N O2'      131.173 
LEU 'L-peptide linking' y LEUCINE ? 'C6 H13 N O2'      131.173 
LYS 'L-peptide linking' y LYSINE ? 'C6 H15 N2 O2 1'   147.195 
MET 'L-peptide linking' y METHIONINE ? 'C5 H11 N O2 S'    149.211 
PHE 'L-peptide linking' y PHENYLALANINE ? 'C9 H11 N O2'      165.189 
PRO 'L-peptide linking' y PROLINE ? 'C5 H9 N O2'       115.130 
THR 'L-peptide linking' y THREONINE ? 'C4 H9 N O3'       119.119 
TRP 'L-peptide linking' y TRYPTOPHAN ? 'C11 H12 N2 O2'    204.225 
TYR 'L-peptide linking' y TYROSINE ? 'C9 H11 N O3'      181.189 
VAL 'L-peptide linking' y VALINE ? 'C5 H11 N O2'      117.146 
# 
loop_
_pdbx_poly_seq_scheme.asym_id 
_pdbx_poly_seq_scheme.entity_id 
_pdbx_poly_seq_scheme.seq_id 
_pdbx_poly_seq_scheme.mon_id 
_pdbx_poly_seq_scheme.ndb_seq_num 
_pdbx_poly_seq_scheme.pdb_seq_num 
_pdbx_poly_seq_scheme.auth_seq_num 
_pdbx_poly_seq_scheme.pdb_mon_id 
_pdbx_poly_seq_scheme.auth_mon_id 
_pdbx_poly_seq_scheme.pdb_strand_id 
_pdbx_poly_seq_scheme.pdb_ins_code 
_pdbx_poly_seq_scheme.hetero 
A 1 1  PRO 1  1   1   PRO PRO A . n 
A 1 2  GLN 2  2   2   GLN GLN A . n 
A 1 3  ILE 3  3   3   ILE ILE A . n 
A 1 4  THR 4  4   4   THR THR A . n 
A 1 5  LEU 5  5   5   LEU LEU A . n 
A 1 6  TRP 6  6   6   TRP TRP A . n 
A 1 7  GLN 7  7   7   GLN GLN A . n 
A 1 8  ARG 8  8   8   ARG ARG A . n 
A 1 9  PRO 9  9   9   PRO PRO A . n 
A 1 10 VAL 10 10  10  VAL VAL A . n 
A 1 11 VAL 11 11  11  VAL VAL A . n 
A 1 12 THR 12 12  12  THR THR A . n 
A 1 13 ILE 13 13  13  ILE ILE A . n 
A 1 14 LYS 14 14  14  LYS LYS A . n 
A 1 15 ILE 15 15  15  ILE ILE A . n 
A 1 16 GLY 16 16  16  GLY GLY A . n 
A 1 17 GLY 17 17  17  GLY GLY A . n 
A 1 18 GLN 18 18  18  GLN GLN A . n 
A 1 19 LEU 19 19  19  LEU LEU A . n 
A 1 20 MET 20 20  20  MET MET A . n 
A 1 21 GLU 21 21  21  GLU GLU A . n 
A 1 22 ALA 22 22  22  ALA ALA A . n 
A 1 23 LEU 23 23  23  LEU LEU A . n 
A 1 24 ILE 24 24  24  ILE ILE A . n 
A 1 25 ASP 25 25  25  ASP ASP A . n 
A 1 26 THR 26 26  26  THR THR A . n 
A 1 27 GLY 27 27  27  GLY GLY A . n 
A 1 28 ALA 28 28  28  ALA ALA A . n 
A 1 29 ASP 29 29  29  ASP ASP A . n 
A 1 30 ASP 30 30  30  ASP ASP A . n 
A 1 31 THR 31 31  31  THR THR A . n 
A 1 32 VAL 32 32  32  VAL VAL A . n 
A 1 33 LEU 33 33  33  LEU LEU A . n 
A 1 34 GLU 34 34  34  GLU GLU A . n 
A 1 35 GLU 35 35  35  GLU GLU A . n 
A 1 36 MET 36 36  36  MET MET A . n 
A 1 37 ASP 37 37  37  ASP ASP A . n 
A 1 38 LEU 38 38  38  LEU LEU A . n 
A 1 39 PRO 39 39  39  PRO PRO A . n 
A 1 40 GLY 40 40  40  GLY GLY A . n 
A 1 41 ARG 41 41  41  ARG ARG A . n 
A 1 42 TRP 42 42  42  TRP TRP A . n 
A 1 43 LYS 43 43  43  LYS LYS A . n 
A 1 44 PRO 44 44  44  PRO PRO A . n 
A 1 45 LYS 45 45  45  LYS LYS A . n 
A 1 46 ILE 46 46  46  ILE ILE A . n 
A 1 47 ILE 47 47  47  ILE ILE A . n 
A 1 48 GLY 48 48  48  GLY GLY A . n 
A 1 49 GLY 49 49  49  GLY GLY A . n 
A 1 50 ILE 50 50  50  ILE ILE A . n 
A 1 51 GLY 51 51  51  GLY GLY A . n 
A 1 52 GLY 52 52  52  GLY GLY A . n 
A 1 53 PHE 53 53  53  PHE PHE A . n 
A 1 54 VAL 54 54  54  VAL VAL A . n 
A 1 55 LYS 55 55  55  LYS LYS A . n 
A 1 56 VAL 56 56  56  VAL VAL A . n 
A 1 57 ARG 57 57  57  ARG ARG A . n 
A 1 58 GLN 58 58  58  GLN GLN A . n 
A 1 59 TYR 59 59  59  TYR TYR A . n 
A 1 60 ASP 60 60  60  ASP ASP A . n 
A 1 61 GLN 61 61  61  GLN GLN A . n 
A 1 62 ILE 62 62  62  ILE ILE A . n 
A 1 63 PRO 63 63  63  PRO PRO A . n 
A 1 64 ILE 64 64  64  ILE ILE A . n 
A 1 65 GLU 65 65  65  GLU GLU A . n 
A 1 66 ILE 66 66  66  ILE ILE A . n 
A 1 67 CYS 67 67  67  CYS CYS A . n 
A 1 68 GLY 68 68  68  GLY GLY A . n 
A 1 69 HIS 69 69  69  HIS HIS A . n 
A 1 70 LYS 70 70  70  LYS LYS A . n 
A 1 71 VAL 71 71  71  VAL VAL A . n 
A 1 72 ILE 72 72  72  ILE ILE A . n 
A 1 73 GLY 73 73  73  GLY GLY A . n 
A 1 74 THR 74 74  74  THR THR A . n 
A 1 75 VAL 75 75  75  VAL VAL A . n 
A 1 76 LEU 76 76  76  LEU LEU A . n 
A 1 77 VAL 77 77  77  VAL VAL A . n 
A 1 78 GLY 78 78  78  GLY GLY A . n 
A 1 79 PRO 79 79  79  PRO PRO A . n 
A 1 80 THR 80 80  80  THR THR A . n 
A 1 81 PRO 81 81  81  PRO PRO A . n 
A 1 82 THR 82 82  82  THR THR A . n 
A 1 83 ASN 83 83  83  ASN ASN A . n 
A 1 84 ILE 84 84  84  ILE ILE A . n 
A 1 85 ILE 85 85  85  ILE ILE A . n 
A 1 86 GLY 86 86  86  GLY GLY A . n 
A 1 87 ARG 87 87  87  ARG ARG A . n 
A 1 88 ASN 88 88  88  ASN ASN A . n 
A 1 89 LEU 89 89  89  LEU LEU A . n 
A 1 90 LEU 90 90  90  LEU LEU A . n 
A 1 91 THR 91 91  91  THR THR A . n 
A 1 92 GLN 92 92  92  GLN GLN A . n 
A 1 93 ILE 93 93  93  ILE ILE A . n 
A 1 94 GLY 94 94  94  GLY GLY A . n 
A 1 95 CYS 95 95  95  CYS CYS A . n 
A 1 96 THR 96 96  96  THR THR A . n 
A 1 97 LEU 97 97  97  LEU LEU A . n 
A 1 98 ASN 98 98  98  ASN ASN A . n 
A 1 99 PHE 99 99  99  PHE PHE A . n 
B 1 1  PRO 1  201 201 PRO PRO B . n 
B 1 2  GLN 2  202 202 GLN GLN B . n 
B 1 3  ILE 3  203 203 ILE ILE B . n 
B 1 4  THR 4  204 204 THR THR B . n 
B 1 5  LEU 5  205 205 LEU LEU B . n 
B 1 6  TRP 6  206 206 TRP TRP B . n 
B 1 7  GLN 7  207 207 GLN GLN B . n 
B 1 8  ARG 8  208 208 ARG ARG B . n 
B 1 9  PRO 9  209 209 PRO PRO B . n 
B 1 10 VAL 10 210 210 VAL VAL B . n 
B 1 11 VAL 11 211 211 VAL VAL B . n 
B 1 12 THR 12 212 212 THR THR B . n 
B 1 13 ILE 13 213 213 ILE ILE B . n 
B 1 14 LYS 14 214 214 LYS LYS B . n 
B 1 15 ILE 15 215 215 ILE ILE B . n 
B 1 16 GLY 16 216 216 GLY GLY B . n 
B 1 17 GLY 17 217 217 GLY GLY B . n 
B 1 18 GLN 18 218 218 GLN GLN B . n 
B 1 19 LEU 19 219 219 LEU LEU B . n 
B 1 20 MET 20 220 220 MET MET B . n 
B 1 21 GLU 21 221 221 GLU GLU B . n 
B 1 22 ALA 22 222 222 ALA ALA B . n 
B 1 23 LEU 23 223 223 LEU LEU B . n 
B 1 24 ILE 24 224 224 ILE ILE B . n 
B 1 25 ASP 25 225 225 ASP ASP B . n 
B 1 26 THR 26 226 226 THR THR B . n 
B 1 27 GLY 27 227 227 GLY GLY B . n 
B 1 28 ALA 28 228 228 ALA ALA B . n 
B 1 29 ASP 29 229 229 ASP ASP B . n 
B 1 30 ASP 30 230 230 ASP ASP B . n 
B 1 31 THR 31 231 231 THR THR B . n 
B 1 32 VAL 32 232 232 VAL VAL B . n 
B 1 33 LEU 33 233 233 LEU LEU B . n 
B 1 34 GLU 34 234 234 GLU GLU B . n 
B 1 35 GLU 35 235 235 GLU GLU B . n 
B 1 36 MET 36 236 236 MET MET B . n 
B 1 37 ASP 37 237 237 ASP ASP B . n 
B 1 38 LEU 38 238 238 LEU LEU B . n 
B 1 39 PRO 39 239 239 PRO PRO B . n 
B 1 40 GLY 40 240 240 GLY GLY B . n 
B 1 41 ARG 41 241 241 ARG ARG B . n 
B 1 42 TRP 42 242 242 TRP TRP B . n 
B 1 43 LYS 43 243 243 LYS LYS B . n 
B 1 44 PRO 44 244 244 PRO PRO B . n 
B 1 45 LYS 45 245 245 LYS LYS B . n 
B 1 46 ILE 46 246 246 ILE ILE B . n 
B 1 47 ILE 47 247 247 ILE ILE B . n 
B 1 48 GLY 48 248 248 GLY GLY B . n 
B 1 49 GLY 49 249 249 GLY GLY B . n 
B 1 50 ILE 50 250 250 ILE ILE B . n 
B 1 51 GLY 51 251 251 GLY GLY B . n 
B 1 52 GLY 52 252 252 GLY GLY B . n 
B 1 53 PHE 53 253 253 PHE PHE B . n 
B 1 54 VAL 54 254 254 VAL VAL B . n 
B 1 55 LYS 55 255 255 LYS LYS B . n 
B 1 56 VAL 56 256 256 VAL VAL B . n 
B 1 57 ARG 57 257 257 ARG ARG B . n 
B 1 58 GLN 58 258 258 GLN GLN B . n 
B 1 59 TYR 59 259 259 TYR TYR B . n 
B 1 60 ASP 60 260 260 ASP ASP B . n 
B 1 61 GLN 61 261 261 GLN GLN B . n 
B 1 62 ILE 62 262 262 ILE ILE B . n 
B 1 63 PRO 63 263 263 PRO PRO B . n 
B 1 64 ILE 64 264 264 ILE ILE B . n 
B 1 65 GLU 65 265 265 GLU GLU B . n 
B 1 66 ILE 66 266 266 ILE ILE B . n 
B 1 67 CYS 67 267 267 CYS CYS B . n 
B 1 68 GLY 68 268 268 GLY GLY B . n 
B 1 69 HIS 69 269 269 HIS HIS B . n 
B 1 70 LYS 70 270 270 LYS LYS B . n 
B 1 71 VAL 71 271 271 VAL VAL B . n 
B 1 72 ILE 72 272 272 ILE ILE B . n 
B 1 73 GLY 73 273 273 GLY GLY B . n 
B 1 74 THR 74 274 274 THR THR B . n 
B 1 75 VAL 75 275 275 VAL VAL B . n 
B 1 76 LEU 76 276 276 LEU LEU B . n 
B 1 77 VAL 77 277 277 VAL VAL B . n 
B 1 78 GLY 78 278 278 GLY GLY B . n 
B 1 79 PRO 79 279 279 PRO PRO B . n 
B 1 80 THR 80 280 280 THR THR B . n 
B 1 81 PRO 81 281 281 PRO PRO B . n 
B 1 82 THR 82 282 282 THR THR B . n 
B 1 83 ASN 83 283 283 ASN ASN B . n 
B 1 84 ILE 84 284 284 ILE ILE B . n 
B 1 85 ILE 85 285 285 ILE ILE B . n 
B 1 86 GLY 86 286 286 GLY GLY B . n 
B 1 87 ARG 87 287 287 ARG ARG B . n 
B 1 88 ASN 88 288 288 ASN ASN B . n 
B 1 89 LEU 89 289 289 LEU LEU B . n 
B 1 90 LEU 90 290 290 LEU LEU B . n 
B 1 91 THR 91 291 291 THR THR B . n 
B 1 92 GLN 92 292 292 GLN GLN B . n 
B 1 93 ILE 93 293 293 ILE ILE B . n 
B 1 94 GLY 94 294 294 GLY GLY B . n 
B 1 95 CYS 95 295 295 CYS CYS B . n 
B 1 96 THR 96 296 296 THR THR B . n 
B 1 97 LEU 97 297 297 LEU LEU B . n 
B 1 98 ASN 98 298 298 ASN ASN B . n 
B 1 99 PHE 99 299 299 PHE PHE B . n 
# 
loop_
_pdbx_nonpoly_scheme.asym_id 
_pdbx_nonpoly_scheme.entity_id 
_pdbx_nonpoly_scheme.mon_id 
_pdbx_nonpoly_scheme.ndb_seq_num 
_pdbx_nonpoly_scheme.pdb_seq_num 
_pdbx_nonpoly_scheme.auth_seq_num 
_pdbx_nonpoly_scheme.pdb_mon_id 
_pdbx_nonpoly_scheme.auth_mon_id 
_pdbx_nonpoly_scheme.pdb_strand_id 
_pdbx_nonpoly_scheme.pdb_ins_code 
C 2 3IN 1  622 622 3IN L73 B . 
D 3 HOH 1  303 303 HOH HOH A . 
D 3 HOH 2  306 306 HOH HOH A . 
D 3 HOH 3  309 309 HOH HOH A . 
D 3 HOH 4  312 312 HOH HOH A . 
D 3 HOH 5  313 313 HOH HOH A . 
D 3 HOH 6  314 314 HOH HOH A . 
D 3 HOH 7  322 322 HOH HOH A . 
D 3 HOH 8  323 323 HOH HOH A . 
D 3 HOH 9  324 324 HOH HOH A . 
D 3 HOH 10 325 325 HOH HOH A . 
D 3 HOH 11 327 327 HOH HOH A . 
D 3 HOH 12 328 328 HOH HOH A . 
D 3 HOH 13 330 330 HOH HOH A . 
D 3 HOH 14 331 331 HOH HOH A . 
D 3 HOH 15 333 333 HOH HOH A . 
D 3 HOH 16 336 336 HOH HOH A . 
D 3 HOH 17 337 337 HOH HOH A . 
D 3 HOH 18 338 338 HOH HOH A . 
D 3 HOH 19 341 341 HOH HOH A . 
D 3 HOH 20 347 347 HOH HOH A . 
D 3 HOH 21 351 351 HOH HOH A . 
D 3 HOH 22 352 352 HOH HOH A . 
D 3 HOH 23 353 353 HOH HOH A . 
D 3 HOH 24 355 355 HOH HOH A . 
D 3 HOH 25 356 356 HOH HOH A . 
D 3 HOH 26 357 357 HOH HOH A . 
D 3 HOH 27 359 359 HOH HOH A . 
D 3 HOH 28 362 362 HOH HOH A . 
D 3 HOH 29 363 363 HOH HOH A . 
D 3 HOH 30 365 365 HOH HOH A . 
D 3 HOH 31 366 366 HOH HOH A . 
D 3 HOH 32 367 367 HOH HOH A . 
D 3 HOH 33 444 444 HOH HOH A . 
E 3 HOH 1  300 300 HOH HOH B . 
E 3 HOH 2  301 301 HOH HOH B . 
E 3 HOH 3  302 302 HOH HOH B . 
E 3 HOH 4  304 304 HOH HOH B . 
E 3 HOH 5  305 305 HOH HOH B . 
E 3 HOH 6  307 307 HOH HOH B . 
E 3 HOH 7  308 308 HOH HOH B . 
E 3 HOH 8  310 310 HOH HOH B . 
E 3 HOH 9  311 311 HOH HOH B . 
E 3 HOH 10 315 315 HOH HOH B . 
E 3 HOH 11 316 316 HOH HOH B . 
E 3 HOH 12 317 317 HOH HOH B . 
E 3 HOH 13 318 318 HOH HOH B . 
E 3 HOH 14 319 319 HOH HOH B . 
E 3 HOH 15 320 320 HOH HOH B . 
E 3 HOH 16 321 321 HOH HOH B . 
E 3 HOH 17 326 326 HOH HOH B . 
E 3 HOH 18 329 329 HOH HOH B . 
E 3 HOH 19 332 332 HOH HOH B . 
E 3 HOH 20 334 334 HOH HOH B . 
E 3 HOH 21 335 335 HOH HOH B . 
E 3 HOH 22 339 339 HOH HOH B . 
E 3 HOH 23 340 340 HOH HOH B . 
E 3 HOH 24 342 342 HOH HOH B . 
E 3 HOH 25 343 343 HOH HOH B . 
E 3 HOH 26 345 345 HOH HOH B . 
E 3 HOH 27 346 346 HOH HOH B . 
E 3 HOH 28 348 348 HOH HOH B . 
E 3 HOH 29 349 349 HOH HOH B . 
E 3 HOH 30 350 350 HOH HOH B . 
E 3 HOH 31 354 354 HOH HOH B . 
E 3 HOH 32 358 358 HOH HOH B . 
E 3 HOH 33 360 360 HOH HOH B . 
E 3 HOH 34 361 361 HOH HOH B . 
E 3 HOH 35 364 364 HOH HOH B . 
E 3 HOH 36 368 368 HOH HOH B . 
# 
loop_
_pdbx_unobs_or_zero_occ_atoms.id 
_pdbx_unobs_or_zero_occ_atoms.PDB_model_num 
_pdbx_unobs_or_zero_occ_atoms.polymer_flag 
_pdbx_unobs_or_zero_occ_atoms.occupancy_flag 
_pdbx_unobs_or_zero_occ_atoms.auth_asym_id 
_pdbx_unobs_or_zero_occ_atoms.auth_comp_id 
_pdbx_unobs_or_zero_occ_atoms.auth_seq_id 
_pdbx_unobs_or_zero_occ_atoms.PDB_ins_code 
_pdbx_unobs_or_zero_occ_atoms.auth_atom_id 
_pdbx_unobs_or_zero_occ_atoms.label_alt_id 
_pdbx_unobs_or_zero_occ_atoms.label_asym_id 
_pdbx_unobs_or_zero_occ_atoms.label_comp_id 
_pdbx_unobs_or_zero_occ_atoms.label_seq_id 
_pdbx_unobs_or_zero_occ_atoms.label_atom_id 
1  1 Y 0 A LYS 14  ? CG  ? A LYS 14 CG  
2  1 Y 0 A LYS 14  ? CD  ? A LYS 14 CD  
3  1 Y 0 A LYS 14  ? CE  ? A LYS 14 CE  
4  1 Y 0 A LYS 14  ? NZ  ? A LYS 14 NZ  
5  1 Y 0 A LYS 55  ? CG  ? A LYS 55 CG  
6  1 Y 0 A LYS 55  ? CD  ? A LYS 55 CD  
7  1 Y 0 A LYS 55  ? CE  ? A LYS 55 CE  
8  1 Y 0 A LYS 55  ? NZ  ? A LYS 55 NZ  
9  1 Y 0 B LYS 214 ? CG  ? B LYS 14 CG  
10 1 Y 0 B LYS 214 ? CD  ? B LYS 14 CD  
11 1 Y 0 B LYS 214 ? CE  ? B LYS 14 CE  
12 1 Y 0 B LYS 214 ? NZ  ? B LYS 14 NZ  
13 1 Y 0 B GLU 221 ? CG  ? B GLU 21 CG  
14 1 Y 0 B GLU 221 ? CD  ? B GLU 21 CD  
15 1 Y 0 B GLU 221 ? OE1 ? B GLU 21 OE1 
16 1 Y 0 B GLU 221 ? OE2 ? B GLU 21 OE2 
17 1 Y 0 B LYS 255 ? CG  ? B LYS 55 CG  
18 1 Y 0 B LYS 255 ? CD  ? B LYS 55 CD  
19 1 Y 0 B LYS 255 ? CE  ? B LYS 55 CE  
20 1 Y 0 B LYS 255 ? NZ  ? B LYS 55 NZ  
21 1 N 0 B 3IN 622 ? N6  ? C 3IN ?  N6  
22 1 N 0 B 3IN 622 ? C27 ? C 3IN ?  C27 
23 1 N 0 B 3IN 622 ? C32 ? C 3IN ?  C32 
24 1 N 0 B 3IN 622 ? C33 ? C 3IN ?  C33 
25 1 N 0 B 3IN 622 ? C34 ? C 3IN ?  C34 
26 1 N 0 B 3IN 622 ? C35 ? C 3IN ?  C35 
27 1 N 0 B 3IN 622 ? N7  ? C 3IN ?  N7  
28 1 N 0 B 3IN 622 ? C36 ? C 3IN ?  C36 
29 1 N 0 B 3IN 622 ? CL1 ? C 3IN ?  CL1 
30 1 N 0 B 3IN 622 ? C26 ? C 3IN ?  C26 
31 1 N 0 B 3IN 622 ? N8  ? C 3IN ?  N8  
32 1 N 0 B 3IN 622 ? C37 ? C 3IN ?  C37 
33 1 N 0 B 3IN 622 ? N5  ? C 3IN ?  N5  
34 1 N 0 B 3IN 622 ? C28 ? C 3IN ?  C28 
# 
_software.name             X-PLOR 
_software.classification   refinement 
_software.version          . 
_software.citation_id      ? 
_software.pdbx_ordinal     1 
# 
_cell.entry_id           1C6X 
_cell.length_a           88.21 
_cell.length_b           88.21 
_cell.length_c           32.92 
_cell.angle_alpha        90.00 
_cell.angle_beta         90.00 
_cell.angle_gamma        90.00 
_cell.Z_PDB              8 
_cell.pdbx_unique_axis   ? 
# 
_symmetry.entry_id                         1C6X 
_symmetry.space_group_name_H-M             'P 21 21 21' 
_symmetry.pdbx_full_space_group_name_H-M   ? 
_symmetry.cell_setting                     ? 
_symmetry.Int_Tables_number                19 
# 
_exptl.entry_id          1C6X 
_exptl.method            'X-RAY DIFFRACTION' 
_exptl.crystals_number   ? 
# 
_exptl_crystal.id                    1 
_exptl_crystal.density_meas          ? 
_exptl_crystal.density_Matthews      2.96 
_exptl_crystal.density_percent_sol   58.48 
_exptl_crystal.description           ? 
# 
_exptl_crystal_grow.crystal_id      1 
_exptl_crystal_grow.method          ? 
_exptl_crystal_grow.temp            ? 
_exptl_crystal_grow.temp_details    ? 
_exptl_crystal_grow.pH              ? 
_exptl_crystal_grow.pdbx_details    
;crystals obtained by co-crystallization at ph 5.2, using 0.6M NaCl as precipitating agent in 0.1M sodium acetate buffer. protein was at 5.5 mg/ml concentration
;
_exptl_crystal_grow.pdbx_pH_range   ? 
# 
_diffrn.id                     1 
_diffrn.crystal_id             1 
_diffrn.ambient_temp           ? 
_diffrn.ambient_temp_details   ? 
# 
_diffrn_radiation.diffrn_id                        1 
_diffrn_radiation.wavelength_id                    1 
_diffrn_radiation.pdbx_monochromatic_or_laue_m_l   M 
_diffrn_radiation.monochromator                    ? 
_diffrn_radiation.pdbx_diffrn_protocol             'SINGLE WAVELENGTH' 
_diffrn_radiation.pdbx_scattering_type             x-ray 
# 
_diffrn_radiation_wavelength.id           1 
_diffrn_radiation_wavelength.wavelength   . 
_diffrn_radiation_wavelength.wt           1.0 
# 
_reflns.entry_id                     1C6X 
_reflns.observed_criterion_sigma_I   ? 
_reflns.observed_criterion_sigma_F   ? 
_reflns.d_resolution_low             ? 
_reflns.d_resolution_high            ? 
_reflns.number_obs                   8318 
_reflns.number_all                   79495 
_reflns.percent_possible_obs         88 
_reflns.pdbx_Rmerge_I_obs            0.0510000 
_reflns.pdbx_Rsym_value              ? 
_reflns.pdbx_netI_over_sigmaI        ? 
_reflns.B_iso_Wilson_estimate        ? 
_reflns.pdbx_redundancy              ? 
_reflns.R_free_details               ? 
_reflns.limit_h_max                  ? 
_reflns.limit_h_min                  ? 
_reflns.limit_k_max                  ? 
_reflns.limit_k_min                  ? 
_reflns.limit_l_max                  ? 
_reflns.limit_l_min                  ? 
_reflns.observed_criterion_F_max     ? 
_reflns.observed_criterion_F_min     ? 
_reflns.pdbx_diffrn_id               1 
_reflns.pdbx_ordinal                 1 
# 
_reflns_shell.d_res_high             2.5 
_reflns_shell.d_res_low              2.59 
_reflns_shell.percent_possible_all   84.0 
_reflns_shell.Rmerge_I_obs           ? 
_reflns_shell.pdbx_Rsym_value        ? 
_reflns_shell.meanI_over_sigI_obs    ? 
_reflns_shell.pdbx_redundancy        ? 
_reflns_shell.percent_possible_obs   ? 
_reflns_shell.number_unique_all      ? 
_reflns_shell.pdbx_diffrn_id         ? 
_reflns_shell.pdbx_ordinal           1 
# 
_refine.entry_id                                 1C6X 
_refine.ls_number_reflns_obs                     ? 
_refine.ls_number_reflns_all                     ? 
_refine.pdbx_ls_sigma_I                          ? 
_refine.pdbx_ls_sigma_F                          2.0 
_refine.pdbx_data_cutoff_high_absF               ? 
_refine.pdbx_data_cutoff_low_absF                ? 
_refine.pdbx_data_cutoff_high_rms_absF           ? 
_refine.ls_d_res_low                             8.0 
_refine.ls_d_res_high                            2.5 
_refine.ls_percent_reflns_obs                    ? 
_refine.ls_R_factor_obs                          0.2000000 
_refine.ls_R_factor_all                          ? 
_refine.ls_R_factor_R_work                       0.2000000 
_refine.ls_R_factor_R_free                       0.3000000 
_refine.ls_R_factor_R_free_error                 ? 
_refine.ls_R_factor_R_free_error_details         ? 
_refine.ls_percent_reflns_R_free                 ? 
_refine.ls_number_reflns_R_free                  ? 
_refine.ls_number_parameters                     ? 
_refine.ls_number_restraints                     ? 
_refine.occupancy_min                            ? 
_refine.occupancy_max                            ? 
_refine.B_iso_mean                               ? 
_refine.aniso_B[1][1]                            ? 
_refine.aniso_B[2][2]                            ? 
_refine.aniso_B[3][3]                            ? 
_refine.aniso_B[1][2]                            ? 
_refine.aniso_B[1][3]                            ? 
_refine.aniso_B[2][3]                            ? 
_refine.solvent_model_details                    ? 
_refine.solvent_model_param_ksol                 ? 
_refine.solvent_model_param_bsol                 ? 
_refine.pdbx_ls_cross_valid_method               ? 
_refine.details                                  ? 
_refine.pdbx_starting_model                      ? 
_refine.pdbx_method_to_determine_struct          ? 
_refine.pdbx_isotropic_thermal_model             ? 
_refine.pdbx_stereochemistry_target_values       ? 
_refine.pdbx_stereochem_target_val_spec_case     ? 
_refine.pdbx_R_Free_selection_details            ? 
_refine.pdbx_overall_ESU_R                       ? 
_refine.pdbx_overall_ESU_R_Free                  ? 
_refine.overall_SU_ML                            ? 
_refine.overall_SU_B                             ? 
_refine.ls_redundancy_reflns_obs                 ? 
_refine.B_iso_min                                ? 
_refine.B_iso_max                                ? 
_refine.correlation_coeff_Fo_to_Fc               ? 
_refine.correlation_coeff_Fo_to_Fc_free          ? 
_refine.overall_SU_R_Cruickshank_DPI             ? 
_refine.overall_SU_R_free                        ? 
_refine.pdbx_refine_id                           'X-RAY DIFFRACTION' 
_refine.pdbx_diffrn_id                           1 
_refine.pdbx_TLS_residual_ADP_flag               ? 
_refine.pdbx_solvent_vdw_probe_radii             ? 
_refine.pdbx_solvent_ion_probe_radii             ? 
_refine.pdbx_solvent_shrinkage_radii             ? 
_refine.pdbx_overall_phase_error                 ? 
_refine.pdbx_overall_SU_R_free_Cruickshank_DPI   ? 
_refine.pdbx_overall_SU_R_Blow_DPI               ? 
_refine.pdbx_overall_SU_R_free_Blow_DPI          ? 
# 
_refine_hist.pdbx_refine_id                   'X-RAY DIFFRACTION' 
_refine_hist.cycle_id                         LAST 
_refine_hist.pdbx_number_atoms_protein        1514 
_refine_hist.pdbx_number_atoms_nucleic_acid   0 
_refine_hist.pdbx_number_atoms_ligand         51 
_refine_hist.number_atoms_solvent             69 
_refine_hist.number_atoms_total               1634 
_refine_hist.d_res_high                       2.5 
_refine_hist.d_res_low                        8.0 
# 
loop_
_refine_ls_restr.type 
_refine_ls_restr.dev_ideal 
_refine_ls_restr.dev_ideal_target 
_refine_ls_restr.weight 
_refine_ls_restr.number 
_refine_ls_restr.pdbx_refine_id 
_refine_ls_restr.pdbx_restraint_function 
x_bond_d                0.015 ? ? ? 'X-RAY DIFFRACTION' ? 
x_bond_d_na             ?     ? ? ? 'X-RAY DIFFRACTION' ? 
x_bond_d_prot           ?     ? ? ? 'X-RAY DIFFRACTION' ? 
x_angle_d               ?     ? ? ? 'X-RAY DIFFRACTION' ? 
x_angle_d_na            ?     ? ? ? 'X-RAY DIFFRACTION' ? 
x_angle_d_prot          ?     ? ? ? 'X-RAY DIFFRACTION' ? 
x_angle_deg             2.4   ? ? ? 'X-RAY DIFFRACTION' ? 
x_angle_deg_na          ?     ? ? ? 'X-RAY DIFFRACTION' ? 
x_angle_deg_prot        ?     ? ? ? 'X-RAY DIFFRACTION' ? 
x_dihedral_angle_d      ?     ? ? ? 'X-RAY DIFFRACTION' ? 
x_dihedral_angle_d_na   ?     ? ? ? 'X-RAY DIFFRACTION' ? 
x_dihedral_angle_d_prot ?     ? ? ? 'X-RAY DIFFRACTION' ? 
x_improper_angle_d      ?     ? ? ? 'X-RAY DIFFRACTION' ? 
x_improper_angle_d_na   ?     ? ? ? 'X-RAY DIFFRACTION' ? 
x_improper_angle_d_prot ?     ? ? ? 'X-RAY DIFFRACTION' ? 
x_mcbond_it             ?     ? ? ? 'X-RAY DIFFRACTION' ? 
x_mcangle_it            ?     ? ? ? 'X-RAY DIFFRACTION' ? 
x_scbond_it             ?     ? ? ? 'X-RAY DIFFRACTION' ? 
x_scangle_it            ?     ? ? ? 'X-RAY DIFFRACTION' ? 
# 
_struct.entry_id                  1C6X 
_struct.title                     
;ALTERNATE BINDING SITE FOR THE P1-P3 GROUP OF A CLASS OF POTENT HIV-1 PROTEASE INHIBITORS AS A RESULT OF CONCERTED STRUCTURAL CHANGE IN 80'S LOOP.
;
_struct.pdbx_model_details        ? 
_struct.pdbx_CASP_flag            ? 
_struct.pdbx_model_type_details   ? 
# 
_struct_keywords.entry_id        1C6X 
_struct_keywords.pdbx_keywords   HYDROLASE 
_struct_keywords.text            hydrolase 
# 
loop_
_struct_asym.id 
_struct_asym.pdbx_blank_PDB_chainid_flag 
_struct_asym.pdbx_modified 
_struct_asym.entity_id 
_struct_asym.details 
A N N 1 ? 
B N N 1 ? 
C N N 2 ? 
D N N 3 ? 
E N N 3 ? 
# 
_struct_ref.id                         1 
_struct_ref.db_code                    O09893_9HIV1 
_struct_ref.db_name                    UNP 
_struct_ref.entity_id                  1 
_struct_ref.pdbx_db_accession          O09893 
_struct_ref.pdbx_align_begin           ? 
_struct_ref.pdbx_seq_one_letter_code   ? 
_struct_ref.pdbx_db_isoform            ? 
# 
loop_
_struct_ref_seq.align_id 
_struct_ref_seq.ref_id 
_struct_ref_seq.pdbx_PDB_id_code 
_struct_ref_seq.pdbx_strand_id 
_struct_ref_seq.seq_align_beg 
_struct_ref_seq.pdbx_seq_align_beg_ins_code 
_struct_ref_seq.seq_align_end 
_struct_ref_seq.pdbx_seq_align_end_ins_code 
_struct_ref_seq.pdbx_db_accession 
_struct_ref_seq.db_align_beg 
_struct_ref_seq.pdbx_db_align_beg_ins_code 
_struct_ref_seq.db_align_end 
_struct_ref_seq.pdbx_db_align_end_ins_code 
_struct_ref_seq.pdbx_auth_seq_align_beg 
_struct_ref_seq.pdbx_auth_seq_align_end 
1 1 1C6X A 1 ? 99 ? O09893 1 ? 99 ? 1   99  
2 1 1C6X B 1 ? 99 ? O09893 1 ? 99 ? 201 299 
# 
_pdbx_struct_assembly.id                   1 
_pdbx_struct_assembly.details              author_and_software_defined_assembly 
_pdbx_struct_assembly.method_details       PISA 
_pdbx_struct_assembly.oligomeric_details   dimeric 
_pdbx_struct_assembly.oligomeric_count     2 
# 
loop_
_pdbx_struct_assembly_prop.biol_id 
_pdbx_struct_assembly_prop.type 
_pdbx_struct_assembly_prop.value 
_pdbx_struct_assembly_prop.details 
1 'ABSA (A^2)' 5220 ? 
1 MORE         -27  ? 
1 'SSA (A^2)'  9340 ? 
# 
_pdbx_struct_assembly_gen.assembly_id       1 
_pdbx_struct_assembly_gen.oper_expression   1 
_pdbx_struct_assembly_gen.asym_id_list      A,B,C,D,E 
# 
_pdbx_struct_oper_list.id                   1 
_pdbx_struct_oper_list.type                 'identity operation' 
_pdbx_struct_oper_list.name                 1_555 
_pdbx_struct_oper_list.symmetry_operation   x,y,z 
_pdbx_struct_oper_list.matrix[1][1]         1.0000000000 
_pdbx_struct_oper_list.matrix[1][2]         0.0000000000 
_pdbx_struct_oper_list.matrix[1][3]         0.0000000000 
_pdbx_struct_oper_list.vector[1]            0.0000000000 
_pdbx_struct_oper_list.matrix[2][1]         0.0000000000 
_pdbx_struct_oper_list.matrix[2][2]         1.0000000000 
_pdbx_struct_oper_list.matrix[2][3]         0.0000000000 
_pdbx_struct_oper_list.vector[2]            0.0000000000 
_pdbx_struct_oper_list.matrix[3][1]         0.0000000000 
_pdbx_struct_oper_list.matrix[3][2]         0.0000000000 
_pdbx_struct_oper_list.matrix[3][3]         1.0000000000 
_pdbx_struct_oper_list.vector[3]            0.0000000000 
# 
_struct_biol.id                    1 
_struct_biol.pdbx_parent_biol_id   ? 
_struct_biol.details               ? 
# 
loop_
_struct_conf.conf_type_id 
_struct_conf.id 
_struct_conf.pdbx_PDB_helix_id 
_struct_conf.beg_label_comp_id 
_struct_conf.beg_label_asym_id 
_struct_conf.beg_label_seq_id 
_struct_conf.pdbx_beg_PDB_ins_code 
_struct_conf.end_label_comp_id 
_struct_conf.end_label_asym_id 
_struct_conf.end_label_seq_id 
_struct_conf.pdbx_end_PDB_ins_code 
_struct_conf.beg_auth_comp_id 
_struct_conf.beg_auth_asym_id 
_struct_conf.beg_auth_seq_id 
_struct_conf.end_auth_comp_id 
_struct_conf.end_auth_asym_id 
_struct_conf.end_auth_seq_id 
_struct_conf.pdbx_PDB_helix_class 
_struct_conf.details 
_struct_conf.pdbx_PDB_helix_length 
HELX_P HELX_P1 1 GLY A 86 ? THR A 91 ? GLY A 86  THR A 91  1 ? 6 
HELX_P HELX_P2 2 GLY B 86 ? THR B 91 ? GLY B 286 THR B 291 1 ? 6 
HELX_P HELX_P3 3 GLN B 92 ? GLY B 94 ? GLN B 292 GLY B 294 5 ? 3 
# 
_struct_conf_type.id          HELX_P 
_struct_conf_type.criteria    ? 
_struct_conf_type.reference   ? 
# 
loop_
_struct_sheet.id 
_struct_sheet.type 
_struct_sheet.number_strands 
_struct_sheet.details 
A ? 4 ? 
B ? 9 ? 
C ? 8 ? 
# 
loop_
_struct_sheet_order.sheet_id 
_struct_sheet_order.range_id_1 
_struct_sheet_order.range_id_2 
_struct_sheet_order.offset 
_struct_sheet_order.sense 
A 1 2 ? anti-parallel 
A 2 3 ? anti-parallel 
A 3 4 ? anti-parallel 
B 1 2 ? anti-parallel 
B 2 3 ? parallel      
B 3 4 ? anti-parallel 
B 4 5 ? parallel      
B 5 6 ? anti-parallel 
B 6 7 ? anti-parallel 
B 7 8 ? anti-parallel 
B 8 9 ? anti-parallel 
C 1 2 ? parallel      
C 2 3 ? anti-parallel 
C 3 4 ? anti-parallel 
C 4 5 ? anti-parallel 
C 5 6 ? anti-parallel 
C 6 7 ? anti-parallel 
C 7 8 ? parallel      
# 
loop_
_struct_sheet_range.sheet_id 
_struct_sheet_range.id 
_struct_sheet_range.beg_label_comp_id 
_struct_sheet_range.beg_label_asym_id 
_struct_sheet_range.beg_label_seq_id 
_struct_sheet_range.pdbx_beg_PDB_ins_code 
_struct_sheet_range.end_label_comp_id 
_struct_sheet_range.end_label_asym_id 
_struct_sheet_range.end_label_seq_id 
_struct_sheet_range.pdbx_end_PDB_ins_code 
_struct_sheet_range.beg_auth_comp_id 
_struct_sheet_range.beg_auth_asym_id 
_struct_sheet_range.beg_auth_seq_id 
_struct_sheet_range.end_auth_comp_id 
_struct_sheet_range.end_auth_asym_id 
_struct_sheet_range.end_auth_seq_id 
A 1 GLN A 2  ? THR A 4  ? GLN A 2   THR A 4   
A 2 THR B 96 ? ASN B 98 ? THR B 296 ASN B 298 
A 3 THR A 96 ? ASN A 98 ? THR A 96  ASN A 98  
A 4 GLN B 2  ? THR B 4  ? GLN B 202 THR B 204 
B 1 VAL A 10 ? ILE A 15 ? VAL A 10  ILE A 15  
B 2 GLN A 18 ? ILE A 24 ? GLN A 18  ILE A 24  
B 3 ILE A 84 ? ILE A 85 ? ILE A 84  ILE A 85  
B 4 THR A 31 ? GLU A 34 ? THR A 31  GLU A 34  
B 5 VAL A 71 ? GLY A 78 ? VAL A 71  GLY A 78  
B 6 PHE A 53 ? ILE A 66 ? PHE A 53  ILE A 66  
B 7 TRP A 42 ? GLY A 48 ? TRP A 42  GLY A 48  
B 8 PHE A 53 ? ILE A 66 ? PHE A 53  ILE A 66  
B 9 VAL A 10 ? ILE A 15 ? VAL A 10  ILE A 15  
C 1 ILE B 84 ? ILE B 85 ? ILE B 284 ILE B 285 
C 2 GLN B 18 ? ILE B 24 ? GLN B 218 ILE B 224 
C 3 VAL B 10 ? ILE B 15 ? VAL B 210 ILE B 215 
C 4 GLY B 52 ? ILE B 66 ? GLY B 252 ILE B 266 
C 5 TRP B 42 ? GLY B 49 ? TRP B 242 GLY B 249 
C 6 GLY B 52 ? ILE B 66 ? GLY B 252 ILE B 266 
C 7 HIS B 69 ? GLY B 78 ? HIS B 269 GLY B 278 
C 8 THR B 31 ? GLU B 34 ? THR B 231 GLU B 234 
# 
loop_
_pdbx_struct_sheet_hbond.sheet_id 
_pdbx_struct_sheet_hbond.range_id_1 
_pdbx_struct_sheet_hbond.range_id_2 
_pdbx_struct_sheet_hbond.range_1_label_atom_id 
_pdbx_struct_sheet_hbond.range_1_label_comp_id 
_pdbx_struct_sheet_hbond.range_1_label_asym_id 
_pdbx_struct_sheet_hbond.range_1_label_seq_id 
_pdbx_struct_sheet_hbond.range_1_PDB_ins_code 
_pdbx_struct_sheet_hbond.range_1_auth_atom_id 
_pdbx_struct_sheet_hbond.range_1_auth_comp_id 
_pdbx_struct_sheet_hbond.range_1_auth_asym_id 
_pdbx_struct_sheet_hbond.range_1_auth_seq_id 
_pdbx_struct_sheet_hbond.range_2_label_atom_id 
_pdbx_struct_sheet_hbond.range_2_label_comp_id 
_pdbx_struct_sheet_hbond.range_2_label_asym_id 
_pdbx_struct_sheet_hbond.range_2_label_seq_id 
_pdbx_struct_sheet_hbond.range_2_PDB_ins_code 
_pdbx_struct_sheet_hbond.range_2_auth_atom_id 
_pdbx_struct_sheet_hbond.range_2_auth_comp_id 
_pdbx_struct_sheet_hbond.range_2_auth_asym_id 
_pdbx_struct_sheet_hbond.range_2_auth_seq_id 
A 1 2 N ILE A 3  ? N ILE A 3   O LEU B 97 ? O LEU B 297 
A 2 3 N ASN B 98 ? N ASN B 298 O THR A 96 ? O THR A 96  
A 3 4 O LEU A 97 ? O LEU A 97  N ILE B 3  ? N ILE B 203 
B 1 2 N ILE A 15 ? N ILE A 15  O GLN A 18 ? O GLN A 18  
B 2 3 O LEU A 23 ? O LEU A 23  N ILE A 85 ? N ILE A 85  
B 3 4 N ILE A 84 ? N ILE A 84  O VAL A 32 ? O VAL A 32  
B 4 5 N THR A 31 ? N THR A 31  O THR A 74 ? O THR A 74  
B 5 6 O VAL A 77 ? O VAL A 77  N ARG A 57 ? N ARG A 57  
B 6 7 N GLN A 58 ? N GLN A 58  O LYS A 43 ? O LYS A 43  
B 7 8 O ILE A 47 ? O ILE A 47  N VAL A 54 ? N VAL A 54  
B 8 9 N GLU A 65 ? N GLU A 65  O LYS A 14 ? O LYS A 14  
C 1 2 N ILE B 85 ? N ILE B 285 O LEU B 23 ? O LEU B 223 
C 2 3 N ALA B 22 ? N ALA B 222 O VAL B 11 ? O VAL B 211 
C 3 4 O LYS B 14 ? O LYS B 214 N GLU B 65 ? N GLU B 265 
C 4 5 N GLN B 58 ? N GLN B 258 O LYS B 43 ? O LYS B 243 
C 5 6 N GLY B 49 ? N GLY B 249 O GLY B 52 ? O GLY B 252 
C 6 7 O ILE B 66 ? O ILE B 266 N HIS B 69 ? N HIS B 269 
C 7 8 N LEU B 76 ? N LEU B 276 O THR B 31 ? O THR B 231 
# 
_struct_site.id                   AC1 
_struct_site.pdbx_evidence_code   Software 
_struct_site.pdbx_auth_asym_id    B 
_struct_site.pdbx_auth_comp_id    3IN 
_struct_site.pdbx_auth_seq_id     622 
_struct_site.pdbx_auth_ins_code   ? 
_struct_site.pdbx_num_residues    15 
_struct_site.details              'BINDING SITE FOR RESIDUE 3IN B 622' 
# 
loop_
_struct_site_gen.id 
_struct_site_gen.site_id 
_struct_site_gen.pdbx_num_res 
_struct_site_gen.label_comp_id 
_struct_site_gen.label_asym_id 
_struct_site_gen.label_seq_id 
_struct_site_gen.pdbx_auth_ins_code 
_struct_site_gen.auth_comp_id 
_struct_site_gen.auth_asym_id 
_struct_site_gen.auth_seq_id 
_struct_site_gen.label_atom_id 
_struct_site_gen.label_alt_id 
_struct_site_gen.symmetry 
_struct_site_gen.details 
1  AC1 15 ASP A 25 ? ASP A 25  . ? 1_555 ? 
2  AC1 15 GLY A 48 ? GLY A 48  . ? 1_555 ? 
3  AC1 15 PRO A 81 ? PRO A 81  . ? 1_555 ? 
4  AC1 15 THR A 82 ? THR A 82  . ? 1_555 ? 
5  AC1 15 ILE A 84 ? ILE A 84  . ? 1_555 ? 
6  AC1 15 ASP B 25 ? ASP B 225 . ? 1_555 ? 
7  AC1 15 GLY B 27 ? GLY B 227 . ? 1_555 ? 
8  AC1 15 ALA B 28 ? ALA B 228 . ? 1_555 ? 
9  AC1 15 ASP B 29 ? ASP B 229 . ? 1_555 ? 
10 AC1 15 ASP B 30 ? ASP B 230 . ? 1_555 ? 
11 AC1 15 GLY B 48 ? GLY B 248 . ? 1_555 ? 
12 AC1 15 ILE B 50 ? ILE B 250 . ? 1_555 ? 
13 AC1 15 THR B 82 ? THR B 282 . ? 1_555 ? 
14 AC1 15 HOH E .  ? HOH B 301 . ? 1_555 ? 
15 AC1 15 HOH E .  ? HOH B 316 . ? 1_555 ? 
# 
_pdbx_validate_symm_contact.id                1 
_pdbx_validate_symm_contact.PDB_model_num     1 
_pdbx_validate_symm_contact.auth_atom_id_1    O 
_pdbx_validate_symm_contact.auth_asym_id_1    A 
_pdbx_validate_symm_contact.auth_comp_id_1    HOH 
_pdbx_validate_symm_contact.auth_seq_id_1     333 
_pdbx_validate_symm_contact.PDB_ins_code_1    ? 
_pdbx_validate_symm_contact.label_alt_id_1    ? 
_pdbx_validate_symm_contact.site_symmetry_1   1_555 
_pdbx_validate_symm_contact.auth_atom_id_2    O 
_pdbx_validate_symm_contact.auth_asym_id_2    B 
_pdbx_validate_symm_contact.auth_comp_id_2    HOH 
_pdbx_validate_symm_contact.auth_seq_id_2     343 
_pdbx_validate_symm_contact.PDB_ins_code_2    ? 
_pdbx_validate_symm_contact.label_alt_id_2    ? 
_pdbx_validate_symm_contact.site_symmetry_2   4_556 
_pdbx_validate_symm_contact.dist              0.41 
# 
loop_
_pdbx_validate_rmsd_angle.id 
_pdbx_validate_rmsd_angle.PDB_model_num 
_pdbx_validate_rmsd_angle.auth_atom_id_1 
_pdbx_validate_rmsd_angle.auth_asym_id_1 
_pdbx_validate_rmsd_angle.auth_comp_id_1 
_pdbx_validate_rmsd_angle.auth_seq_id_1 
_pdbx_validate_rmsd_angle.PDB_ins_code_1 
_pdbx_validate_rmsd_angle.label_alt_id_1 
_pdbx_validate_rmsd_angle.auth_atom_id_2 
_pdbx_validate_rmsd_angle.auth_asym_id_2 
_pdbx_validate_rmsd_angle.auth_comp_id_2 
_pdbx_validate_rmsd_angle.auth_seq_id_2 
_pdbx_validate_rmsd_angle.PDB_ins_code_2 
_pdbx_validate_rmsd_angle.label_alt_id_2 
_pdbx_validate_rmsd_angle.auth_atom_id_3 
_pdbx_validate_rmsd_angle.auth_asym_id_3 
_pdbx_validate_rmsd_angle.auth_comp_id_3 
_pdbx_validate_rmsd_angle.auth_seq_id_3 
_pdbx_validate_rmsd_angle.PDB_ins_code_3 
_pdbx_validate_rmsd_angle.label_alt_id_3 
_pdbx_validate_rmsd_angle.angle_value 
_pdbx_validate_rmsd_angle.angle_target_value 
_pdbx_validate_rmsd_angle.angle_deviation 
_pdbx_validate_rmsd_angle.angle_standard_deviation 
_pdbx_validate_rmsd_angle.linker_flag 
1 1 CA  A PRO 1   ? ? N  A PRO 1   ? ? CD  A PRO 1   ? ? 102.06 111.50 -9.44  1.40 N 
2 1 CG1 A ILE 72  ? ? CB A ILE 72  ? ? CG2 A ILE 72  ? ? 96.47  111.40 -14.93 2.20 N 
3 1 CA  A LEU 97  ? ? CB A LEU 97  ? ? CG  A LEU 97  ? ? 139.96 115.30 24.66  2.30 N 
4 1 CA  B PRO 201 ? ? N  B PRO 201 ? ? CD  B PRO 201 ? ? 100.70 111.50 -10.80 1.40 N 
# 
loop_
_pdbx_validate_torsion.id 
_pdbx_validate_torsion.PDB_model_num 
_pdbx_validate_torsion.auth_comp_id 
_pdbx_validate_torsion.auth_asym_id 
_pdbx_validate_torsion.auth_seq_id 
_pdbx_validate_torsion.PDB_ins_code 
_pdbx_validate_torsion.label_alt_id 
_pdbx_validate_torsion.phi 
_pdbx_validate_torsion.psi 
1 1 GLU A 35  ? ? -38.68 125.62 
2 1 PRO A 39  ? ? -68.17 90.10  
3 1 CYS A 67  ? ? 35.78  73.54  
4 1 PRO B 209 ? ? -69.03 86.34  
5 1 GLU B 235 ? ? -34.69 111.22 
6 1 PRO B 239 ? ? -63.38 93.34  
# 
_pdbx_entry_details.entry_id                 1C6X 
_pdbx_entry_details.compound_details         
;9X MUTANT PROTEASE HAS NINE POINT MUTATIONS COMPARED
TO WILD TYPE: L10V,K20M,L24I,S37D,M46I,I54V,L63P,A71V,V82T

THERE IS ONE PROTEASE DIMER IN AN ASYMMETRICAL UNIT.  THE
TWO MOLECULES ARE LABELED AS CHAIN A AND CHAIN B.  THERE
IS ONE L-739,622 INHIBITOR MOLECULE LABELED AS 3IN.
;
_pdbx_entry_details.source_details           ? 
_pdbx_entry_details.nonpolymer_details       
;L-739,622 IS N-[2(S)-CYCLOPENTYL-1(R)-HYDROXY-3(R)METHYL]
-5-[(2(S)-TERTIARY-BUTYLAMINO-CARBONYL)-4-(N1-(2)-(N-
METHYLPIPERAZINYL)-3-CHLORO-PYRAZINYL-5-CARBONYL)-
PIPERAZINO]-4(S)-HYDROXY-2(R)-PHENYLMETHYL-PENTANAMIDE
;
_pdbx_entry_details.sequence_details         ? 
_pdbx_entry_details.has_ligand_of_interest   ? 
# 
loop_
_chem_comp_atom.comp_id 
_chem_comp_atom.atom_id 
_chem_comp_atom.type_symbol 
_chem_comp_atom.pdbx_aromatic_flag 
_chem_comp_atom.pdbx_stereo_config 
_chem_comp_atom.pdbx_ordinal 
3IN C1   C  N N 1   
3IN C2   C  N S 2   
3IN C3   C  N N 3   
3IN O4   O  N N 4   
3IN O5   O  N N 5   
3IN N6   N  Y N 6   
3IN C7   C  N N 7   
3IN C8   C  N N 8   
3IN C9   C  N N 9   
3IN C10  C  N N 10  
3IN C11  C  N S 11  
3IN C12  C  N N 12  
3IN C13  C  N R 13  
3IN C14  C  N N 14  
3IN C15  C  Y N 15  
3IN C16  C  Y N 16  
3IN C19  C  Y N 17  
3IN C20  C  Y N 18  
3IN C21  C  N N 19  
3IN C22  C  N S 20  
3IN C24  C  N N 21  
3IN C27  C  N N 22  
3IN C30  C  N S 23  
3IN C31  C  N N 24  
3IN C32  C  Y N 25  
3IN C33  C  Y N 26  
3IN C34  C  Y N 27  
3IN C35  C  N N 28  
3IN N1   N  N N 29  
3IN O1   O  N N 30  
3IN N2   N  N N 31  
3IN C4   C  N N 32  
3IN C5   C  N N 33  
3IN C6   C  N N 34  
3IN N3   N  N N 35  
3IN O2   O  N N 36  
3IN C17  C  Y N 37  
3IN C18  C  Y N 38  
3IN O3   O  N N 39  
3IN N4   N  N N 40  
3IN C23  C  N R 41  
3IN C25  C  N N 42  
3IN C29  C  N N 43  
3IN N7   N  Y N 44  
3IN C36  C  Y N 45  
3IN CL1  CL N N 46  
3IN C26  C  N N 47  
3IN N8   N  N N 48  
3IN C37  C  N N 49  
3IN N5   N  N N 50  
3IN C28  C  N N 51  
3IN H11A H  N N 52  
3IN H12  H  N N 53  
3IN H2   H  N N 54  
3IN HO4  H  N N 55  
3IN H71  H  N N 56  
3IN H72  H  N N 57  
3IN H73  H  N N 58  
3IN H81  H  N N 59  
3IN H82  H  N N 60  
3IN H91  H  N N 61  
3IN H92  H  N N 62  
3IN H101 H  N N 63  
3IN H102 H  N N 64  
3IN H11  H  N N 65  
3IN H121 H  N N 66  
3IN H122 H  N N 67  
3IN H13  H  N N 68  
3IN H141 H  N N 69  
3IN H142 H  N N 70  
3IN H16  H  N N 71  
3IN H19  H  N N 72  
3IN H20  H  N N 73  
3IN H22  H  N N 74  
3IN H241 H  N N 75  
3IN H242 H  N N 76  
3IN H271 H  N N 77  
3IN H272 H  N N 78  
3IN H30  H  N N 79  
3IN H351 H  N N 80  
3IN H352 H  N N 81  
3IN HN2  H  N N 82  
3IN H51  H  N N 83  
3IN H52  H  N N 84  
3IN H53  H  N N 85  
3IN H61  H  N N 86  
3IN H62  H  N N 87  
3IN H63  H  N N 88  
3IN HO2  H  N N 89  
3IN H17  H  N N 90  
3IN H18  H  N N 91  
3IN HN4  H  N N 92  
3IN H23  H  N N 93  
3IN H251 H  N N 94  
3IN H252 H  N N 95  
3IN H291 H  N N 96  
3IN H292 H  N N 97  
3IN H293 H  N N 98  
3IN H36  H  N N 99  
3IN H261 H  N N 100 
3IN H262 H  N N 101 
3IN H371 H  N N 102 
3IN H372 H  N N 103 
3IN H281 H  N N 104 
3IN H282 H  N N 105 
3IN H283 H  N N 106 
ALA N    N  N N 107 
ALA CA   C  N S 108 
ALA C    C  N N 109 
ALA O    O  N N 110 
ALA CB   C  N N 111 
ALA OXT  O  N N 112 
ALA H    H  N N 113 
ALA H2   H  N N 114 
ALA HA   H  N N 115 
ALA HB1  H  N N 116 
ALA HB2  H  N N 117 
ALA HB3  H  N N 118 
ALA HXT  H  N N 119 
ARG N    N  N N 120 
ARG CA   C  N S 121 
ARG C    C  N N 122 
ARG O    O  N N 123 
ARG CB   C  N N 124 
ARG CG   C  N N 125 
ARG CD   C  N N 126 
ARG NE   N  N N 127 
ARG CZ   C  N N 128 
ARG NH1  N  N N 129 
ARG NH2  N  N N 130 
ARG OXT  O  N N 131 
ARG H    H  N N 132 
ARG H2   H  N N 133 
ARG HA   H  N N 134 
ARG HB2  H  N N 135 
ARG HB3  H  N N 136 
ARG HG2  H  N N 137 
ARG HG3  H  N N 138 
ARG HD2  H  N N 139 
ARG HD3  H  N N 140 
ARG HE   H  N N 141 
ARG HH11 H  N N 142 
ARG HH12 H  N N 143 
ARG HH21 H  N N 144 
ARG HH22 H  N N 145 
ARG HXT  H  N N 146 
ASN N    N  N N 147 
ASN CA   C  N S 148 
ASN C    C  N N 149 
ASN O    O  N N 150 
ASN CB   C  N N 151 
ASN CG   C  N N 152 
ASN OD1  O  N N 153 
ASN ND2  N  N N 154 
ASN OXT  O  N N 155 
ASN H    H  N N 156 
ASN H2   H  N N 157 
ASN HA   H  N N 158 
ASN HB2  H  N N 159 
ASN HB3  H  N N 160 
ASN HD21 H  N N 161 
ASN HD22 H  N N 162 
ASN HXT  H  N N 163 
ASP N    N  N N 164 
ASP CA   C  N S 165 
ASP C    C  N N 166 
ASP O    O  N N 167 
ASP CB   C  N N 168 
ASP CG   C  N N 169 
ASP OD1  O  N N 170 
ASP OD2  O  N N 171 
ASP OXT  O  N N 172 
ASP H    H  N N 173 
ASP H2   H  N N 174 
ASP HA   H  N N 175 
ASP HB2  H  N N 176 
ASP HB3  H  N N 177 
ASP HD2  H  N N 178 
ASP HXT  H  N N 179 
CYS N    N  N N 180 
CYS CA   C  N R 181 
CYS C    C  N N 182 
CYS O    O  N N 183 
CYS CB   C  N N 184 
CYS SG   S  N N 185 
CYS OXT  O  N N 186 
CYS H    H  N N 187 
CYS H2   H  N N 188 
CYS HA   H  N N 189 
CYS HB2  H  N N 190 
CYS HB3  H  N N 191 
CYS HG   H  N N 192 
CYS HXT  H  N N 193 
GLN N    N  N N 194 
GLN CA   C  N S 195 
GLN C    C  N N 196 
GLN O    O  N N 197 
GLN CB   C  N N 198 
GLN CG   C  N N 199 
GLN CD   C  N N 200 
GLN OE1  O  N N 201 
GLN NE2  N  N N 202 
GLN OXT  O  N N 203 
GLN H    H  N N 204 
GLN H2   H  N N 205 
GLN HA   H  N N 206 
GLN HB2  H  N N 207 
GLN HB3  H  N N 208 
GLN HG2  H  N N 209 
GLN HG3  H  N N 210 
GLN HE21 H  N N 211 
GLN HE22 H  N N 212 
GLN HXT  H  N N 213 
GLU N    N  N N 214 
GLU CA   C  N S 215 
GLU C    C  N N 216 
GLU O    O  N N 217 
GLU CB   C  N N 218 
GLU CG   C  N N 219 
GLU CD   C  N N 220 
GLU OE1  O  N N 221 
GLU OE2  O  N N 222 
GLU OXT  O  N N 223 
GLU H    H  N N 224 
GLU H2   H  N N 225 
GLU HA   H  N N 226 
GLU HB2  H  N N 227 
GLU HB3  H  N N 228 
GLU HG2  H  N N 229 
GLU HG3  H  N N 230 
GLU HE2  H  N N 231 
GLU HXT  H  N N 232 
GLY N    N  N N 233 
GLY CA   C  N N 234 
GLY C    C  N N 235 
GLY O    O  N N 236 
GLY OXT  O  N N 237 
GLY H    H  N N 238 
GLY H2   H  N N 239 
GLY HA2  H  N N 240 
GLY HA3  H  N N 241 
GLY HXT  H  N N 242 
HIS N    N  N N 243 
HIS CA   C  N S 244 
HIS C    C  N N 245 
HIS O    O  N N 246 
HIS CB   C  N N 247 
HIS CG   C  Y N 248 
HIS ND1  N  Y N 249 
HIS CD2  C  Y N 250 
HIS CE1  C  Y N 251 
HIS NE2  N  Y N 252 
HIS OXT  O  N N 253 
HIS H    H  N N 254 
HIS H2   H  N N 255 
HIS HA   H  N N 256 
HIS HB2  H  N N 257 
HIS HB3  H  N N 258 
HIS HD1  H  N N 259 
HIS HD2  H  N N 260 
HIS HE1  H  N N 261 
HIS HE2  H  N N 262 
HIS HXT  H  N N 263 
HOH O    O  N N 264 
HOH H1   H  N N 265 
HOH H2   H  N N 266 
ILE N    N  N N 267 
ILE CA   C  N S 268 
ILE C    C  N N 269 
ILE O    O  N N 270 
ILE CB   C  N S 271 
ILE CG1  C  N N 272 
ILE CG2  C  N N 273 
ILE CD1  C  N N 274 
ILE OXT  O  N N 275 
ILE H    H  N N 276 
ILE H2   H  N N 277 
ILE HA   H  N N 278 
ILE HB   H  N N 279 
ILE HG12 H  N N 280 
ILE HG13 H  N N 281 
ILE HG21 H  N N 282 
ILE HG22 H  N N 283 
ILE HG23 H  N N 284 
ILE HD11 H  N N 285 
ILE HD12 H  N N 286 
ILE HD13 H  N N 287 
ILE HXT  H  N N 288 
LEU N    N  N N 289 
LEU CA   C  N S 290 
LEU C    C  N N 291 
LEU O    O  N N 292 
LEU CB   C  N N 293 
LEU CG   C  N N 294 
LEU CD1  C  N N 295 
LEU CD2  C  N N 296 
LEU OXT  O  N N 297 
LEU H    H  N N 298 
LEU H2   H  N N 299 
LEU HA   H  N N 300 
LEU HB2  H  N N 301 
LEU HB3  H  N N 302 
LEU HG   H  N N 303 
LEU HD11 H  N N 304 
LEU HD12 H  N N 305 
LEU HD13 H  N N 306 
LEU HD21 H  N N 307 
LEU HD22 H  N N 308 
LEU HD23 H  N N 309 
LEU HXT  H  N N 310 
LYS N    N  N N 311 
LYS CA   C  N S 312 
LYS C    C  N N 313 
LYS O    O  N N 314 
LYS CB   C  N N 315 
LYS CG   C  N N 316 
LYS CD   C  N N 317 
LYS CE   C  N N 318 
LYS NZ   N  N N 319 
LYS OXT  O  N N 320 
LYS H    H  N N 321 
LYS H2   H  N N 322 
LYS HA   H  N N 323 
LYS HB2  H  N N 324 
LYS HB3  H  N N 325 
LYS HG2  H  N N 326 
LYS HG3  H  N N 327 
LYS HD2  H  N N 328 
LYS HD3  H  N N 329 
LYS HE2  H  N N 330 
LYS HE3  H  N N 331 
LYS HZ1  H  N N 332 
LYS HZ2  H  N N 333 
LYS HZ3  H  N N 334 
LYS HXT  H  N N 335 
MET N    N  N N 336 
MET CA   C  N S 337 
MET C    C  N N 338 
MET O    O  N N 339 
MET CB   C  N N 340 
MET CG   C  N N 341 
MET SD   S  N N 342 
MET CE   C  N N 343 
MET OXT  O  N N 344 
MET H    H  N N 345 
MET H2   H  N N 346 
MET HA   H  N N 347 
MET HB2  H  N N 348 
MET HB3  H  N N 349 
MET HG2  H  N N 350 
MET HG3  H  N N 351 
MET HE1  H  N N 352 
MET HE2  H  N N 353 
MET HE3  H  N N 354 
MET HXT  H  N N 355 
PHE N    N  N N 356 
PHE CA   C  N S 357 
PHE C    C  N N 358 
PHE O    O  N N 359 
PHE CB   C  N N 360 
PHE CG   C  Y N 361 
PHE CD1  C  Y N 362 
PHE CD2  C  Y N 363 
PHE CE1  C  Y N 364 
PHE CE2  C  Y N 365 
PHE CZ   C  Y N 366 
PHE OXT  O  N N 367 
PHE H    H  N N 368 
PHE H2   H  N N 369 
PHE HA   H  N N 370 
PHE HB2  H  N N 371 
PHE HB3  H  N N 372 
PHE HD1  H  N N 373 
PHE HD2  H  N N 374 
PHE HE1  H  N N 375 
PHE HE2  H  N N 376 
PHE HZ   H  N N 377 
PHE HXT  H  N N 378 
PRO N    N  N N 379 
PRO CA   C  N S 380 
PRO C    C  N N 381 
PRO O    O  N N 382 
PRO CB   C  N N 383 
PRO CG   C  N N 384 
PRO CD   C  N N 385 
PRO OXT  O  N N 386 
PRO H    H  N N 387 
PRO HA   H  N N 388 
PRO HB2  H  N N 389 
PRO HB3  H  N N 390 
PRO HG2  H  N N 391 
PRO HG3  H  N N 392 
PRO HD2  H  N N 393 
PRO HD3  H  N N 394 
PRO HXT  H  N N 395 
THR N    N  N N 396 
THR CA   C  N S 397 
THR C    C  N N 398 
THR O    O  N N 399 
THR CB   C  N R 400 
THR OG1  O  N N 401 
THR CG2  C  N N 402 
THR OXT  O  N N 403 
THR H    H  N N 404 
THR H2   H  N N 405 
THR HA   H  N N 406 
THR HB   H  N N 407 
THR HG1  H  N N 408 
THR HG21 H  N N 409 
THR HG22 H  N N 410 
THR HG23 H  N N 411 
THR HXT  H  N N 412 
TRP N    N  N N 413 
TRP CA   C  N S 414 
TRP C    C  N N 415 
TRP O    O  N N 416 
TRP CB   C  N N 417 
TRP CG   C  Y N 418 
TRP CD1  C  Y N 419 
TRP CD2  C  Y N 420 
TRP NE1  N  Y N 421 
TRP CE2  C  Y N 422 
TRP CE3  C  Y N 423 
TRP CZ2  C  Y N 424 
TRP CZ3  C  Y N 425 
TRP CH2  C  Y N 426 
TRP OXT  O  N N 427 
TRP H    H  N N 428 
TRP H2   H  N N 429 
TRP HA   H  N N 430 
TRP HB2  H  N N 431 
TRP HB3  H  N N 432 
TRP HD1  H  N N 433 
TRP HE1  H  N N 434 
TRP HE3  H  N N 435 
TRP HZ2  H  N N 436 
TRP HZ3  H  N N 437 
TRP HH2  H  N N 438 
TRP HXT  H  N N 439 
TYR N    N  N N 440 
TYR CA   C  N S 441 
TYR C    C  N N 442 
TYR O    O  N N 443 
TYR CB   C  N N 444 
TYR CG   C  Y N 445 
TYR CD1  C  Y N 446 
TYR CD2  C  Y N 447 
TYR CE1  C  Y N 448 
TYR CE2  C  Y N 449 
TYR CZ   C  Y N 450 
TYR OH   O  N N 451 
TYR OXT  O  N N 452 
TYR H    H  N N 453 
TYR H2   H  N N 454 
TYR HA   H  N N 455 
TYR HB2  H  N N 456 
TYR HB3  H  N N 457 
TYR HD1  H  N N 458 
TYR HD2  H  N N 459 
TYR HE1  H  N N 460 
TYR HE2  H  N N 461 
TYR HH   H  N N 462 
TYR HXT  H  N N 463 
VAL N    N  N N 464 
VAL CA   C  N S 465 
VAL C    C  N N 466 
VAL O    O  N N 467 
VAL CB   C  N N 468 
VAL CG1  C  N N 469 
VAL CG2  C  N N 470 
VAL OXT  O  N N 471 
VAL H    H  N N 472 
VAL H2   H  N N 473 
VAL HA   H  N N 474 
VAL HB   H  N N 475 
VAL HG11 H  N N 476 
VAL HG12 H  N N 477 
VAL HG13 H  N N 478 
VAL HG21 H  N N 479 
VAL HG22 H  N N 480 
VAL HG23 H  N N 481 
VAL HXT  H  N N 482 
# 
loop_
_chem_comp_bond.comp_id 
_chem_comp_bond.atom_id_1 
_chem_comp_bond.atom_id_2 
_chem_comp_bond.value_order 
_chem_comp_bond.pdbx_aromatic_flag 
_chem_comp_bond.pdbx_stereo_config 
_chem_comp_bond.pdbx_ordinal 
3IN C1  C2   sing N N 1   
3IN C1  N1   sing N N 2   
3IN C1  H11A sing N N 3   
3IN C1  H12  sing N N 4   
3IN C2  C3   sing N N 5   
3IN C2  N3   sing N N 6   
3IN C2  H2   sing N N 7   
3IN C3  O1   doub N N 8   
3IN C3  N2   sing N N 9   
3IN O4  C23  sing N N 10  
3IN O4  HO4  sing N N 11  
3IN O5  C31  doub N N 12  
3IN N6  C32  doub Y N 13  
3IN N6  C33  sing Y N 14  
3IN C7  C4   sing N N 15  
3IN C7  H71  sing N N 16  
3IN C7  H72  sing N N 17  
3IN C7  H73  sing N N 18  
3IN C8  C9   sing N N 19  
3IN C8  N3   sing N N 20  
3IN C8  H81  sing N N 21  
3IN C8  H82  sing N N 22  
3IN C9  N1   sing N N 23  
3IN C9  H91  sing N N 24  
3IN C9  H92  sing N N 25  
3IN C10 C11  sing N N 26  
3IN C10 N3   sing N N 27  
3IN C10 H101 sing N N 28  
3IN C10 H102 sing N N 29  
3IN C11 C12  sing N N 30  
3IN C11 O2   sing N N 31  
3IN C11 H11  sing N N 32  
3IN C12 C13  sing N N 33  
3IN C12 H121 sing N N 34  
3IN C12 H122 sing N N 35  
3IN C13 C14  sing N N 36  
3IN C13 C21  sing N N 37  
3IN C13 H13  sing N N 38  
3IN C14 C15  sing N N 39  
3IN C14 H141 sing N N 40  
3IN C14 H142 sing N N 41  
3IN C15 C16  doub Y N 42  
3IN C15 C20  sing Y N 43  
3IN C16 C17  sing Y N 44  
3IN C16 H16  sing N N 45  
3IN C19 C20  doub Y N 46  
3IN C19 C18  sing Y N 47  
3IN C19 H19  sing N N 48  
3IN C20 H20  sing N N 49  
3IN C21 O3   doub N N 50  
3IN C21 N4   sing N N 51  
3IN C22 C30  sing N N 52  
3IN C22 N4   sing N N 53  
3IN C22 C23  sing N N 54  
3IN C22 H22  sing N N 55  
3IN C24 C23  sing N N 56  
3IN C24 C25  sing N N 57  
3IN C24 H241 sing N N 58  
3IN C24 H242 sing N N 59  
3IN C27 C26  sing N N 60  
3IN C27 N8   sing N N 61  
3IN C27 H271 sing N N 62  
3IN C27 H272 sing N N 63  
3IN C30 C25  sing N N 64  
3IN C30 C29  sing N N 65  
3IN C30 H30  sing N N 66  
3IN C31 C32  sing N N 67  
3IN C31 N1   sing N N 68  
3IN C32 C36  sing Y N 69  
3IN C33 C34  doub Y N 70  
3IN C33 CL1  sing N N 71  
3IN C34 N7   sing Y N 72  
3IN C34 N5   sing N N 73  
3IN C35 N8   sing N N 74  
3IN C35 C37  sing N N 75  
3IN C35 H351 sing N N 76  
3IN C35 H352 sing N N 77  
3IN N2  C4   sing N N 78  
3IN N2  HN2  sing N N 79  
3IN C4  C5   sing N N 80  
3IN C4  C6   sing N N 81  
3IN C5  H51  sing N N 82  
3IN C5  H52  sing N N 83  
3IN C5  H53  sing N N 84  
3IN C6  H61  sing N N 85  
3IN C6  H62  sing N N 86  
3IN C6  H63  sing N N 87  
3IN O2  HO2  sing N N 88  
3IN C17 C18  doub Y N 89  
3IN C17 H17  sing N N 90  
3IN C18 H18  sing N N 91  
3IN N4  HN4  sing N N 92  
3IN C23 H23  sing N N 93  
3IN C25 H251 sing N N 94  
3IN C25 H252 sing N N 95  
3IN C29 H291 sing N N 96  
3IN C29 H292 sing N N 97  
3IN C29 H293 sing N N 98  
3IN N7  C36  doub Y N 99  
3IN C36 H36  sing N N 100 
3IN C26 N5   sing N N 101 
3IN C26 H261 sing N N 102 
3IN C26 H262 sing N N 103 
3IN N8  C28  sing N N 104 
3IN C37 N5   sing N N 105 
3IN C37 H371 sing N N 106 
3IN C37 H372 sing N N 107 
3IN C28 H281 sing N N 108 
3IN C28 H282 sing N N 109 
3IN C28 H283 sing N N 110 
ALA N   CA   sing N N 111 
ALA N   H    sing N N 112 
ALA N   H2   sing N N 113 
ALA CA  C    sing N N 114 
ALA CA  CB   sing N N 115 
ALA CA  HA   sing N N 116 
ALA C   O    doub N N 117 
ALA C   OXT  sing N N 118 
ALA CB  HB1  sing N N 119 
ALA CB  HB2  sing N N 120 
ALA CB  HB3  sing N N 121 
ALA OXT HXT  sing N N 122 
ARG N   CA   sing N N 123 
ARG N   H    sing N N 124 
ARG N   H2   sing N N 125 
ARG CA  C    sing N N 126 
ARG CA  CB   sing N N 127 
ARG CA  HA   sing N N 128 
ARG C   O    doub N N 129 
ARG C   OXT  sing N N 130 
ARG CB  CG   sing N N 131 
ARG CB  HB2  sing N N 132 
ARG CB  HB3  sing N N 133 
ARG CG  CD   sing N N 134 
ARG CG  HG2  sing N N 135 
ARG CG  HG3  sing N N 136 
ARG CD  NE   sing N N 137 
ARG CD  HD2  sing N N 138 
ARG CD  HD3  sing N N 139 
ARG NE  CZ   sing N N 140 
ARG NE  HE   sing N N 141 
ARG CZ  NH1  sing N N 142 
ARG CZ  NH2  doub N N 143 
ARG NH1 HH11 sing N N 144 
ARG NH1 HH12 sing N N 145 
ARG NH2 HH21 sing N N 146 
ARG NH2 HH22 sing N N 147 
ARG OXT HXT  sing N N 148 
ASN N   CA   sing N N 149 
ASN N   H    sing N N 150 
ASN N   H2   sing N N 151 
ASN CA  C    sing N N 152 
ASN CA  CB   sing N N 153 
ASN CA  HA   sing N N 154 
ASN C   O    doub N N 155 
ASN C   OXT  sing N N 156 
ASN CB  CG   sing N N 157 
ASN CB  HB2  sing N N 158 
ASN CB  HB3  sing N N 159 
ASN CG  OD1  doub N N 160 
ASN CG  ND2  sing N N 161 
ASN ND2 HD21 sing N N 162 
ASN ND2 HD22 sing N N 163 
ASN OXT HXT  sing N N 164 
ASP N   CA   sing N N 165 
ASP N   H    sing N N 166 
ASP N   H2   sing N N 167 
ASP CA  C    sing N N 168 
ASP CA  CB   sing N N 169 
ASP CA  HA   sing N N 170 
ASP C   O    doub N N 171 
ASP C   OXT  sing N N 172 
ASP CB  CG   sing N N 173 
ASP CB  HB2  sing N N 174 
ASP CB  HB3  sing N N 175 
ASP CG  OD1  doub N N 176 
ASP CG  OD2  sing N N 177 
ASP OD2 HD2  sing N N 178 
ASP OXT HXT  sing N N 179 
CYS N   CA   sing N N 180 
CYS N   H    sing N N 181 
CYS N   H2   sing N N 182 
CYS CA  C    sing N N 183 
CYS CA  CB   sing N N 184 
CYS CA  HA   sing N N 185 
CYS C   O    doub N N 186 
CYS C   OXT  sing N N 187 
CYS CB  SG   sing N N 188 
CYS CB  HB2  sing N N 189 
CYS CB  HB3  sing N N 190 
CYS SG  HG   sing N N 191 
CYS OXT HXT  sing N N 192 
GLN N   CA   sing N N 193 
GLN N   H    sing N N 194 
GLN N   H2   sing N N 195 
GLN CA  C    sing N N 196 
GLN CA  CB   sing N N 197 
GLN CA  HA   sing N N 198 
GLN C   O    doub N N 199 
GLN C   OXT  sing N N 200 
GLN CB  CG   sing N N 201 
GLN CB  HB2  sing N N 202 
GLN CB  HB3  sing N N 203 
GLN CG  CD   sing N N 204 
GLN CG  HG2  sing N N 205 
GLN CG  HG3  sing N N 206 
GLN CD  OE1  doub N N 207 
GLN CD  NE2  sing N N 208 
GLN NE2 HE21 sing N N 209 
GLN NE2 HE22 sing N N 210 
GLN OXT HXT  sing N N 211 
GLU N   CA   sing N N 212 
GLU N   H    sing N N 213 
GLU N   H2   sing N N 214 
GLU CA  C    sing N N 215 
GLU CA  CB   sing N N 216 
GLU CA  HA   sing N N 217 
GLU C   O    doub N N 218 
GLU C   OXT  sing N N 219 
GLU CB  CG   sing N N 220 
GLU CB  HB2  sing N N 221 
GLU CB  HB3  sing N N 222 
GLU CG  CD   sing N N 223 
GLU CG  HG2  sing N N 224 
GLU CG  HG3  sing N N 225 
GLU CD  OE1  doub N N 226 
GLU CD  OE2  sing N N 227 
GLU OE2 HE2  sing N N 228 
GLU OXT HXT  sing N N 229 
GLY N   CA   sing N N 230 
GLY N   H    sing N N 231 
GLY N   H2   sing N N 232 
GLY CA  C    sing N N 233 
GLY CA  HA2  sing N N 234 
GLY CA  HA3  sing N N 235 
GLY C   O    doub N N 236 
GLY C   OXT  sing N N 237 
GLY OXT HXT  sing N N 238 
HIS N   CA   sing N N 239 
HIS N   H    sing N N 240 
HIS N   H2   sing N N 241 
HIS CA  C    sing N N 242 
HIS CA  CB   sing N N 243 
HIS CA  HA   sing N N 244 
HIS C   O    doub N N 245 
HIS C   OXT  sing N N 246 
HIS CB  CG   sing N N 247 
HIS CB  HB2  sing N N 248 
HIS CB  HB3  sing N N 249 
HIS CG  ND1  sing Y N 250 
HIS CG  CD2  doub Y N 251 
HIS ND1 CE1  doub Y N 252 
HIS ND1 HD1  sing N N 253 
HIS CD2 NE2  sing Y N 254 
HIS CD2 HD2  sing N N 255 
HIS CE1 NE2  sing Y N 256 
HIS CE1 HE1  sing N N 257 
HIS NE2 HE2  sing N N 258 
HIS OXT HXT  sing N N 259 
HOH O   H1   sing N N 260 
HOH O   H2   sing N N 261 
ILE N   CA   sing N N 262 
ILE N   H    sing N N 263 
ILE N   H2   sing N N 264 
ILE CA  C    sing N N 265 
ILE CA  CB   sing N N 266 
ILE CA  HA   sing N N 267 
ILE C   O    doub N N 268 
ILE C   OXT  sing N N 269 
ILE CB  CG1  sing N N 270 
ILE CB  CG2  sing N N 271 
ILE CB  HB   sing N N 272 
ILE CG1 CD1  sing N N 273 
ILE CG1 HG12 sing N N 274 
ILE CG1 HG13 sing N N 275 
ILE CG2 HG21 sing N N 276 
ILE CG2 HG22 sing N N 277 
ILE CG2 HG23 sing N N 278 
ILE CD1 HD11 sing N N 279 
ILE CD1 HD12 sing N N 280 
ILE CD1 HD13 sing N N 281 
ILE OXT HXT  sing N N 282 
LEU N   CA   sing N N 283 
LEU N   H    sing N N 284 
LEU N   H2   sing N N 285 
LEU CA  C    sing N N 286 
LEU CA  CB   sing N N 287 
LEU CA  HA   sing N N 288 
LEU C   O    doub N N 289 
LEU C   OXT  sing N N 290 
LEU CB  CG   sing N N 291 
LEU CB  HB2  sing N N 292 
LEU CB  HB3  sing N N 293 
LEU CG  CD1  sing N N 294 
LEU CG  CD2  sing N N 295 
LEU CG  HG   sing N N 296 
LEU CD1 HD11 sing N N 297 
LEU CD1 HD12 sing N N 298 
LEU CD1 HD13 sing N N 299 
LEU CD2 HD21 sing N N 300 
LEU CD2 HD22 sing N N 301 
LEU CD2 HD23 sing N N 302 
LEU OXT HXT  sing N N 303 
LYS N   CA   sing N N 304 
LYS N   H    sing N N 305 
LYS N   H2   sing N N 306 
LYS CA  C    sing N N 307 
LYS CA  CB   sing N N 308 
LYS CA  HA   sing N N 309 
LYS C   O    doub N N 310 
LYS C   OXT  sing N N 311 
LYS CB  CG   sing N N 312 
LYS CB  HB2  sing N N 313 
LYS CB  HB3  sing N N 314 
LYS CG  CD   sing N N 315 
LYS CG  HG2  sing N N 316 
LYS CG  HG3  sing N N 317 
LYS CD  CE   sing N N 318 
LYS CD  HD2  sing N N 319 
LYS CD  HD3  sing N N 320 
LYS CE  NZ   sing N N 321 
LYS CE  HE2  sing N N 322 
LYS CE  HE3  sing N N 323 
LYS NZ  HZ1  sing N N 324 
LYS NZ  HZ2  sing N N 325 
LYS NZ  HZ3  sing N N 326 
LYS OXT HXT  sing N N 327 
MET N   CA   sing N N 328 
MET N   H    sing N N 329 
MET N   H2   sing N N 330 
MET CA  C    sing N N 331 
MET CA  CB   sing N N 332 
MET CA  HA   sing N N 333 
MET C   O    doub N N 334 
MET C   OXT  sing N N 335 
MET CB  CG   sing N N 336 
MET CB  HB2  sing N N 337 
MET CB  HB3  sing N N 338 
MET CG  SD   sing N N 339 
MET CG  HG2  sing N N 340 
MET CG  HG3  sing N N 341 
MET SD  CE   sing N N 342 
MET CE  HE1  sing N N 343 
MET CE  HE2  sing N N 344 
MET CE  HE3  sing N N 345 
MET OXT HXT  sing N N 346 
PHE N   CA   sing N N 347 
PHE N   H    sing N N 348 
PHE N   H2   sing N N 349 
PHE CA  C    sing N N 350 
PHE CA  CB   sing N N 351 
PHE CA  HA   sing N N 352 
PHE C   O    doub N N 353 
PHE C   OXT  sing N N 354 
PHE CB  CG   sing N N 355 
PHE CB  HB2  sing N N 356 
PHE CB  HB3  sing N N 357 
PHE CG  CD1  doub Y N 358 
PHE CG  CD2  sing Y N 359 
PHE CD1 CE1  sing Y N 360 
PHE CD1 HD1  sing N N 361 
PHE CD2 CE2  doub Y N 362 
PHE CD2 HD2  sing N N 363 
PHE CE1 CZ   doub Y N 364 
PHE CE1 HE1  sing N N 365 
PHE CE2 CZ   sing Y N 366 
PHE CE2 HE2  sing N N 367 
PHE CZ  HZ   sing N N 368 
PHE OXT HXT  sing N N 369 
PRO N   CA   sing N N 370 
PRO N   CD   sing N N 371 
PRO N   H    sing N N 372 
PRO CA  C    sing N N 373 
PRO CA  CB   sing N N 374 
PRO CA  HA   sing N N 375 
PRO C   O    doub N N 376 
PRO C   OXT  sing N N 377 
PRO CB  CG   sing N N 378 
PRO CB  HB2  sing N N 379 
PRO CB  HB3  sing N N 380 
PRO CG  CD   sing N N 381 
PRO CG  HG2  sing N N 382 
PRO CG  HG3  sing N N 383 
PRO CD  HD2  sing N N 384 
PRO CD  HD3  sing N N 385 
PRO OXT HXT  sing N N 386 
THR N   CA   sing N N 387 
THR N   H    sing N N 388 
THR N   H2   sing N N 389 
THR CA  C    sing N N 390 
THR CA  CB   sing N N 391 
THR CA  HA   sing N N 392 
THR C   O    doub N N 393 
THR C   OXT  sing N N 394 
THR CB  OG1  sing N N 395 
THR CB  CG2  sing N N 396 
THR CB  HB   sing N N 397 
THR OG1 HG1  sing N N 398 
THR CG2 HG21 sing N N 399 
THR CG2 HG22 sing N N 400 
THR CG2 HG23 sing N N 401 
THR OXT HXT  sing N N 402 
TRP N   CA   sing N N 403 
TRP N   H    sing N N 404 
TRP N   H2   sing N N 405 
TRP CA  C    sing N N 406 
TRP CA  CB   sing N N 407 
TRP CA  HA   sing N N 408 
TRP C   O    doub N N 409 
TRP C   OXT  sing N N 410 
TRP CB  CG   sing N N 411 
TRP CB  HB2  sing N N 412 
TRP CB  HB3  sing N N 413 
TRP CG  CD1  doub Y N 414 
TRP CG  CD2  sing Y N 415 
TRP CD1 NE1  sing Y N 416 
TRP CD1 HD1  sing N N 417 
TRP CD2 CE2  doub Y N 418 
TRP CD2 CE3  sing Y N 419 
TRP NE1 CE2  sing Y N 420 
TRP NE1 HE1  sing N N 421 
TRP CE2 CZ2  sing Y N 422 
TRP CE3 CZ3  doub Y N 423 
TRP CE3 HE3  sing N N 424 
TRP CZ2 CH2  doub Y N 425 
TRP CZ2 HZ2  sing N N 426 
TRP CZ3 CH2  sing Y N 427 
TRP CZ3 HZ3  sing N N 428 
TRP CH2 HH2  sing N N 429 
TRP OXT HXT  sing N N 430 
TYR N   CA   sing N N 431 
TYR N   H    sing N N 432 
TYR N   H2   sing N N 433 
TYR CA  C    sing N N 434 
TYR CA  CB   sing N N 435 
TYR CA  HA   sing N N 436 
TYR C   O    doub N N 437 
TYR C   OXT  sing N N 438 
TYR CB  CG   sing N N 439 
TYR CB  HB2  sing N N 440 
TYR CB  HB3  sing N N 441 
TYR CG  CD1  doub Y N 442 
TYR CG  CD2  sing Y N 443 
TYR CD1 CE1  sing Y N 444 
TYR CD1 HD1  sing N N 445 
TYR CD2 CE2  doub Y N 446 
TYR CD2 HD2  sing N N 447 
TYR CE1 CZ   doub Y N 448 
TYR CE1 HE1  sing N N 449 
TYR CE2 CZ   sing Y N 450 
TYR CE2 HE2  sing N N 451 
TYR CZ  OH   sing N N 452 
TYR OH  HH   sing N N 453 
TYR OXT HXT  sing N N 454 
VAL N   CA   sing N N 455 
VAL N   H    sing N N 456 
VAL N   H2   sing N N 457 
VAL CA  C    sing N N 458 
VAL CA  CB   sing N N 459 
VAL CA  HA   sing N N 460 
VAL C   O    doub N N 461 
VAL C   OXT  sing N N 462 
VAL CB  CG1  sing N N 463 
VAL CB  CG2  sing N N 464 
VAL CB  HB   sing N N 465 
VAL CG1 HG11 sing N N 466 
VAL CG1 HG12 sing N N 467 
VAL CG1 HG13 sing N N 468 
VAL CG2 HG21 sing N N 469 
VAL CG2 HG22 sing N N 470 
VAL CG2 HG23 sing N N 471 
VAL OXT HXT  sing N N 472 
# 
_atom_sites.entry_id                    1C6X 
_atom_sites.fract_transf_matrix[1][1]   -0.01042412 
_atom_sites.fract_transf_matrix[1][2]   0.00436582 
_atom_sites.fract_transf_matrix[1][3]   -0.00088441 
_atom_sites.fract_transf_matrix[2][1]   0.00237890 
_atom_sites.fract_transf_matrix[2][2]   0.00355327 
_atom_sites.fract_transf_matrix[2][3]   -0.01049857 
_atom_sites.fract_transf_matrix[3][1]   -0.01009162 
_atom_sites.fract_transf_matrix[3][2]   -0.02636638 
_atom_sites.fract_transf_matrix[3][3]   -0.01121046 
_atom_sites.fract_transf_vector[1]      0.483868 
_atom_sites.fract_transf_vector[2]      0.266067 
_atom_sites.fract_transf_vector[3]      0.625217 
# 
loop_
_atom_type.symbol 
C  
CL 
N  
O  
S  
# 
loop_
_atom_site.group_PDB 
_atom_site.id 
_atom_site.type_symbol 
_atom_site.label_atom_id 
_atom_site.label_alt_id 
_atom_site.label_comp_id 
_atom_site.label_asym_id 
_atom_site.label_entity_id 
_atom_site.label_seq_id 
_atom_site.pdbx_PDB_ins_code 
_atom_site.Cartn_x 
_atom_site.Cartn_y 
_atom_site.Cartn_z 
_atom_site.occupancy 
_atom_site.B_iso_or_equiv 
_atom_site.pdbx_formal_charge 
_atom_site.auth_seq_id 
_atom_site.auth_comp_id 
_atom_site.auth_asym_id 
_atom_site.auth_atom_id 
_atom_site.pdbx_PDB_model_num 
ATOM   1    N  N   . PRO A 1 1  ? -17.959 -3.752  4.032   1.00 46.16 ? 1   PRO A N   1 
ATOM   2    C  CA  . PRO A 1 1  ? -17.589 -4.821  4.996   1.00 44.70 ? 1   PRO A CA  1 
ATOM   3    C  C   . PRO A 1 1  ? -16.452 -4.374  5.825   1.00 42.95 ? 1   PRO A C   1 
ATOM   4    O  O   . PRO A 1 1  ? -15.968 -3.258  5.660   1.00 42.27 ? 1   PRO A O   1 
ATOM   5    C  CB  . PRO A 1 1  ? -17.214 -6.071  4.222   1.00 45.77 ? 1   PRO A CB  1 
ATOM   6    C  CG  . PRO A 1 1  ? -16.881 -5.524  2.901   1.00 46.56 ? 1   PRO A CG  1 
ATOM   7    C  CD  . PRO A 1 1  ? -17.956 -4.480  2.749   1.00 46.47 ? 1   PRO A CD  1 
ATOM   8    N  N   . GLN A 1 2  ? -16.062 -5.215  6.777   1.00 45.34 ? 2   GLN A N   1 
ATOM   9    C  CA  . GLN A 1 2  ? -14.930 -4.956  7.658   1.00 44.63 ? 2   GLN A CA  1 
ATOM   10   C  C   . GLN A 1 2  ? -13.883 -5.979  7.245   1.00 42.12 ? 2   GLN A C   1 
ATOM   11   O  O   . GLN A 1 2  ? -14.142 -7.190  7.291   1.00 41.13 ? 2   GLN A O   1 
ATOM   12   C  CB  . GLN A 1 2  ? -15.312 -5.196  9.119   1.00 47.65 ? 2   GLN A CB  1 
ATOM   13   C  CG  . GLN A 1 2  ? -14.138 -5.010  10.111  1.00 54.00 ? 2   GLN A CG  1 
ATOM   14   C  CD  . GLN A 1 2  ? -14.293 -5.839  11.379  1.00 57.61 ? 2   GLN A CD  1 
ATOM   15   O  OE1 . GLN A 1 2  ? -14.049 -7.050  11.375  1.00 55.64 ? 2   GLN A OE1 1 
ATOM   16   N  NE2 . GLN A 1 2  ? -14.694 -5.191  12.472  1.00 59.81 ? 2   GLN A NE2 1 
ATOM   17   N  N   . ILE A 1 3  ? -12.737 -5.504  6.771   1.00 35.87 ? 3   ILE A N   1 
ATOM   18   C  CA  . ILE A 1 3  ? -11.673 -6.406  6.347   1.00 33.11 ? 3   ILE A CA  1 
ATOM   19   C  C   . ILE A 1 3  ? -10.485 -6.313  7.263   1.00 30.25 ? 3   ILE A C   1 
ATOM   20   O  O   . ILE A 1 3  ? -10.065 -5.214  7.625   1.00 30.31 ? 3   ILE A O   1 
ATOM   21   C  CB  . ILE A 1 3  ? -11.220 -6.122  4.892   1.00 29.62 ? 3   ILE A CB  1 
ATOM   22   C  CG1 . ILE A 1 3  ? -12.441 -6.077  3.962   1.00 28.60 ? 3   ILE A CG1 1 
ATOM   23   C  CG2 . ILE A 1 3  ? -10.418 -7.300  4.352   1.00 29.62 ? 3   ILE A CG2 1 
ATOM   24   C  CD1 . ILE A 1 3  ? -12.105 -5.857  2.499   1.00 30.51 ? 3   ILE A CD1 1 
ATOM   25   N  N   . THR A 1 4  ? -9.985  -7.465  7.705   1.00 28.28 ? 4   THR A N   1 
ATOM   26   C  CA  . THR A 1 4  ? -8.815  -7.509  8.580   1.00 28.92 ? 4   THR A CA  1 
ATOM   27   C  C   . THR A 1 4  ? -7.556  -7.701  7.737   1.00 27.97 ? 4   THR A C   1 
ATOM   28   O  O   . THR A 1 4  ? -7.623  -8.232  6.624   1.00 30.00 ? 4   THR A O   1 
ATOM   29   C  CB  . THR A 1 4  ? -8.910  -8.634  9.608   1.00 25.67 ? 4   THR A CB  1 
ATOM   30   O  OG1 . THR A 1 4  ? -9.425  -9.813  8.978   1.00 31.83 ? 4   THR A OG1 1 
ATOM   31   C  CG2 . THR A 1 4  ? -9.800  -8.226  10.766  1.00 25.07 ? 4   THR A CG2 1 
ATOM   32   N  N   . LEU A 1 5  ? -6.408  -7.322  8.293   1.00 26.62 ? 5   LEU A N   1 
ATOM   33   C  CA  . LEU A 1 5  ? -5.131  -7.402  7.584   1.00 22.41 ? 5   LEU A CA  1 
ATOM   34   C  C   . LEU A 1 5  ? -4.249  -8.597  7.897   1.00 22.57 ? 5   LEU A C   1 
ATOM   35   O  O   . LEU A 1 5  ? -3.046  -8.529  7.719   1.00 26.46 ? 5   LEU A O   1 
ATOM   36   C  CB  . LEU A 1 5  ? -4.326  -6.086  7.803   1.00 16.48 ? 5   LEU A CB  1 
ATOM   37   C  CG  . LEU A 1 5  ? -5.169  -4.828  7.480   1.00 11.06 ? 5   LEU A CG  1 
ATOM   38   C  CD1 . LEU A 1 5  ? -4.524  -3.505  7.817   1.00 5.92  ? 5   LEU A CD1 1 
ATOM   39   C  CD2 . LEU A 1 5  ? -5.492  -4.906  6.020   1.00 2.34  ? 5   LEU A CD2 1 
ATOM   40   N  N   . TRP A 1 6  ? -4.822  -9.686  8.393   1.00 24.50 ? 6   TRP A N   1 
ATOM   41   C  CA  . TRP A 1 6  ? -4.038  -10.876 8.694   1.00 24.91 ? 6   TRP A CA  1 
ATOM   42   C  C   . TRP A 1 6  ? -3.653  -11.457 7.387   1.00 28.66 ? 6   TRP A C   1 
ATOM   43   O  O   . TRP A 1 6  ? -2.506  -11.841 7.167   1.00 32.49 ? 6   TRP A O   1 
ATOM   44   C  CB  . TRP A 1 6  ? -4.855  -11.866 9.529   1.00 23.02 ? 6   TRP A CB  1 
ATOM   45   C  CG  . TRP A 1 6  ? -5.167  -11.325 10.893  1.00 22.09 ? 6   TRP A CG  1 
ATOM   46   C  CD1 . TRP A 1 6  ? -6.302  -10.683 11.279  1.00 20.22 ? 6   TRP A CD1 1 
ATOM   47   C  CD2 . TRP A 1 6  ? -4.272  -11.260 12.013  1.00 25.31 ? 6   TRP A CD2 1 
ATOM   48   N  NE1 . TRP A 1 6  ? -6.165  -10.202 12.557  1.00 21.97 ? 6   TRP A NE1 1 
ATOM   49   C  CE2 . TRP A 1 6  ? -4.926  -10.542 13.027  1.00 22.74 ? 6   TRP A CE2 1 
ATOM   50   C  CE3 . TRP A 1 6  ? -2.972  -11.730 12.252  1.00 25.59 ? 6   TRP A CE3 1 
ATOM   51   C  CZ2 . TRP A 1 6  ? -4.326  -10.282 14.263  1.00 25.17 ? 6   TRP A CZ2 1 
ATOM   52   C  CZ3 . TRP A 1 6  ? -2.380  -11.467 13.477  1.00 23.28 ? 6   TRP A CZ3 1 
ATOM   53   C  CH2 . TRP A 1 6  ? -3.059  -10.750 14.466  1.00 25.16 ? 6   TRP A CH2 1 
ATOM   54   N  N   . GLN A 1 7  ? -4.622  -11.511 6.487   1.00 33.43 ? 7   GLN A N   1 
ATOM   55   C  CA  . GLN A 1 7  ? -4.416  -12.013 5.136   1.00 35.19 ? 7   GLN A CA  1 
ATOM   56   C  C   . GLN A 1 7  ? -4.234  -10.701 4.275   1.00 36.27 ? 7   GLN A C   1 
ATOM   57   O  O   . GLN A 1 7  ? -4.261  -9.598  4.821   1.00 36.06 ? 7   GLN A O   1 
ATOM   58   C  CB  . GLN A 1 7  ? -5.706  -12.803 4.639   1.00 39.08 ? 7   GLN A CB  1 
ATOM   59   C  CG  . GLN A 1 7  ? -6.430  -13.691 5.724   1.00 46.66 ? 7   GLN A CG  1 
ATOM   60   C  CD  . GLN A 1 7  ? -7.509  -12.941 6.532   1.00 52.49 ? 7   GLN A CD  1 
ATOM   61   O  OE1 . GLN A 1 7  ? -7.318  -11.796 6.974   1.00 48.88 ? 7   GLN A OE1 1 
ATOM   62   N  NE2 . GLN A 1 7  ? -8.639  -13.603 6.748   1.00 54.65 ? 7   GLN A NE2 1 
ATOM   63   N  N   . ARG A 1 8  ? -4.012  -10.833 2.971   1.00 36.67 ? 8   ARG A N   1 
ATOM   64   C  CA  . ARG A 1 8  ? -3.886  -9.659  2.097   1.00 35.23 ? 8   ARG A CA  1 
ATOM   65   C  C   . ARG A 1 8  ? -5.348  -9.164  1.790   1.00 26.65 ? 8   ARG A C   1 
ATOM   66   O  O   . ARG A 1 8  ? -6.229  -9.964  1.466   1.00 23.76 ? 8   ARG A O   1 
ATOM   67   C  CB  . ARG A 1 8  ? -3.177  -10.037 0.770   1.00 37.47 ? 8   ARG A CB  1 
ATOM   68   C  CG  . ARG A 1 8  ? -1.659  -10.045 0.831   1.00 44.92 ? 8   ARG A CG  1 
ATOM   69   C  CD  . ARG A 1 8  ? -1.061  -10.600 -0.486  1.00 50.37 ? 8   ARG A CD  1 
ATOM   70   N  NE  . ARG A 1 8  ? 0.372   -10.327 -0.623  1.00 57.16 ? 8   ARG A NE  1 
ATOM   71   C  CZ  . ARG A 1 8  ? 1.056   -10.445 -1.761  1.00 62.92 ? 8   ARG A CZ  1 
ATOM   72   N  NH1 . ARG A 1 8  ? 2.351   -10.167 -1.786  1.00 65.91 ? 8   ARG A NH1 1 
ATOM   73   N  NH2 . ARG A 1 8  ? 0.462   -10.856 -2.876  1.00 68.43 ? 8   ARG A NH2 1 
ATOM   74   N  N   . PRO A 1 9  ? -5.601  -7.856  1.910   1.00 20.53 ? 9   PRO A N   1 
ATOM   75   C  CA  . PRO A 1 9  ? -6.950  -7.357  1.634   1.00 20.55 ? 9   PRO A CA  1 
ATOM   76   C  C   . PRO A 1 9  ? -7.255  -7.302  0.120   1.00 21.60 ? 9   PRO A C   1 
ATOM   77   O  O   . PRO A 1 9  ? -7.074  -6.276  -0.525  1.00 23.45 ? 9   PRO A O   1 
ATOM   78   C  CB  . PRO A 1 9  ? -6.939  -5.979  2.296   1.00 15.52 ? 9   PRO A CB  1 
ATOM   79   C  CG  . PRO A 1 9  ? -5.533  -5.547  2.136   1.00 16.07 ? 9   PRO A CG  1 
ATOM   80   C  CD  . PRO A 1 9  ? -4.718  -6.787  2.407   1.00 15.97 ? 9   PRO A CD  1 
ATOM   81   N  N   . VAL A 1 10 ? -7.720  -8.424  -0.422  1.00 23.73 ? 10  VAL A N   1 
ATOM   82   C  CA  . VAL A 1 10 ? -8.041  -8.550  -1.837  1.00 28.54 ? 10  VAL A CA  1 
ATOM   83   C  C   . VAL A 1 10 ? -9.568  -8.598  -2.084  1.00 34.04 ? 10  VAL A C   1 
ATOM   84   O  O   . VAL A 1 10 ? -10.278 -9.370  -1.435  1.00 38.77 ? 10  VAL A O   1 
ATOM   85   C  CB  . VAL A 1 10 ? -7.400  -9.849  -2.410  1.00 29.14 ? 10  VAL A CB  1 
ATOM   86   C  CG1 . VAL A 1 10 ? -7.887  -10.120 -3.828  1.00 32.86 ? 10  VAL A CG1 1 
ATOM   87   C  CG2 . VAL A 1 10 ? -5.882  -9.745  -2.382  1.00 29.95 ? 10  VAL A CG2 1 
ATOM   88   N  N   . VAL A 1 11 ? -10.054 -7.790  -3.022  1.00 35.17 ? 11  VAL A N   1 
ATOM   89   C  CA  . VAL A 1 11 ? -11.481 -7.765  -3.356  1.00 34.84 ? 11  VAL A CA  1 
ATOM   90   C  C   . VAL A 1 11 ? -11.678 -8.020  -4.809  1.00 37.59 ? 11  VAL A C   1 
ATOM   91   O  O   . VAL A 1 11 ? -10.710 -8.118  -5.561  1.00 40.16 ? 11  VAL A O   1 
ATOM   92   C  CB  . VAL A 1 11 ? -12.126 -6.423  -3.023  1.00 34.07 ? 11  VAL A CB  1 
ATOM   93   C  CG1 . VAL A 1 11 ? -12.252 -6.260  -1.521  1.00 37.94 ? 11  VAL A CG1 1 
ATOM   94   C  CG2 . VAL A 1 11 ? -11.322 -5.287  -3.630  1.00 29.35 ? 11  VAL A CG2 1 
ATOM   95   N  N   . THR A 1 12 ? -12.932 -8.143  -5.232  1.00 42.19 ? 12  THR A N   1 
ATOM   96   C  CA  . THR A 1 12 ? -13.225 -8.378  -6.644  1.00 39.79 ? 12  THR A CA  1 
ATOM   97   C  C   . THR A 1 12 ? -13.662 -7.097  -7.318  1.00 35.83 ? 12  THR A C   1 
ATOM   98   O  O   . THR A 1 12 ? -14.481 -6.355  -6.772  1.00 34.77 ? 12  THR A O   1 
ATOM   99   C  CB  . THR A 1 12 ? -14.338 -9.424  -6.829  1.00 39.53 ? 12  THR A CB  1 
ATOM   100  O  OG1 . THR A 1 12 ? -13.935 -10.666 -6.239  1.00 41.02 ? 12  THR A OG1 1 
ATOM   101  C  CG2 . THR A 1 12 ? -14.624 -9.640  -8.315  1.00 42.40 ? 12  THR A CG2 1 
ATOM   102  N  N   . ILE A 1 13 ? -13.078 -6.801  -8.475  1.00 35.51 ? 13  ILE A N   1 
ATOM   103  C  CA  . ILE A 1 13 ? -13.450 -5.609  -9.227  1.00 34.84 ? 13  ILE A CA  1 
ATOM   104  C  C   . ILE A 1 13 ? -13.876 -6.019  -10.614 1.00 35.38 ? 13  ILE A C   1 
ATOM   105  O  O   . ILE A 1 13 ? -13.344 -6.983  -11.159 1.00 35.98 ? 13  ILE A O   1 
ATOM   106  C  CB  . ILE A 1 13 ? -12.276 -4.583  -9.360  1.00 31.94 ? 13  ILE A CB  1 
ATOM   107  C  CG1 . ILE A 1 13 ? -11.129 -5.125  -10.176 1.00 29.05 ? 13  ILE A CG1 1 
ATOM   108  C  CG2 . ILE A 1 13 ? -11.808 -4.133  -7.992  1.00 32.09 ? 13  ILE A CG2 1 
ATOM   109  C  CD1 . ILE A 1 13 ? -10.034 -4.102  -10.394 1.00 28.32 ? 13  ILE A CD1 1 
ATOM   110  N  N   . LYS A 1 14 ? -14.901 -5.364  -11.151 1.00 35.79 ? 14  LYS A N   1 
ATOM   111  C  CA  . LYS A 1 14 ? -15.350 -5.654  -12.508 1.00 35.45 ? 14  LYS A CA  1 
ATOM   112  C  C   . LYS A 1 14 ? -14.949 -4.442  -13.294 1.00 36.39 ? 14  LYS A C   1 
ATOM   113  O  O   . LYS A 1 14 ? -15.331 -3.318  -12.955 1.00 34.58 ? 14  LYS A O   1 
ATOM   114  C  CB  . LYS A 1 14 ? -16.862 -5.873  -12.573 1.00 34.63 ? 14  LYS A CB  1 
ATOM   115  C  CG  . LYS A 1 14 ? -17.366 -6.413  -13.930 0.00 34.83 ? 14  LYS A CG  1 
ATOM   116  C  CD  . LYS A 1 14 ? -18.881 -6.682  -13.909 0.00 34.96 ? 14  LYS A CD  1 
ATOM   117  C  CE  . LYS A 1 14 ? -19.376 -7.184  -15.273 0.00 35.08 ? 14  LYS A CE  1 
ATOM   118  N  NZ  . LYS A 1 14 ? -20.849 -7.407  -15.303 0.00 35.06 ? 14  LYS A NZ  1 
ATOM   119  N  N   . ILE A 1 15 ? -14.079 -4.652  -14.274 1.00 38.15 ? 15  ILE A N   1 
ATOM   120  C  CA  . ILE A 1 15 ? -13.579 -3.574  -15.113 1.00 40.81 ? 15  ILE A CA  1 
ATOM   121  C  C   . ILE A 1 15 ? -13.502 -4.061  -16.510 1.00 44.64 ? 15  ILE A C   1 
ATOM   122  O  O   . ILE A 1 15 ? -12.861 -5.075  -16.792 1.00 45.02 ? 15  ILE A O   1 
ATOM   123  C  CB  . ILE A 1 15 ? -12.147 -3.053  -14.615 1.00 40.42 ? 15  ILE A CB  1 
ATOM   124  C  CG1 . ILE A 1 15 ? -11.613 -1.915  -15.461 1.00 38.83 ? 15  ILE A CG1 1 
ATOM   125  C  CG2 . ILE A 1 15 ? -11.110 -4.168  -14.662 1.00 42.98 ? 15  ILE A CG2 1 
ATOM   126  C  CD1 . ILE A 1 15 ? -10.436 -1.211  -14.839 1.00 41.62 ? 15  ILE A CD1 1 
ATOM   127  N  N   . GLY A 1 16 ? -14.206 -3.380  -17.404 1.00 49.77 ? 16  GLY A N   1 
ATOM   128  C  CA  . GLY A 1 16 ? -14.198 -3.777  -18.797 1.00 53.78 ? 16  GLY A CA  1 
ATOM   129  C  C   . GLY A 1 16 ? -15.079 -4.985  -19.053 1.00 58.04 ? 16  GLY A C   1 
ATOM   130  O  O   . GLY A 1 16 ? -14.810 -5.772  -19.959 1.00 61.03 ? 16  GLY A O   1 
ATOM   131  N  N   . GLY A 1 17 ? -16.121 -5.143  -18.244 1.00 58.34 ? 17  GLY A N   1 
ATOM   132  C  CA  . GLY A 1 17 ? -17.039 -6.253  -18.417 1.00 60.46 ? 17  GLY A CA  1 
ATOM   133  C  C   . GLY A 1 17 ? -16.577 -7.588  -17.868 1.00 64.24 ? 17  GLY A C   1 
ATOM   134  O  O   . GLY A 1 17 ? -17.343 -8.551  -17.865 1.00 66.90 ? 17  GLY A O   1 
ATOM   135  N  N   . GLN A 1 18 ? -15.340 -7.660  -17.391 1.00 65.68 ? 18  GLN A N   1 
ATOM   136  C  CA  . GLN A 1 18 ? -14.820 -8.907  -16.840 1.00 65.83 ? 18  GLN A CA  1 
ATOM   137  C  C   . GLN A 1 18 ? -14.330 -8.693  -15.399 1.00 62.94 ? 18  GLN A C   1 
ATOM   138  O  O   . GLN A 1 18 ? -13.802 -7.629  -15.072 1.00 61.28 ? 18  GLN A O   1 
ATOM   139  C  CB  . GLN A 1 18 ? -13.699 -9.478  -17.760 1.00 68.70 ? 18  GLN A CB  1 
ATOM   140  C  CG  . GLN A 1 18 ? -12.561 -8.508  -18.075 1.00 72.31 ? 18  GLN A CG  1 
ATOM   141  C  CD  . GLN A 1 18 ? -11.264 -8.923  -17.411 1.00 77.95 ? 18  GLN A CD  1 
ATOM   142  O  OE1 . GLN A 1 18 ? -10.834 -10.071 -17.527 1.00 79.90 ? 18  GLN A OE1 1 
ATOM   143  N  NE2 . GLN A 1 18 ? -10.637 -7.993  -16.701 1.00 79.79 ? 18  GLN A NE2 1 
ATOM   144  N  N   . LEU A 1 19 ? -14.594 -9.664  -14.529 1.00 61.50 ? 19  LEU A N   1 
ATOM   145  C  CA  . LEU A 1 19 ? -14.187 -9.569  -13.128 1.00 60.10 ? 19  LEU A CA  1 
ATOM   146  C  C   . LEU A 1 19 ? -12.818 -10.169 -12.837 1.00 58.93 ? 19  LEU A C   1 
ATOM   147  O  O   . LEU A 1 19 ? -12.432 -11.186 -13.417 1.00 61.22 ? 19  LEU A O   1 
ATOM   148  C  CB  . LEU A 1 19 ? -15.269 -10.157 -12.198 1.00 58.46 ? 19  LEU A CB  1 
ATOM   149  C  CG  . LEU A 1 19 ? -16.099 -11.375 -12.585 1.00 58.01 ? 19  LEU A CG  1 
ATOM   150  C  CD1 . LEU A 1 19 ? -15.325 -12.680 -12.588 1.00 59.26 ? 19  LEU A CD1 1 
ATOM   151  C  CD2 . LEU A 1 19 ? -17.224 -11.436 -11.573 1.00 60.45 ? 19  LEU A CD2 1 
ATOM   152  N  N   . MET A 1 20 ? -12.091 -9.529  -11.925 1.00 56.66 ? 20  MET A N   1 
ATOM   153  C  CA  . MET A 1 20 ? -10.743 -9.947  -11.549 1.00 51.94 ? 20  MET A CA  1 
ATOM   154  C  C   . MET A 1 20 ? -10.423 -9.535  -10.085 1.00 48.60 ? 20  MET A C   1 
ATOM   155  O  O   . MET A 1 20 ? -11.068 -8.644  -9.531  1.00 46.36 ? 20  MET A O   1 
ATOM   156  C  CB  . MET A 1 20 ? -9.733  -9.300  -12.516 1.00 51.45 ? 20  MET A CB  1 
ATOM   157  C  CG  . MET A 1 20 ? -10.079 -7.821  -12.849 1.00 51.47 ? 20  MET A CG  1 
ATOM   158  S  SD  . MET A 1 20 ? -9.050  -7.078  -14.117 1.00 50.45 ? 20  MET A SD  1 
ATOM   159  C  CE  . MET A 1 20 ? -7.967  -6.176  -13.092 1.00 50.89 ? 20  MET A CE  1 
ATOM   160  N  N   . GLU A 1 21 ? -9.429  -10.186 -9.483  1.00 44.06 ? 21  GLU A N   1 
ATOM   161  C  CA  . GLU A 1 21 ? -9.045  -9.887  -8.104  1.00 40.77 ? 21  GLU A CA  1 
ATOM   162  C  C   . GLU A 1 21 ? -8.031  -8.781  -8.031  1.00 36.51 ? 21  GLU A C   1 
ATOM   163  O  O   . GLU A 1 21 ? -7.128  -8.708  -8.862  1.00 39.69 ? 21  GLU A O   1 
ATOM   164  C  CB  . GLU A 1 21 ? -8.472  -11.137 -7.408  1.00 45.79 ? 21  GLU A CB  1 
ATOM   165  C  CG  . GLU A 1 21 ? -9.458  -12.297 -7.259  1.00 57.67 ? 21  GLU A CG  1 
ATOM   166  C  CD  . GLU A 1 21 ? -8.930  -13.426 -6.378  1.00 62.68 ? 21  GLU A CD  1 
ATOM   167  O  OE1 . GLU A 1 21 ? -7.743  -13.798 -6.507  1.00 62.92 ? 21  GLU A OE1 1 
ATOM   168  O  OE2 . GLU A 1 21 ? -9.716  -13.948 -5.559  1.00 68.07 ? 21  GLU A OE2 1 
ATOM   169  N  N   . ALA A 1 22 ? -8.169  -7.913  -7.036  1.00 26.51 ? 22  ALA A N   1 
ATOM   170  C  CA  . ALA A 1 22 ? -7.241  -6.808  -6.857  1.00 22.97 ? 22  ALA A CA  1 
ATOM   171  C  C   . ALA A 1 22 ? -6.914  -6.675  -5.403  1.00 22.98 ? 22  ALA A C   1 
ATOM   172  O  O   . ALA A 1 22 ? -7.543  -7.320  -4.569  1.00 25.38 ? 22  ALA A O   1 
ATOM   173  C  CB  . ALA A 1 22 ? -7.845  -5.512  -7.395  1.00 22.41 ? 22  ALA A CB  1 
ATOM   174  N  N   . LEU A 1 23 ? -5.938  -5.832  -5.076  1.00 18.58 ? 23  LEU A N   1 
ATOM   175  C  CA  . LEU A 1 23 ? -5.513  -5.629  -3.692  1.00 15.90 ? 23  LEU A CA  1 
ATOM   176  C  C   . LEU A 1 23 ? -5.783  -4.245  -3.248  1.00 15.44 ? 23  LEU A C   1 
ATOM   177  O  O   . LEU A 1 23 ? -5.445  -3.298  -3.949  1.00 19.48 ? 23  LEU A O   1 
ATOM   178  C  CB  . LEU A 1 23 ? -3.985  -5.898  -3.572  1.00 16.00 ? 23  LEU A CB  1 
ATOM   179  C  CG  . LEU A 1 23 ? -3.104  -5.693  -2.297  1.00 16.48 ? 23  LEU A CG  1 
ATOM   180  C  CD1 . LEU A 1 23 ? -3.221  -6.903  -1.385  1.00 12.97 ? 23  LEU A CD1 1 
ATOM   181  C  CD2 . LEU A 1 23 ? -1.656  -5.503  -2.688  1.00 10.26 ? 23  LEU A CD2 1 
ATOM   182  N  N   . ILE A 1 24 ? -6.365  -4.091  -2.065  1.00 13.38 ? 24  ILE A N   1 
ATOM   183  C  CA  . ILE A 1 24 ? -6.662  -2.768  -1.518  1.00 12.58 ? 24  ILE A CA  1 
ATOM   184  C  C   . ILE A 1 24 ? -5.363  -2.178  -0.946  1.00 15.67 ? 24  ILE A C   1 
ATOM   185  O  O   . ILE A 1 24 ? -4.855  -2.631  0.079   1.00 19.40 ? 24  ILE A O   1 
ATOM   186  C  CB  . ILE A 1 24 ? -7.716  -2.864  -0.432  1.00 12.83 ? 24  ILE A CB  1 
ATOM   187  C  CG1 . ILE A 1 24 ? -8.937  -3.529  -1.054  1.00 11.75 ? 24  ILE A CG1 1 
ATOM   188  C  CG2 . ILE A 1 24 ? -7.970  -1.500  0.193   1.00 5.20  ? 24  ILE A CG2 1 
ATOM   189  C  CD1 . ILE A 1 24 ? -9.721  -4.366  -0.068  1.00 23.35 ? 24  ILE A CD1 1 
ATOM   190  N  N   . ASP A 1 25 ? -4.863  -1.130  -1.575  1.00 11.32 ? 25  ASP A N   1 
ATOM   191  C  CA  . ASP A 1 25 ? -3.610  -0.553  -1.160  1.00 9.08  ? 25  ASP A CA  1 
ATOM   192  C  C   . ASP A 1 25 ? -3.732  0.837   -0.757  1.00 11.05 ? 25  ASP A C   1 
ATOM   193  O  O   . ASP A 1 25 ? -3.808  1.714   -1.592  1.00 18.84 ? 25  ASP A O   1 
ATOM   194  C  CB  . ASP A 1 25 ? -2.622  -0.683  -2.337  1.00 12.29 ? 25  ASP A CB  1 
ATOM   195  C  CG  . ASP A 1 25 ? -1.184  -0.441  -1.943  1.00 15.20 ? 25  ASP A CG  1 
ATOM   196  O  OD1 . ASP A 1 25 ? -0.313  -1.122  -2.510  1.00 25.48 ? 25  ASP A OD1 1 
ATOM   197  O  OD2 . ASP A 1 25 ? -0.900  0.424   -1.099  1.00 20.45 ? 25  ASP A OD2 1 
ATOM   198  N  N   . THR A 1 26 ? -3.632  1.098   0.537   1.00 12.21 ? 26  THR A N   1 
ATOM   199  C  CA  . THR A 1 26 ? -3.733  2.459   1.035   1.00 11.28 ? 26  THR A CA  1 
ATOM   200  C  C   . THR A 1 26 ? -2.487  3.293   0.812   1.00 15.11 ? 26  THR A C   1 
ATOM   201  O  O   . THR A 1 26 ? -2.466  4.489   1.109   1.00 18.54 ? 26  THR A O   1 
ATOM   202  C  CB  . THR A 1 26 ? -4.081  2.469   2.536   1.00 15.99 ? 26  THR A CB  1 
ATOM   203  O  OG1 . THR A 1 26 ? -3.129  1.674   3.265   1.00 20.83 ? 26  THR A OG1 1 
ATOM   204  C  CG2 . THR A 1 26 ? -5.465  1.906   2.754   1.00 15.64 ? 26  THR A CG2 1 
ATOM   205  N  N   . GLY A 1 27 ? -1.415  2.653   0.361   1.00 15.98 ? 27  GLY A N   1 
ATOM   206  C  CA  . GLY A 1 27 ? -0.176  3.373   0.109   1.00 15.20 ? 27  GLY A CA  1 
ATOM   207  C  C   . GLY A 1 27 ? -0.067  3.881   -1.316  1.00 14.83 ? 27  GLY A C   1 
ATOM   208  O  O   . GLY A 1 27 ? 0.672   4.822   -1.596  1.00 17.08 ? 27  GLY A O   1 
ATOM   209  N  N   . ALA A 1 28 ? -0.795  3.237   -2.227  1.00 15.11 ? 28  ALA A N   1 
ATOM   210  C  CA  . ALA A 1 28 ? -0.798  3.608   -3.649  1.00 14.43 ? 28  ALA A CA  1 
ATOM   211  C  C   . ALA A 1 28 ? -1.722  4.775   -3.889  1.00 17.80 ? 28  ALA A C   1 
ATOM   212  O  O   . ALA A 1 28 ? -2.930  4.685   -3.653  1.00 23.93 ? 28  ALA A O   1 
ATOM   213  C  CB  . ALA A 1 28 ? -1.245  2.409   -4.498  1.00 9.50  ? 28  ALA A CB  1 
ATOM   214  N  N   . ASP A 1 29 ? -1.168  5.883   -4.359  1.00 14.78 ? 29  ASP A N   1 
ATOM   215  C  CA  . ASP A 1 29 ? -1.986  7.047   -4.645  1.00 14.81 ? 29  ASP A CA  1 
ATOM   216  C  C   . ASP A 1 29 ? -2.884  6.754   -5.836  1.00 12.10 ? 29  ASP A C   1 
ATOM   217  O  O   . ASP A 1 29 ? -4.017  7.229   -5.896  1.00 18.84 ? 29  ASP A O   1 
ATOM   218  C  CB  . ASP A 1 29 ? -1.112  8.247   -4.965  1.00 16.41 ? 29  ASP A CB  1 
ATOM   219  C  CG  . ASP A 1 29 ? -0.232  8.651   -3.815  1.00 23.43 ? 29  ASP A CG  1 
ATOM   220  O  OD1 . ASP A 1 29 ? 0.575   9.586   -3.978  1.00 32.88 ? 29  ASP A OD1 1 
ATOM   221  O  OD2 . ASP A 1 29 ? -0.335  8.035   -2.742  1.00 35.88 ? 29  ASP A OD2 1 
ATOM   222  N  N   . ASP A 1 30 ? -2.407  5.915   -6.744  1.00 7.76  ? 30  ASP A N   1 
ATOM   223  C  CA  . ASP A 1 30 ? -3.143  5.597   -7.954  1.00 9.69  ? 30  ASP A CA  1 
ATOM   224  C  C   . ASP A 1 30 ? -3.469  4.191   -8.024  1.00 7.43  ? 30  ASP A C   1 
ATOM   225  O  O   . ASP A 1 30 ? -2.923  3.391   -7.289  1.00 11.87 ? 30  ASP A O   1 
ATOM   226  C  CB  . ASP A 1 30 ? -2.303  5.986   -9.204  1.00 15.90 ? 30  ASP A CB  1 
ATOM   227  C  CG  . ASP A 1 30 ? -1.663  7.357   -9.081  1.00 21.04 ? 30  ASP A CG  1 
ATOM   228  O  OD1 . ASP A 1 30 ? -2.390  8.365   -8.959  1.00 27.76 ? 30  ASP A OD1 1 
ATOM   229  O  OD2 . ASP A 1 30 ? -0.414  7.423   -9.118  1.00 32.21 ? 30  ASP A OD2 1 
ATOM   230  N  N   . THR A 1 31 ? -4.319  3.836   -8.977  1.00 12.55 ? 31  THR A N   1 
ATOM   231  C  CA  . THR A 1 31 ? -4.759  2.461   -9.182  1.00 15.36 ? 31  THR A CA  1 
ATOM   232  C  C   . THR A 1 31 ? -4.033  1.926   -10.376 1.00 22.58 ? 31  THR A C   1 
ATOM   233  O  O   . THR A 1 31 ? -4.162  2.476   -11.470 1.00 26.84 ? 31  THR A O   1 
ATOM   234  C  CB  . THR A 1 31 ? -6.272  2.466   -9.419  1.00 9.17  ? 31  THR A CB  1 
ATOM   235  O  OG1 . THR A 1 31 ? -6.907  2.914   -8.219  1.00 10.56 ? 31  THR A OG1 1 
ATOM   236  C  CG2 . THR A 1 31 ? -6.807  1.103   -9.782  1.00 3.80  ? 31  THR A CG2 1 
ATOM   237  N  N   . VAL A 1 32 ? -3.238  0.874   -10.182 1.00 24.06 ? 32  VAL A N   1 
ATOM   238  C  CA  . VAL A 1 32 ? -2.448  0.279   -11.268 1.00 19.73 ? 32  VAL A CA  1 
ATOM   239  C  C   . VAL A 1 32 ? -2.842  -1.164  -11.534 1.00 20.02 ? 32  VAL A C   1 
ATOM   240  O  O   . VAL A 1 32 ? -2.951  -1.954  -10.607 1.00 21.78 ? 32  VAL A O   1 
ATOM   241  C  CB  . VAL A 1 32 ? -0.926  0.360   -10.942 1.00 15.56 ? 32  VAL A CB  1 
ATOM   242  C  CG1 . VAL A 1 32 ? -0.090  -0.242  -12.063 1.00 21.61 ? 32  VAL A CG1 1 
ATOM   243  C  CG2 . VAL A 1 32 ? -0.528  1.795   -10.711 1.00 10.94 ? 32  VAL A CG2 1 
ATOM   244  N  N   . LEU A 1 33 ? -3.036  -1.522  -12.800 1.00 24.11 ? 33  LEU A N   1 
ATOM   245  C  CA  . LEU A 1 33 ? -3.435  -2.888  -13.151 1.00 31.46 ? 33  LEU A CA  1 
ATOM   246  C  C   . LEU A 1 33 ? -2.466  -3.579  -14.081 1.00 33.86 ? 33  LEU A C   1 
ATOM   247  O  O   . LEU A 1 33 ? -1.694  -2.928  -14.784 1.00 34.43 ? 33  LEU A O   1 
ATOM   248  C  CB  . LEU A 1 33 ? -4.817  -2.887  -13.783 1.00 31.67 ? 33  LEU A CB  1 
ATOM   249  C  CG  . LEU A 1 33 ? -6.114  -2.947  -13.009 1.00 31.46 ? 33  LEU A CG  1 
ATOM   250  C  CD1 . LEU A 1 33 ? -6.206  -2.041  -11.800 1.00 28.37 ? 33  LEU A CD1 1 
ATOM   251  C  CD2 . LEU A 1 33 ? -7.156  -2.579  -14.050 1.00 31.82 ? 33  LEU A CD2 1 
ATOM   252  N  N   . GLU A 1 34 ? -2.511  -4.907  -14.098 1.00 41.69 ? 34  GLU A N   1 
ATOM   253  C  CA  . GLU A 1 34 ? -1.624  -5.693  -14.947 1.00 48.11 ? 34  GLU A CA  1 
ATOM   254  C  C   . GLU A 1 34 ? -1.954  -5.484  -16.374 1.00 49.27 ? 34  GLU A C   1 
ATOM   255  O  O   . GLU A 1 34 ? -3.124  -5.414  -16.737 1.00 50.21 ? 34  GLU A O   1 
ATOM   256  C  CB  . GLU A 1 34 ? -1.709  -7.173  -14.595 1.00 52.63 ? 34  GLU A CB  1 
ATOM   257  C  CG  . GLU A 1 34 ? -1.233  -7.474  -13.178 1.00 65.84 ? 34  GLU A CG  1 
ATOM   258  C  CD  . GLU A 1 34 ? -0.984  -8.950  -12.932 1.00 71.50 ? 34  GLU A CD  1 
ATOM   259  O  OE1 . GLU A 1 34 ? 0.190   -9.314  -12.713 1.00 76.89 ? 34  GLU A OE1 1 
ATOM   260  O  OE2 . GLU A 1 34 ? -1.958  -9.739  -12.950 1.00 73.86 ? 34  GLU A OE2 1 
ATOM   261  N  N   . GLU A 1 35 ? -0.921  -5.410  -17.207 1.00 51.95 ? 35  GLU A N   1 
ATOM   262  C  CA  . GLU A 1 35 ? -1.083  -5.171  -18.639 1.00 53.39 ? 35  GLU A CA  1 
ATOM   263  C  C   . GLU A 1 35 ? -2.250  -5.841  -19.349 1.00 52.19 ? 35  GLU A C   1 
ATOM   264  O  O   . GLU A 1 35 ? -2.473  -7.055  -19.249 1.00 49.15 ? 35  GLU A O   1 
ATOM   265  C  CB  . GLU A 1 35 ? 0.231   -5.411  -19.392 1.00 54.90 ? 35  GLU A CB  1 
ATOM   266  C  CG  . GLU A 1 35 ? 1.190   -4.213  -19.305 1.00 61.82 ? 35  GLU A CG  1 
ATOM   267  C  CD  . GLU A 1 35 ? 2.587   -4.506  -19.833 1.00 67.83 ? 35  GLU A CD  1 
ATOM   268  O  OE1 . GLU A 1 35 ? 3.336   -3.533  -20.078 1.00 71.07 ? 35  GLU A OE1 1 
ATOM   269  O  OE2 . GLU A 1 35 ? 2.948   -5.696  -19.984 1.00 70.60 ? 35  GLU A OE2 1 
ATOM   270  N  N   . MET A 1 36 ? -3.024  -4.990  -20.012 1.00 51.42 ? 36  MET A N   1 
ATOM   271  C  CA  . MET A 1 36 ? -4.196  -5.363  -20.787 1.00 50.07 ? 36  MET A CA  1 
ATOM   272  C  C   . MET A 1 36 ? -4.667  -4.086  -21.406 1.00 47.04 ? 36  MET A C   1 
ATOM   273  O  O   . MET A 1 36 ? -4.171  -3.006  -21.063 1.00 40.33 ? 36  MET A O   1 
ATOM   274  C  CB  . MET A 1 36 ? -5.287  -5.932  -19.877 1.00 53.03 ? 36  MET A CB  1 
ATOM   275  C  CG  . MET A 1 36 ? -5.817  -4.941  -18.822 1.00 57.77 ? 36  MET A CG  1 
ATOM   276  S  SD  . MET A 1 36 ? -7.053  -5.680  -17.737 1.00 64.07 ? 36  MET A SD  1 
ATOM   277  C  CE  . MET A 1 36 ? -8.430  -5.875  -18.877 1.00 64.27 ? 36  MET A CE  1 
ATOM   278  N  N   . ASP A 1 37 ? -5.559  -4.190  -22.383 1.00 47.83 ? 37  ASP A N   1 
ATOM   279  C  CA  . ASP A 1 37 ? -6.100  -2.997  -23.018 1.00 50.04 ? 37  ASP A CA  1 
ATOM   280  C  C   . ASP A 1 37 ? -7.547  -2.841  -22.650 1.00 48.68 ? 37  ASP A C   1 
ATOM   281  O  O   . ASP A 1 37 ? -8.320  -3.798  -22.696 1.00 49.63 ? 37  ASP A O   1 
ATOM   282  C  CB  . ASP A 1 37 ? -5.860  -2.971  -24.605 1.00 52.37 ? 37  ASP A CB  1 
ATOM   283  C  CG  . ASP A 1 37 ? -6.060  -4.326  -25.270 1.00 58.82 ? 37  ASP A CG  1 
ATOM   284  O  OD1 . ASP A 1 37 ? -5.127  -4.782  -25.975 1.00 56.21 ? 37  ASP A OD1 1 
ATOM   285  O  OD2 . ASP A 1 37 ? -7.154  -4.915  -25.124 1.00 62.53 ? 37  ASP A OD2 1 
ATOM   286  N  N   . LEU A 1 38 ? -7.883  -1.659  -22.150 1.00 47.61 ? 38  LEU A N   1 
ATOM   287  C  CA  . LEU A 1 38 ? -9.241  -1.341  -21.726 1.00 44.89 ? 38  LEU A CA  1 
ATOM   288  C  C   . LEU A 1 38 ? -9.939  -0.581  -22.818 1.00 48.77 ? 38  LEU A C   1 
ATOM   289  O  O   . LEU A 1 38 ? -9.284  0.059   -23.649 1.00 47.93 ? 38  LEU A O   1 
ATOM   290  C  CB  . LEU A 1 38 ? -9.191  -0.454  -20.469 1.00 37.32 ? 38  LEU A CB  1 
ATOM   291  C  CG  . LEU A 1 38 ? -8.406  -0.989  -19.292 1.00 33.63 ? 38  LEU A CG  1 
ATOM   292  C  CD1 . LEU A 1 38 ? -7.993  0.113   -18.345 1.00 31.36 ? 38  LEU A CD1 1 
ATOM   293  C  CD2 . LEU A 1 38 ? -9.245  -2.026  -18.584 1.00 34.75 ? 38  LEU A CD2 1 
ATOM   294  N  N   . PRO A 1 39 ? -11.285 -0.650  -22.866 1.00 51.57 ? 39  PRO A N   1 
ATOM   295  C  CA  . PRO A 1 39 ? -12.043 0.070   -23.899 1.00 50.14 ? 39  PRO A CA  1 
ATOM   296  C  C   . PRO A 1 39 ? -11.943 1.596   -23.672 1.00 45.94 ? 39  PRO A C   1 
ATOM   297  O  O   . PRO A 1 39 ? -12.729 2.188   -22.929 1.00 47.56 ? 39  PRO A O   1 
ATOM   298  C  CB  . PRO A 1 39 ? -13.476 -0.456  -23.701 1.00 50.63 ? 39  PRO A CB  1 
ATOM   299  C  CG  . PRO A 1 39 ? -13.515 -0.804  -22.241 1.00 50.96 ? 39  PRO A CG  1 
ATOM   300  C  CD  . PRO A 1 39 ? -12.183 -1.486  -22.045 1.00 51.41 ? 39  PRO A CD  1 
ATOM   301  N  N   . GLY A 1 40 ? -10.927 2.199   -24.281 1.00 41.83 ? 40  GLY A N   1 
ATOM   302  C  CA  . GLY A 1 40 ? -10.699 3.625   -24.163 1.00 33.26 ? 40  GLY A CA  1 
ATOM   303  C  C   . GLY A 1 40 ? -9.379  3.969   -24.825 1.00 29.96 ? 40  GLY A C   1 
ATOM   304  O  O   . GLY A 1 40 ? -8.801  3.148   -25.536 1.00 30.62 ? 40  GLY A O   1 
ATOM   305  N  N   . ARG A 1 41 ? -8.902  5.183   -24.602 1.00 27.47 ? 41  ARG A N   1 
ATOM   306  C  CA  . ARG A 1 41 ? -7.636  5.610   -25.176 1.00 26.51 ? 41  ARG A CA  1 
ATOM   307  C  C   . ARG A 1 41 ? -6.720  6.079   -24.069 1.00 28.77 ? 41  ARG A C   1 
ATOM   308  O  O   . ARG A 1 41 ? -7.141  6.800   -23.160 1.00 28.14 ? 41  ARG A O   1 
ATOM   309  C  CB  . ARG A 1 41 ? -7.858  6.733   -26.221 1.00 29.37 ? 41  ARG A CB  1 
ATOM   310  C  CG  . ARG A 1 41 ? -8.370  6.242   -27.602 1.00 28.36 ? 41  ARG A CG  1 
ATOM   311  C  CD  . ARG A 1 41 ? -8.401  7.401   -28.634 1.00 28.79 ? 41  ARG A CD  1 
ATOM   312  N  NE  . ARG A 1 41 ? -7.097  8.041   -28.812 1.00 28.83 ? 41  ARG A NE  1 
ATOM   313  C  CZ  . ARG A 1 41 ? -6.196  7.665   -29.720 1.00 25.40 ? 41  ARG A CZ  1 
ATOM   314  N  NH1 . ARG A 1 41 ? -5.035  8.302   -29.818 1.00 18.08 ? 41  ARG A NH1 1 
ATOM   315  N  NH2 . ARG A 1 41 ? -6.467  6.662   -30.535 1.00 13.01 ? 41  ARG A NH2 1 
ATOM   316  N  N   . TRP A 1 42 ? -5.460  5.665   -24.137 1.00 29.11 ? 42  TRP A N   1 
ATOM   317  C  CA  . TRP A 1 42 ? -4.475  6.007   -23.122 1.00 24.24 ? 42  TRP A CA  1 
ATOM   318  C  C   . TRP A 1 42 ? -3.432  6.998   -23.514 1.00 25.53 ? 42  TRP A C   1 
ATOM   319  O  O   . TRP A 1 42 ? -3.223  7.272   -24.695 1.00 26.72 ? 42  TRP A O   1 
ATOM   320  C  CB  . TRP A 1 42 ? -3.803  4.752   -22.651 1.00 22.03 ? 42  TRP A CB  1 
ATOM   321  C  CG  . TRP A 1 42 ? -3.089  3.976   -23.729 1.00 15.77 ? 42  TRP A CG  1 
ATOM   322  C  CD1 . TRP A 1 42 ? -3.628  3.029   -24.556 1.00 16.11 ? 42  TRP A CD1 1 
ATOM   323  C  CD2 . TRP A 1 42 ? -1.687  4.005   -24.020 1.00 9.40  ? 42  TRP A CD2 1 
ATOM   324  N  NE1 . TRP A 1 42 ? -2.642  2.459   -25.324 1.00 11.55 ? 42  TRP A NE1 1 
ATOM   325  C  CE2 . TRP A 1 42 ? -1.444  3.043   -25.013 1.00 11.01 ? 42  TRP A CE2 1 
ATOM   326  C  CE3 . TRP A 1 42 ? -0.603  4.749   -23.522 1.00 17.68 ? 42  TRP A CE3 1 
ATOM   327  C  CZ2 . TRP A 1 42 ? -0.171  2.801   -25.515 1.00 12.35 ? 42  TRP A CZ2 1 
ATOM   328  C  CZ3 . TRP A 1 42 ? 0.666   4.500   -24.022 1.00 16.84 ? 42  TRP A CZ3 1 
ATOM   329  C  CH2 . TRP A 1 42 ? 0.865   3.537   -25.009 1.00 14.63 ? 42  TRP A CH2 1 
ATOM   330  N  N   . LYS A 1 43 ? -2.785  7.563   -22.499 1.00 27.70 ? 43  LYS A N   1 
ATOM   331  C  CA  . LYS A 1 43 ? -1.704  8.530   -22.674 1.00 30.50 ? 43  LYS A CA  1 
ATOM   332  C  C   . LYS A 1 43 ? -0.545  7.967   -21.801 1.00 33.59 ? 43  LYS A C   1 
ATOM   333  O  O   . LYS A 1 43 ? -0.787  7.177   -20.887 1.00 32.30 ? 43  LYS A O   1 
ATOM   334  C  CB  . LYS A 1 43 ? -2.134  9.939   -22.197 1.00 31.78 ? 43  LYS A CB  1 
ATOM   335  C  CG  . LYS A 1 43 ? -2.312  10.080  -20.684 1.00 42.09 ? 43  LYS A CG  1 
ATOM   336  C  CD  . LYS A 1 43 ? -2.730  11.499  -20.265 1.00 43.68 ? 43  LYS A CD  1 
ATOM   337  C  CE  . LYS A 1 43 ? -4.238  11.720  -20.426 1.00 49.18 ? 43  LYS A CE  1 
ATOM   338  N  NZ  . LYS A 1 43 ? -4.646  13.089  -19.978 1.00 54.11 ? 43  LYS A NZ  1 
ATOM   339  N  N   . PRO A 1 44 ? 0.714   8.322   -22.110 1.00 35.08 ? 44  PRO A N   1 
ATOM   340  C  CA  . PRO A 1 44 ? 1.844   7.813   -21.320 1.00 32.77 ? 44  PRO A CA  1 
ATOM   341  C  C   . PRO A 1 44 ? 1.981   8.409   -19.923 1.00 29.74 ? 44  PRO A C   1 
ATOM   342  O  O   . PRO A 1 44 ? 1.562   9.543   -19.677 1.00 27.29 ? 44  PRO A O   1 
ATOM   343  C  CB  . PRO A 1 44 ? 3.041   8.148   -22.193 1.00 32.49 ? 44  PRO A CB  1 
ATOM   344  C  CG  . PRO A 1 44 ? 2.614   9.420   -22.868 1.00 35.23 ? 44  PRO A CG  1 
ATOM   345  C  CD  . PRO A 1 44 ? 1.193   9.111   -23.262 1.00 34.33 ? 44  PRO A CD  1 
ATOM   346  N  N   . LYS A 1 45 ? 2.583   7.636   -19.022 1.00 30.06 ? 45  LYS A N   1 
ATOM   347  C  CA  . LYS A 1 45 ? 2.803   8.050   -17.633 1.00 30.04 ? 45  LYS A CA  1 
ATOM   348  C  C   . LYS A 1 45 ? 3.939   7.197   -16.974 1.00 30.12 ? 45  LYS A C   1 
ATOM   349  O  O   . LYS A 1 45 ? 4.074   6.001   -17.244 1.00 25.24 ? 45  LYS A O   1 
ATOM   350  C  CB  . LYS A 1 45 ? 1.502   7.860   -16.807 1.00 34.39 ? 45  LYS A CB  1 
ATOM   351  C  CG  . LYS A 1 45 ? 1.439   8.690   -15.524 1.00 35.24 ? 45  LYS A CG  1 
ATOM   352  C  CD  . LYS A 1 45 ? 0.329   8.194   -14.625 1.00 40.65 ? 45  LYS A CD  1 
ATOM   353  C  CE  . LYS A 1 45 ? -0.379  9.354   -13.916 1.00 45.01 ? 45  LYS A CE  1 
ATOM   354  N  NZ  . LYS A 1 45 ? 0.537   10.241  -13.146 1.00 46.76 ? 45  LYS A NZ  1 
ATOM   355  N  N   . ILE A 1 46 ? 4.749   7.836   -16.139 1.00 30.70 ? 46  ILE A N   1 
ATOM   356  C  CA  . ILE A 1 46 ? 5.827   7.146   -15.446 1.00 32.95 ? 46  ILE A CA  1 
ATOM   357  C  C   . ILE A 1 46 ? 5.639   7.314   -13.949 1.00 34.31 ? 46  ILE A C   1 
ATOM   358  O  O   . ILE A 1 46 ? 5.757   8.423   -13.419 1.00 36.00 ? 46  ILE A O   1 
ATOM   359  C  CB  . ILE A 1 46 ? 7.246   7.679   -15.884 1.00 35.47 ? 46  ILE A CB  1 
ATOM   360  C  CG1 . ILE A 1 46 ? 7.762   7.040   -17.222 1.00 34.24 ? 46  ILE A CG1 1 
ATOM   361  C  CG2 . ILE A 1 46 ? 8.299   7.280   -14.860 1.00 38.49 ? 46  ILE A CG2 1 
ATOM   362  C  CD1 . ILE A 1 46 ? 6.976   7.416   -18.468 1.00 38.55 ? 46  ILE A CD1 1 
ATOM   363  N  N   . ILE A 1 47 ? 5.285   6.218   -13.282 1.00 33.33 ? 47  ILE A N   1 
ATOM   364  C  CA  . ILE A 1 47 ? 5.072   6.211   -11.830 1.00 32.18 ? 47  ILE A CA  1 
ATOM   365  C  C   . ILE A 1 47 ? 6.233   5.522   -11.148 1.00 34.32 ? 47  ILE A C   1 
ATOM   366  O  O   . ILE A 1 47 ? 6.934   4.715   -11.755 1.00 32.66 ? 47  ILE A O   1 
ATOM   367  C  CB  . ILE A 1 47 ? 3.771   5.448   -11.424 1.00 27.36 ? 47  ILE A CB  1 
ATOM   368  C  CG1 . ILE A 1 47 ? 3.863   4.033   -12.015 1.00 23.71 ? 47  ILE A CG1 1 
ATOM   369  C  CG2 . ILE A 1 47 ? 2.532   6.253   -11.795 1.00 28.98 ? 47  ILE A CG2 1 
ATOM   370  C  CD1 . ILE A 1 47 ? 2.810   3.087   -11.530 1.00 17.44 ? 47  ILE A CD1 1 
ATOM   371  N  N   . GLY A 1 48 ? 6.413   5.788   -9.863  1.00 38.80 ? 48  GLY A N   1 
ATOM   372  C  CA  . GLY A 1 48 ? 7.504   5.172   -9.140  1.00 39.53 ? 48  GLY A CA  1 
ATOM   373  C  C   . GLY A 1 48 ? 7.056   4.272   -8.010  1.00 39.21 ? 48  GLY A C   1 
ATOM   374  O  O   . GLY A 1 48 ? 6.125   4.602   -7.271  1.00 39.29 ? 48  GLY A O   1 
ATOM   375  N  N   . GLY A 1 49 ? 7.664   3.098   -7.933  1.00 36.81 ? 49  GLY A N   1 
ATOM   376  C  CA  . GLY A 1 49 ? 7.362   2.164   -6.873  1.00 35.40 ? 49  GLY A CA  1 
ATOM   377  C  C   . GLY A 1 49 ? 8.557   2.216   -5.949  1.00 38.91 ? 49  GLY A C   1 
ATOM   378  O  O   . GLY A 1 49 ? 9.399   3.111   -6.061  1.00 38.11 ? 49  GLY A O   1 
ATOM   379  N  N   . ILE A 1 50 ? 8.669   1.238   -5.060  1.00 41.82 ? 50  ILE A N   1 
ATOM   380  C  CA  . ILE A 1 50 ? 9.790   1.207   -4.131  1.00 43.91 ? 50  ILE A CA  1 
ATOM   381  C  C   . ILE A 1 50 ? 11.087  0.791   -4.921  1.00 46.18 ? 50  ILE A C   1 
ATOM   382  O  O   . ILE A 1 50 ? 12.172  1.333   -4.693  1.00 48.30 ? 50  ILE A O   1 
ATOM   383  C  CB  . ILE A 1 50 ? 9.500   0.219   -2.924  1.00 41.48 ? 50  ILE A CB  1 
ATOM   384  C  CG1 . ILE A 1 50 ? 10.376  0.563   -1.731  1.00 41.46 ? 50  ILE A CG1 1 
ATOM   385  C  CG2 . ILE A 1 50 ? 9.628   -1.233  -3.371  1.00 39.53 ? 50  ILE A CG2 1 
ATOM   386  C  CD1 . ILE A 1 50 ? 10.025  -0.214  -0.483  1.00 43.84 ? 50  ILE A CD1 1 
ATOM   387  N  N   . GLY A 1 51 ? 10.919  -0.110  -5.886  1.00 45.29 ? 51  GLY A N   1 
ATOM   388  C  CA  . GLY A 1 51 ? 12.044  -0.575  -6.683  1.00 46.72 ? 51  GLY A CA  1 
ATOM   389  C  C   . GLY A 1 51 ? 12.589  0.455   -7.659  1.00 44.73 ? 51  GLY A C   1 
ATOM   390  O  O   . GLY A 1 51 ? 13.765  0.409   -8.006  1.00 46.35 ? 51  GLY A O   1 
ATOM   391  N  N   . GLY A 1 52 ? 11.745  1.390   -8.090  1.00 45.81 ? 52  GLY A N   1 
ATOM   392  C  CA  . GLY A 1 52 ? 12.166  2.415   -9.027  1.00 43.74 ? 52  GLY A CA  1 
ATOM   393  C  C   . GLY A 1 52 ? 11.005  2.920   -9.869  1.00 43.79 ? 52  GLY A C   1 
ATOM   394  O  O   . GLY A 1 52 ? 9.844   2.709   -9.517  1.00 44.60 ? 52  GLY A O   1 
ATOM   395  N  N   . PHE A 1 53 ? 11.316  3.609   -10.965 1.00 39.66 ? 53  PHE A N   1 
ATOM   396  C  CA  . PHE A 1 53 ? 10.295  4.133   -11.867 1.00 38.01 ? 53  PHE A CA  1 
ATOM   397  C  C   . PHE A 1 53 ? 9.861   3.127   -12.879 1.00 38.31 ? 53  PHE A C   1 
ATOM   398  O  O   . PHE A 1 53 ? 10.632  2.256   -13.274 1.00 40.05 ? 53  PHE A O   1 
ATOM   399  C  CB  . PHE A 1 53 ? 10.780  5.342   -12.548 1.00 41.13 ? 53  PHE A CB  1 
ATOM   400  C  CG  . PHE A 1 53 ? 10.784  6.561   -11.680 1.00 49.45 ? 53  PHE A CG  1 
ATOM   401  C  CD1 . PHE A 1 53 ? 11.932  6.942   -11.006 1.00 55.71 ? 53  PHE A CD1 1 
ATOM   402  C  CD2 . PHE A 1 53 ? 9.637   7.325   -11.532 1.00 52.46 ? 53  PHE A CD2 1 
ATOM   403  C  CE1 . PHE A 1 53 ? 11.937  8.076   -10.198 1.00 60.33 ? 53  PHE A CE1 1 
ATOM   404  C  CE2 . PHE A 1 53 ? 9.634   8.460   -10.724 1.00 56.10 ? 53  PHE A CE2 1 
ATOM   405  C  CZ  . PHE A 1 53 ? 10.784  8.834   -10.055 1.00 59.62 ? 53  PHE A CZ  1 
ATOM   406  N  N   . VAL A 1 54 ? 8.617   3.239   -13.322 1.00 36.37 ? 54  VAL A N   1 
ATOM   407  C  CA  . VAL A 1 54 ? 8.076   2.314   -14.310 1.00 36.42 ? 54  VAL A CA  1 
ATOM   408  C  C   . VAL A 1 54 ? 7.134   3.074   -15.291 1.00 37.84 ? 54  VAL A C   1 
ATOM   409  O  O   . VAL A 1 54 ? 6.630   4.159   -14.971 1.00 37.17 ? 54  VAL A O   1 
ATOM   410  C  CB  . VAL A 1 54 ? 7.354   1.103   -13.619 1.00 35.97 ? 54  VAL A CB  1 
ATOM   411  C  CG1 . VAL A 1 54 ? 6.226   1.588   -12.736 1.00 37.40 ? 54  VAL A CG1 1 
ATOM   412  C  CG2 . VAL A 1 54 ? 6.853   0.115   -14.654 1.00 36.72 ? 54  VAL A CG2 1 
ATOM   413  N  N   . LYS A 1 55 ? 6.974   2.529   -16.495 1.00 37.49 ? 55  LYS A N   1 
ATOM   414  C  CA  . LYS A 1 55 ? 6.150   3.153   -17.528 1.00 35.26 ? 55  LYS A CA  1 
ATOM   415  C  C   . LYS A 1 55 ? 4.800   2.496   -17.634 1.00 33.46 ? 55  LYS A C   1 
ATOM   416  O  O   . LYS A 1 55 ? 4.711   1.277   -17.804 1.00 32.49 ? 55  LYS A O   1 
ATOM   417  C  CB  . LYS A 1 55 ? 6.873   3.082   -18.919 1.00 36.28 ? 55  LYS A CB  1 
ATOM   418  C  CG  . LYS A 1 55 ? 8.284   3.712   -18.951 0.00 35.84 ? 55  LYS A CG  1 
ATOM   419  C  CD  . LYS A 1 55 ? 8.983   3.519   -20.329 0.00 36.17 ? 55  LYS A CD  1 
ATOM   420  C  CE  . LYS A 1 55 ? 8.329   4.362   -21.440 0.00 36.12 ? 55  LYS A CE  1 
ATOM   421  N  NZ  . LYS A 1 55 ? 9.025   4.201   -22.753 0.00 36.22 ? 55  LYS A NZ  1 
ATOM   422  N  N   . VAL A 1 56 ? 3.744   3.300   -17.547 1.00 29.36 ? 56  VAL A N   1 
ATOM   423  C  CA  . VAL A 1 56 ? 2.379   2.791   -17.648 1.00 25.87 ? 56  VAL A CA  1 
ATOM   424  C  C   . VAL A 1 56 ? 1.524   3.562   -18.652 1.00 25.96 ? 56  VAL A C   1 
ATOM   425  O  O   . VAL A 1 56 ? 1.893   4.648   -19.107 1.00 23.69 ? 56  VAL A O   1 
ATOM   426  C  CB  . VAL A 1 56 ? 1.626   2.786   -16.246 1.00 22.07 ? 56  VAL A CB  1 
ATOM   427  C  CG1 . VAL A 1 56 ? 2.204   1.724   -15.334 1.00 23.09 ? 56  VAL A CG1 1 
ATOM   428  C  CG2 . VAL A 1 56 ? 1.694   4.160   -15.587 1.00 17.85 ? 56  VAL A CG2 1 
ATOM   429  N  N   . ARG A 1 57 ? 0.375   2.984   -18.980 1.00 26.26 ? 57  ARG A N   1 
ATOM   430  C  CA  . ARG A 1 57 ? -0.586  3.571   -19.902 1.00 23.87 ? 57  ARG A CA  1 
ATOM   431  C  C   . ARG A 1 57 ? -1.710  4.136   -19.056 1.00 23.73 ? 57  ARG A C   1 
ATOM   432  O  O   . ARG A 1 57 ? -2.423  3.397   -18.383 1.00 27.79 ? 57  ARG A O   1 
ATOM   433  C  CB  . ARG A 1 57 ? -1.132  2.486   -20.842 1.00 19.38 ? 57  ARG A CB  1 
ATOM   434  C  CG  . ARG A 1 57 ? -0.067  1.515   -21.271 1.00 22.25 ? 57  ARG A CG  1 
ATOM   435  C  CD  . ARG A 1 57 ? -0.358  0.813   -22.566 1.00 24.93 ? 57  ARG A CD  1 
ATOM   436  N  NE  . ARG A 1 57 ? -1.478  -0.118  -22.503 1.00 30.35 ? 57  ARG A NE  1 
ATOM   437  C  CZ  . ARG A 1 57 ? -1.783  -0.961  -23.486 1.00 37.30 ? 57  ARG A CZ  1 
ATOM   438  N  NH1 . ARG A 1 57 ? -2.823  -1.773  -23.369 1.00 40.39 ? 57  ARG A NH1 1 
ATOM   439  N  NH2 . ARG A 1 57 ? -1.035  -1.000  -24.587 1.00 43.75 ? 57  ARG A NH2 1 
ATOM   440  N  N   . GLN A 1 58 ? -1.840  5.451   -19.039 1.00 21.70 ? 58  GLN A N   1 
ATOM   441  C  CA  . GLN A 1 58 ? -2.882  6.076   -18.254 1.00 19.78 ? 58  GLN A CA  1 
ATOM   442  C  C   . GLN A 1 58 ? -4.218  6.152   -19.000 1.00 21.43 ? 58  GLN A C   1 
ATOM   443  O  O   . GLN A 1 58 ? -4.302  6.755   -20.067 1.00 25.58 ? 58  GLN A O   1 
ATOM   444  C  CB  . GLN A 1 58 ? -2.465  7.435   -17.862 1.00 19.32 ? 58  GLN A CB  1 
ATOM   445  C  CG  . GLN A 1 58 ? -3.409  8.080   -16.909 1.00 22.65 ? 58  GLN A CG  1 
ATOM   446  C  CD  . GLN A 1 58 ? -3.233  9.569   -16.847 1.00 27.51 ? 58  GLN A CD  1 
ATOM   447  O  OE1 . GLN A 1 58 ? -4.216  10.305  -16.821 1.00 31.64 ? 58  GLN A OE1 1 
ATOM   448  N  NE2 . GLN A 1 58 ? -1.985  10.032  -16.836 1.00 29.86 ? 58  GLN A NE2 1 
ATOM   449  N  N   . TYR A 1 59 ? -5.243  5.503   -18.457 1.00 23.78 ? 59  TYR A N   1 
ATOM   450  C  CA  . TYR A 1 59 ? -6.589  5.519   -19.040 1.00 22.19 ? 59  TYR A CA  1 
ATOM   451  C  C   . TYR A 1 59 ? -7.494  6.361   -18.133 1.00 24.82 ? 59  TYR A C   1 
ATOM   452  O  O   . TYR A 1 59 ? -7.648  6.059   -16.959 1.00 22.77 ? 59  TYR A O   1 
ATOM   453  C  CB  . TYR A 1 59 ? -7.172  4.115   -19.128 1.00 18.19 ? 59  TYR A CB  1 
ATOM   454  C  CG  . TYR A 1 59 ? -6.638  3.219   -20.230 1.00 25.20 ? 59  TYR A CG  1 
ATOM   455  C  CD1 . TYR A 1 59 ? -5.505  2.417   -20.028 1.00 26.85 ? 59  TYR A CD1 1 
ATOM   456  C  CD2 . TYR A 1 59 ? -7.339  3.071   -21.432 1.00 27.01 ? 59  TYR A CD2 1 
ATOM   457  C  CE1 . TYR A 1 59 ? -5.095  1.485   -20.985 1.00 19.45 ? 59  TYR A CE1 1 
ATOM   458  C  CE2 . TYR A 1 59 ? -6.935  2.139   -22.397 1.00 26.90 ? 59  TYR A CE2 1 
ATOM   459  C  CZ  . TYR A 1 59 ? -5.814  1.341   -22.163 1.00 21.69 ? 59  TYR A CZ  1 
ATOM   460  O  OH  . TYR A 1 59 ? -5.456  0.387   -23.074 1.00 24.67 ? 59  TYR A OH  1 
ATOM   461  N  N   . ASP A 1 60 ? -8.077  7.424   -18.675 1.00 30.56 ? 60  ASP A N   1 
ATOM   462  C  CA  . ASP A 1 60 ? -8.958  8.293   -17.896 1.00 29.29 ? 60  ASP A CA  1 
ATOM   463  C  C   . ASP A 1 60 ? -10.447 7.861   -17.930 1.00 30.62 ? 60  ASP A C   1 
ATOM   464  O  O   . ASP A 1 60 ? -10.860 7.087   -18.797 1.00 32.87 ? 60  ASP A O   1 
ATOM   465  C  CB  . ASP A 1 60 ? -8.849  9.737   -18.382 1.00 29.08 ? 60  ASP A CB  1 
ATOM   466  C  CG  . ASP A 1 60 ? -7.633  10.448  -17.845 1.00 33.44 ? 60  ASP A CG  1 
ATOM   467  O  OD1 . ASP A 1 60 ? -7.194  11.428  -18.477 1.00 39.19 ? 60  ASP A OD1 1 
ATOM   468  O  OD2 . ASP A 1 60 ? -7.125  10.051  -16.781 1.00 44.06 ? 60  ASP A OD2 1 
ATOM   469  N  N   . GLN A 1 61 ? -11.212 8.353   -16.954 1.00 32.53 ? 61  GLN A N   1 
ATOM   470  C  CA  . GLN A 1 61 ? -12.646 8.094   -16.827 1.00 37.61 ? 61  GLN A CA  1 
ATOM   471  C  C   . GLN A 1 61 ? -13.154 6.657   -17.130 1.00 39.14 ? 61  GLN A C   1 
ATOM   472  O  O   . GLN A 1 61 ? -14.108 6.476   -17.884 1.00 43.89 ? 61  GLN A O   1 
ATOM   473  C  CB  . GLN A 1 61 ? -13.451 9.138   -17.675 1.00 44.16 ? 61  GLN A CB  1 
ATOM   474  C  CG  . GLN A 1 61 ? -13.495 10.561  -17.058 1.00 52.20 ? 61  GLN A CG  1 
ATOM   475  C  CD  . GLN A 1 61 ? -12.980 11.639  -17.996 1.00 58.65 ? 61  GLN A CD  1 
ATOM   476  O  OE1 . GLN A 1 61 ? -12.114 12.437  -17.628 1.00 64.51 ? 61  GLN A OE1 1 
ATOM   477  N  NE2 . GLN A 1 61 ? -13.515 11.674  -19.210 1.00 64.37 ? 61  GLN A NE2 1 
ATOM   478  N  N   . ILE A 1 62 ? -12.534 5.652   -16.524 1.00 40.39 ? 62  ILE A N   1 
ATOM   479  C  CA  . ILE A 1 62 ? -12.958 4.271   -16.730 1.00 39.96 ? 62  ILE A CA  1 
ATOM   480  C  C   . ILE A 1 62 ? -13.860 3.848   -15.553 1.00 41.38 ? 62  ILE A C   1 
ATOM   481  O  O   . ILE A 1 62 ? -13.607 4.215   -14.402 1.00 37.73 ? 62  ILE A O   1 
ATOM   482  C  CB  . ILE A 1 62 ? -11.728 3.299   -16.840 1.00 41.70 ? 62  ILE A CB  1 
ATOM   483  C  CG1 . ILE A 1 62 ? -10.935 3.605   -18.128 1.00 45.10 ? 62  ILE A CG1 1 
ATOM   484  C  CG2 . ILE A 1 62 ? -12.177 1.845   -16.860 1.00 36.56 ? 62  ILE A CG2 1 
ATOM   485  C  CD1 . ILE A 1 62 ? -11.713 3.355   -19.420 1.00 46.78 ? 62  ILE A CD1 1 
ATOM   486  N  N   . PRO A 1 63 ? -14.989 3.186   -15.859 1.00 40.58 ? 63  PRO A N   1 
ATOM   487  C  CA  . PRO A 1 63 ? -15.956 2.705   -14.871 1.00 40.38 ? 63  PRO A CA  1 
ATOM   488  C  C   . PRO A 1 63 ? -15.601 1.333   -14.282 1.00 39.63 ? 63  PRO A C   1 
ATOM   489  O  O   . PRO A 1 63 ? -15.453 0.352   -15.022 1.00 36.78 ? 63  PRO A O   1 
ATOM   490  C  CB  . PRO A 1 63 ? -17.238 2.634   -15.669 1.00 40.80 ? 63  PRO A CB  1 
ATOM   491  C  CG  . PRO A 1 63 ? -16.756 2.217   -17.017 1.00 36.78 ? 63  PRO A CG  1 
ATOM   492  C  CD  . PRO A 1 63 ? -15.572 3.133   -17.215 1.00 41.04 ? 63  PRO A CD  1 
ATOM   493  N  N   . ILE A 1 64 ? -15.512 1.269   -12.958 1.00 40.79 ? 64  ILE A N   1 
ATOM   494  C  CA  . ILE A 1 64 ? -15.185 0.024   -12.255 1.00 40.28 ? 64  ILE A CA  1 
ATOM   495  C  C   . ILE A 1 64 ? -16.239 -0.260  -11.219 1.00 40.67 ? 64  ILE A C   1 
ATOM   496  O  O   . ILE A 1 64 ? -16.856 0.664   -10.684 1.00 37.14 ? 64  ILE A O   1 
ATOM   497  C  CB  . ILE A 1 64 ? -13.810 0.101   -11.491 1.00 38.13 ? 64  ILE A CB  1 
ATOM   498  C  CG1 . ILE A 1 64 ? -12.693 0.806   -12.204 1.00 36.52 ? 64  ILE A CG1 1 
ATOM   499  C  CG2 . ILE A 1 64 ? -13.289 -1.293  -11.251 1.00 35.74 ? 64  ILE A CG2 1 
ATOM   500  C  CD1 . ILE A 1 64 ? -12.708 2.302   -12.015 1.00 40.86 ? 64  ILE A CD1 1 
ATOM   501  N  N   . GLU A 1 65 ? -16.441 -1.538  -10.913 1.00 45.00 ? 65  GLU A N   1 
ATOM   502  C  CA  . GLU A 1 65 ? -17.423 -1.934  -9.911  1.00 47.93 ? 65  GLU A CA  1 
ATOM   503  C  C   . GLU A 1 65 ? -16.752 -2.693  -8.773  1.00 45.50 ? 65  GLU A C   1 
ATOM   504  O  O   . GLU A 1 65 ? -16.732 -3.923  -8.759  1.00 48.24 ? 65  GLU A O   1 
ATOM   505  C  CB  . GLU A 1 65 ? -18.544 -2.793  -10.560 1.00 54.17 ? 65  GLU A CB  1 
ATOM   506  C  CG  . GLU A 1 65 ? -19.733 -3.165  -9.597  1.00 63.50 ? 65  GLU A CG  1 
ATOM   507  C  CD  . GLU A 1 65 ? -21.022 -3.519  -10.346 1.00 70.92 ? 65  GLU A CD  1 
ATOM   508  O  OE1 . GLU A 1 65 ? -22.058 -3.749  -9.680  1.00 74.82 ? 65  GLU A OE1 1 
ATOM   509  O  OE2 . GLU A 1 65 ? -21.008 -3.552  -11.597 1.00 74.90 ? 65  GLU A OE2 1 
ATOM   510  N  N   . ILE A 1 66 ? -16.183 -1.953  -7.827  1.00 43.00 ? 66  ILE A N   1 
ATOM   511  C  CA  . ILE A 1 66 ? -15.510 -2.546  -6.674  1.00 44.41 ? 66  ILE A CA  1 
ATOM   512  C  C   . ILE A 1 66 ? -16.592 -3.172  -5.746  1.00 48.57 ? 66  ILE A C   1 
ATOM   513  O  O   . ILE A 1 66 ? -17.229 -2.462  -4.952  1.00 48.63 ? 66  ILE A O   1 
ATOM   514  C  CB  . ILE A 1 66 ? -14.744 -1.488  -5.894  1.00 41.05 ? 66  ILE A CB  1 
ATOM   515  C  CG1 . ILE A 1 66 ? -13.885 -0.690  -6.832  1.00 40.11 ? 66  ILE A CG1 1 
ATOM   516  C  CG2 . ILE A 1 66 ? -13.830 -2.129  -4.883  1.00 40.40 ? 66  ILE A CG2 1 
ATOM   517  C  CD1 . ILE A 1 66 ? -13.252 0.518   -6.187  1.00 42.09 ? 66  ILE A CD1 1 
ATOM   518  N  N   . CYS A 1 67 ? -16.784 -4.485  -5.874  1.00 52.22 ? 67  CYS A N   1 
ATOM   519  C  CA  . CYS A 1 67 ? -17.782 -5.239  -5.108  1.00 55.04 ? 67  CYS A CA  1 
ATOM   520  C  C   . CYS A 1 67 ? -19.120 -4.488  -4.816  1.00 53.80 ? 67  CYS A C   1 
ATOM   521  O  O   . CYS A 1 67 ? -19.376 -4.022  -3.698  1.00 50.87 ? 67  CYS A O   1 
ATOM   522  C  CB  . CYS A 1 67 ? -17.161 -5.923  -3.775  1.00 58.10 ? 67  CYS A CB  1 
ATOM   523  S  SG  . CYS A 1 67 ? -16.258 -4.884  -2.580  1.00 62.46 ? 67  CYS A SG  1 
ATOM   524  N  N   . GLY A 1 68 ? -19.934 -4.352  -5.864  1.00 53.81 ? 68  GLY A N   1 
ATOM   525  C  CA  . GLY A 1 68 ? -21.226 -3.697  -5.739  1.00 53.06 ? 68  GLY A CA  1 
ATOM   526  C  C   . GLY A 1 68 ? -21.264 -2.239  -6.146  1.00 51.55 ? 68  GLY A C   1 
ATOM   527  O  O   . GLY A 1 68 ? -22.042 -1.858  -7.022  1.00 52.07 ? 68  GLY A O   1 
ATOM   528  N  N   . HIS A 1 69 ? -20.434 -1.421  -5.510  1.00 49.31 ? 69  HIS A N   1 
ATOM   529  C  CA  . HIS A 1 69 ? -20.375 0.012   -5.796  1.00 46.32 ? 69  HIS A CA  1 
ATOM   530  C  C   . HIS A 1 69 ? -19.888 0.248   -7.203  1.00 45.80 ? 69  HIS A C   1 
ATOM   531  O  O   . HIS A 1 69 ? -18.991 -0.443  -7.683  1.00 46.64 ? 69  HIS A O   1 
ATOM   532  C  CB  . HIS A 1 69 ? -19.399 0.717   -4.861  1.00 47.95 ? 69  HIS A CB  1 
ATOM   533  C  CG  . HIS A 1 69 ? -19.557 0.357   -3.420  1.00 53.10 ? 69  HIS A CG  1 
ATOM   534  N  ND1 . HIS A 1 69 ? -19.217 -0.886  -2.916  1.00 55.71 ? 69  HIS A ND1 1 
ATOM   535  C  CD2 . HIS A 1 69 ? -19.957 1.093   -2.355  1.00 52.65 ? 69  HIS A CD2 1 
ATOM   536  C  CE1 . HIS A 1 69 ? -19.416 -0.896  -1.613  1.00 55.38 ? 69  HIS A CE1 1 
ATOM   537  N  NE2 . HIS A 1 69 ? -19.863 0.294   -1.245  1.00 54.46 ? 69  HIS A NE2 1 
ATOM   538  N  N   . LYS A 1 70 ? -20.464 1.244   -7.860  1.00 45.69 ? 70  LYS A N   1 
ATOM   539  C  CA  . LYS A 1 70 ? -20.070 1.616   -9.211  1.00 41.11 ? 70  LYS A CA  1 
ATOM   540  C  C   . LYS A 1 70 ? -19.341 2.926   -9.036  1.00 37.29 ? 70  LYS A C   1 
ATOM   541  O  O   . LYS A 1 70 ? -19.826 3.815   -8.337  1.00 35.40 ? 70  LYS A O   1 
ATOM   542  C  CB  . LYS A 1 70 ? -21.337 1.775   -10.107 1.00 47.83 ? 70  LYS A CB  1 
ATOM   543  C  CG  . LYS A 1 70 ? -21.098 2.326   -11.559 1.00 59.45 ? 70  LYS A CG  1 
ATOM   544  C  CD  . LYS A 1 70 ? -20.057 1.510   -12.358 1.00 67.31 ? 70  LYS A CD  1 
ATOM   545  C  CE  . LYS A 1 70 ? -20.402 0.004   -12.409 1.00 72.99 ? 70  LYS A CE  1 
ATOM   546  N  NZ  . LYS A 1 70 ? -21.719 -0.305  -13.045 1.00 76.42 ? 70  LYS A NZ  1 
ATOM   547  N  N   . VAL A 1 71 ? -18.140 3.031   -9.599  1.00 34.39 ? 71  VAL A N   1 
ATOM   548  C  CA  . VAL A 1 71 ? -17.340 4.251   -9.479  1.00 28.41 ? 71  VAL A CA  1 
ATOM   549  C  C   . VAL A 1 71 ? -16.733 4.625   -10.754 1.00 27.75 ? 71  VAL A C   1 
ATOM   550  O  O   . VAL A 1 71 ? -16.841 3.889   -11.739 1.00 28.16 ? 71  VAL A O   1 
ATOM   551  C  CB  . VAL A 1 71 ? -16.213 4.077   -8.455  1.00 32.49 ? 71  VAL A CB  1 
ATOM   552  C  CG1 . VAL A 1 71 ? -16.789 3.960   -7.054  1.00 31.45 ? 71  VAL A CG1 1 
ATOM   553  C  CG2 . VAL A 1 71 ? -15.375 2.838   -8.795  1.00 31.42 ? 71  VAL A CG2 1 
ATOM   554  N  N   . ILE A 1 72 ? -16.077 5.782   -10.783 1.00 26.14 ? 72  ILE A N   1 
ATOM   555  C  CA  . ILE A 1 72 ? -15.419 6.243   -12.004 1.00 28.34 ? 72  ILE A CA  1 
ATOM   556  C  C   . ILE A 1 72 ? -14.084 6.884   -11.666 1.00 26.52 ? 72  ILE A C   1 
ATOM   557  O  O   . ILE A 1 72 ? -13.983 7.660   -10.711 1.00 28.54 ? 72  ILE A O   1 
ATOM   558  C  CB  . ILE A 1 72 ? -16.344 7.301   -12.851 1.00 30.76 ? 72  ILE A CB  1 
ATOM   559  C  CG1 . ILE A 1 72 ? -16.047 7.286   -14.329 1.00 29.55 ? 72  ILE A CG1 1 
ATOM   560  C  CG2 . ILE A 1 72 ? -15.921 8.759   -12.604 1.00 31.20 ? 72  ILE A CG2 1 
ATOM   561  C  CD1 . ILE A 1 72 ? -16.529 6.048   -15.012 1.00 33.19 ? 72  ILE A CD1 1 
ATOM   562  N  N   . GLY A 1 73 ? -13.055 6.563   -12.445 1.00 24.83 ? 73  GLY A N   1 
ATOM   563  C  CA  . GLY A 1 73 ? -11.750 7.146   -12.192 1.00 21.94 ? 73  GLY A CA  1 
ATOM   564  C  C   . GLY A 1 73 ? -10.656 6.729   -13.153 1.00 21.16 ? 73  GLY A C   1 
ATOM   565  O  O   . GLY A 1 73 ? -10.887 5.991   -14.122 1.00 14.17 ? 73  GLY A O   1 
ATOM   566  N  N   . THR A 1 74 ? -9.454  7.217   -12.885 1.00 20.77 ? 74  THR A N   1 
ATOM   567  C  CA  . THR A 1 74 ? -8.296  6.913   -13.714 1.00 21.31 ? 74  THR A CA  1 
ATOM   568  C  C   . THR A 1 74 ? -7.643  5.592   -13.336 1.00 18.29 ? 74  THR A C   1 
ATOM   569  O  O   . THR A 1 74 ? -7.281  5.372   -12.185 1.00 21.51 ? 74  THR A O   1 
ATOM   570  C  CB  . THR A 1 74 ? -7.268  7.985   -13.588 1.00 22.06 ? 74  THR A CB  1 
ATOM   571  O  OG1 . THR A 1 74 ? -7.902  9.272   -13.656 1.00 27.28 ? 74  THR A OG1 1 
ATOM   572  C  CG2 . THR A 1 74 ? -6.275  7.867   -14.709 1.00 26.54 ? 74  THR A CG2 1 
ATOM   573  N  N   . VAL A 1 75 ? -7.471  4.724   -14.318 1.00 15.04 ? 75  VAL A N   1 
ATOM   574  C  CA  . VAL A 1 75 ? -6.836  3.440   -14.098 1.00 17.52 ? 75  VAL A CA  1 
ATOM   575  C  C   . VAL A 1 75 ? -5.506  3.402   -14.908 1.00 24.24 ? 75  VAL A C   1 
ATOM   576  O  O   . VAL A 1 75 ? -5.442  3.904   -16.031 1.00 24.17 ? 75  VAL A O   1 
ATOM   577  C  CB  . VAL A 1 75 ? -7.743  2.300   -14.562 1.00 16.12 ? 75  VAL A CB  1 
ATOM   578  C  CG1 . VAL A 1 75 ? -7.010  0.971   -14.505 1.00 19.16 ? 75  VAL A CG1 1 
ATOM   579  C  CG2 . VAL A 1 75 ? -8.966  2.245   -13.693 1.00 19.47 ? 75  VAL A CG2 1 
ATOM   580  N  N   . LEU A 1 76 ? -4.447  2.879   -14.303 1.00 25.76 ? 76  LEU A N   1 
ATOM   581  C  CA  . LEU A 1 76 ? -3.164  2.766   -14.989 1.00 22.17 ? 76  LEU A CA  1 
ATOM   582  C  C   . LEU A 1 76 ? -2.958  1.307   -15.372 1.00 26.43 ? 76  LEU A C   1 
ATOM   583  O  O   . LEU A 1 76 ? -3.499  0.403   -14.738 1.00 29.38 ? 76  LEU A O   1 
ATOM   584  C  CB  . LEU A 1 76 ? -2.044  3.216   -14.110 1.00 14.96 ? 76  LEU A CB  1 
ATOM   585  C  CG  . LEU A 1 76 ? -2.189  4.567   -13.411 1.00 13.82 ? 76  LEU A CG  1 
ATOM   586  C  CD1 . LEU A 1 76 ? -0.875  4.831   -12.696 1.00 10.31 ? 76  LEU A CD1 1 
ATOM   587  C  CD2 . LEU A 1 76 ? -2.525  5.711   -14.353 1.00 15.09 ? 76  LEU A CD2 1 
ATOM   588  N  N   . VAL A 1 77 ? -2.207  1.070   -16.434 1.00 30.21 ? 77  VAL A N   1 
ATOM   589  C  CA  . VAL A 1 77 ? -1.940  -0.291  -16.887 1.00 33.67 ? 77  VAL A CA  1 
ATOM   590  C  C   . VAL A 1 77 ? -0.470  -0.395  -17.045 1.00 37.36 ? 77  VAL A C   1 
ATOM   591  O  O   . VAL A 1 77 ? 0.151   0.488   -17.630 1.00 39.27 ? 77  VAL A O   1 
ATOM   592  C  CB  . VAL A 1 77 ? -2.686  -0.588  -18.213 1.00 32.35 ? 77  VAL A CB  1 
ATOM   593  C  CG1 . VAL A 1 77 ? -2.168  -1.855  -18.873 1.00 30.68 ? 77  VAL A CG1 1 
ATOM   594  C  CG2 . VAL A 1 77 ? -4.164  -0.724  -17.934 1.00 27.84 ? 77  VAL A CG2 1 
ATOM   595  N  N   . GLY A 1 78 ? 0.130   -1.427  -16.464 1.00 40.77 ? 78  GLY A N   1 
ATOM   596  C  CA  . GLY A 1 78 ? 1.567   -1.580  -16.567 1.00 41.90 ? 78  GLY A CA  1 
ATOM   597  C  C   . GLY A 1 78 ? 2.057   -2.887  -15.994 1.00 43.99 ? 78  GLY A C   1 
ATOM   598  O  O   . GLY A 1 78 ? 1.249   -3.719  -15.571 1.00 42.16 ? 78  GLY A O   1 
ATOM   599  N  N   . PRO A 1 79 ? 3.375   -3.119  -15.996 1.00 48.09 ? 79  PRO A N   1 
ATOM   600  C  CA  . PRO A 1 79 ? 3.989   -4.341  -15.471 1.00 47.01 ? 79  PRO A CA  1 
ATOM   601  C  C   . PRO A 1 79 ? 4.024   -4.324  -13.966 1.00 46.79 ? 79  PRO A C   1 
ATOM   602  O  O   . PRO A 1 79 ? 5.035   -3.950  -13.357 1.00 51.48 ? 79  PRO A O   1 
ATOM   603  C  CB  . PRO A 1 79 ? 5.385   -4.291  -16.055 1.00 49.79 ? 79  PRO A CB  1 
ATOM   604  C  CG  . PRO A 1 79 ? 5.690   -2.819  -16.044 1.00 48.74 ? 79  PRO A CG  1 
ATOM   605  C  CD  . PRO A 1 79 ? 4.405   -2.243  -16.599 1.00 50.50 ? 79  PRO A CD  1 
ATOM   606  N  N   . THR A 1 80 ? 2.908   -4.699  -13.362 1.00 42.51 ? 80  THR A N   1 
ATOM   607  C  CA  . THR A 1 80 ? 2.794   -4.746  -11.919 1.00 37.49 ? 80  THR A CA  1 
ATOM   608  C  C   . THR A 1 80 ? 2.581   -6.177  -11.587 1.00 37.20 ? 80  THR A C   1 
ATOM   609  O  O   . THR A 1 80 ? 1.920   -6.906  -12.336 1.00 33.18 ? 80  THR A O   1 
ATOM   610  C  CB  . THR A 1 80 ? 1.595   -3.862  -11.394 1.00 39.30 ? 80  THR A CB  1 
ATOM   611  O  OG1 . THR A 1 80 ? 1.534   -3.922  -9.965  1.00 40.69 ? 80  THR A OG1 1 
ATOM   612  C  CG2 . THR A 1 80 ? 0.274   -4.335  -11.966 1.00 36.82 ? 80  THR A CG2 1 
ATOM   613  N  N   . PRO A 1 81 ? 3.190   -6.649  -10.485 1.00 38.53 ? 81  PRO A N   1 
ATOM   614  C  CA  . PRO A 1 81 ? 3.056   -8.046  -10.059 1.00 38.30 ? 81  PRO A CA  1 
ATOM   615  C  C   . PRO A 1 81 ? 1.649   -8.403  -9.654  1.00 38.74 ? 81  PRO A C   1 
ATOM   616  O  O   . PRO A 1 81 ? 1.258   -9.568  -9.708  1.00 43.26 ? 81  PRO A O   1 
ATOM   617  C  CB  . PRO A 1 81 ? 4.037   -8.135  -8.878  1.00 38.96 ? 81  PRO A CB  1 
ATOM   618  C  CG  . PRO A 1 81 ? 4.092   -6.733  -8.353  1.00 41.14 ? 81  PRO A CG  1 
ATOM   619  C  CD  . PRO A 1 81 ? 4.130   -5.917  -9.613  1.00 38.04 ? 81  PRO A CD  1 
ATOM   620  N  N   . THR A 1 82 ? 0.868   -7.400  -9.265  1.00 37.10 ? 82  THR A N   1 
ATOM   621  C  CA  . THR A 1 82 ? -0.507  -7.640  -8.846  1.00 34.77 ? 82  THR A CA  1 
ATOM   622  C  C   . THR A 1 82 ? -1.388  -6.361  -9.092  1.00 31.58 ? 82  THR A C   1 
ATOM   623  O  O   . THR A 1 82 ? -0.866  -5.243  -9.163  1.00 26.99 ? 82  THR A O   1 
ATOM   624  C  CB  . THR A 1 82 ? -0.544  -8.074  -7.330  1.00 35.20 ? 82  THR A CB  1 
ATOM   625  O  OG1 . THR A 1 82 ? -1.862  -8.500  -6.976  1.00 34.38 ? 82  THR A OG1 1 
ATOM   626  C  CG2 . THR A 1 82 ? -0.114  -6.929  -6.422  1.00 31.54 ? 82  THR A CG2 1 
ATOM   627  N  N   . ASN A 1 83 ? -2.692  -6.565  -9.274  1.00 29.54 ? 83  ASN A N   1 
ATOM   628  C  CA  . ASN A 1 83 ? -3.636  -5.467  -9.500  1.00 26.61 ? 83  ASN A CA  1 
ATOM   629  C  C   . ASN A 1 83 ? -3.825  -4.742  -8.195  1.00 22.70 ? 83  ASN A C   1 
ATOM   630  O  O   . ASN A 1 83 ? -4.135  -5.365  -7.187  1.00 25.38 ? 83  ASN A O   1 
ATOM   631  C  CB  . ASN A 1 83 ? -5.020  -6.004  -9.959  1.00 27.51 ? 83  ASN A CB  1 
ATOM   632  C  CG  . ASN A 1 83 ? -4.940  -6.851  -11.207 1.00 31.51 ? 83  ASN A CG  1 
ATOM   633  O  OD1 . ASN A 1 83 ? -4.264  -6.499  -12.174 1.00 32.93 ? 83  ASN A OD1 1 
ATOM   634  N  ND2 . ASN A 1 83 ? -5.644  -7.974  -11.200 1.00 29.56 ? 83  ASN A ND2 1 
ATOM   635  N  N   . ILE A 1 84 ? -3.647  -3.430  -8.187  1.00 20.09 ? 84  ILE A N   1 
ATOM   636  C  CA  . ILE A 1 84 ? -3.826  -2.677  -6.960  1.00 17.51 ? 84  ILE A CA  1 
ATOM   637  C  C   . ILE A 1 84 ? -4.814  -1.496  -7.102  1.00 21.12 ? 84  ILE A C   1 
ATOM   638  O  O   . ILE A 1 84 ? -4.823  -0.780  -8.110  1.00 22.57 ? 84  ILE A O   1 
ATOM   639  C  CB  . ILE A 1 84 ? -2.472  -2.157  -6.367  1.00 17.56 ? 84  ILE A CB  1 
ATOM   640  C  CG1 . ILE A 1 84 ? -1.940  -1.024  -7.118  1.00 20.88 ? 84  ILE A CG1 1 
ATOM   641  C  CG2 . ILE A 1 84 ? -1.406  -3.250  -6.387  1.00 18.13 ? 84  ILE A CG2 1 
ATOM   642  C  CD1 . ILE A 1 84 ? -0.675  -0.488  -6.540  1.00 28.88 ? 84  ILE A CD1 1 
ATOM   643  N  N   . ILE A 1 85 ? -5.642  -1.322  -6.076  1.00 19.56 ? 85  ILE A N   1 
ATOM   644  C  CA  . ILE A 1 85 ? -6.634  -0.257  -6.008  1.00 13.48 ? 85  ILE A CA  1 
ATOM   645  C  C   . ILE A 1 85 ? -6.088  0.745   -5.066  1.00 11.13 ? 85  ILE A C   1 
ATOM   646  O  O   . ILE A 1 85 ? -5.974  0.481   -3.874  1.00 19.27 ? 85  ILE A O   1 
ATOM   647  C  CB  . ILE A 1 85 ? -7.978  -0.792  -5.463  1.00 13.92 ? 85  ILE A CB  1 
ATOM   648  C  CG1 . ILE A 1 85 ? -8.450  -1.859  -6.392  1.00 18.13 ? 85  ILE A CG1 1 
ATOM   649  C  CG2 . ILE A 1 85 ? -9.065  0.268   -5.515  1.00 12.35 ? 85  ILE A CG2 1 
ATOM   650  C  CD1 . ILE A 1 85 ? -9.642  -2.582  -5.876  1.00 29.35 ? 85  ILE A CD1 1 
ATOM   651  N  N   . GLY A 1 86 ? -5.701  1.902   -5.584  1.00 9.16  ? 86  GLY A N   1 
ATOM   652  C  CA  . GLY A 1 86 ? -5.141  2.941   -4.750  1.00 2.00  ? 86  GLY A CA  1 
ATOM   653  C  C   . GLY A 1 86 ? -6.193  3.862   -4.193  1.00 11.55 ? 86  GLY A C   1 
ATOM   654  O  O   . GLY A 1 86 ? -7.392  3.663   -4.400  1.00 14.48 ? 86  GLY A O   1 
ATOM   655  N  N   . ARG A 1 87 ? -5.743  4.915   -3.526  1.00 11.47 ? 87  ARG A N   1 
ATOM   656  C  CA  . ARG A 1 87 ? -6.646  5.871   -2.908  1.00 11.11 ? 87  ARG A CA  1 
ATOM   657  C  C   . ARG A 1 87 ? -7.594  6.630   -3.825  1.00 20.07 ? 87  ARG A C   1 
ATOM   658  O  O   . ARG A 1 87 ? -8.686  7.004   -3.395  1.00 22.91 ? 87  ARG A O   1 
ATOM   659  C  CB  . ARG A 1 87 ? -5.867  6.852   -2.108  1.00 10.39 ? 87  ARG A CB  1 
ATOM   660  C  CG  . ARG A 1 87 ? -5.056  6.266   -1.027  1.00 5.02  ? 87  ARG A CG  1 
ATOM   661  C  CD  . ARG A 1 87 ? -4.495  7.363   -0.189  1.00 4.13  ? 87  ARG A CD  1 
ATOM   662  N  NE  . ARG A 1 87 ? -3.516  8.169   -0.915  1.00 15.06 ? 87  ARG A NE  1 
ATOM   663  C  CZ  . ARG A 1 87 ? -3.714  9.412   -1.332  1.00 16.46 ? 87  ARG A CZ  1 
ATOM   664  N  NH1 . ARG A 1 87 ? -2.743  10.051  -1.969  1.00 17.48 ? 87  ARG A NH1 1 
ATOM   665  N  NH2 . ARG A 1 87 ? -4.880  10.010  -1.143  1.00 20.91 ? 87  ARG A NH2 1 
ATOM   666  N  N   . ASN A 1 88 ? -7.215  6.851   -5.081  1.00 21.01 ? 88  ASN A N   1 
ATOM   667  C  CA  . ASN A 1 88 ? -8.080  7.610   -5.988  1.00 18.66 ? 88  ASN A CA  1 
ATOM   668  C  C   . ASN A 1 88 ? -9.516  7.000   -6.150  1.00 18.41 ? 88  ASN A C   1 
ATOM   669  O  O   . ASN A 1 88 ? -10.483 7.735   -6.332  1.00 19.13 ? 88  ASN A O   1 
ATOM   670  C  CB  . ASN A 1 88 ? -7.393  7.808   -7.385  1.00 7.25  ? 88  ASN A CB  1 
ATOM   671  C  CG  . ASN A 1 88 ? -7.364  6.542   -8.193  1.00 10.21 ? 88  ASN A CG  1 
ATOM   672  O  OD1 . ASN A 1 88 ? -7.009  5.479   -7.682  1.00 15.76 ? 88  ASN A OD1 1 
ATOM   673  N  ND2 . ASN A 1 88 ? -7.755  6.629   -9.453  1.00 14.21 ? 88  ASN A ND2 1 
ATOM   674  N  N   . LEU A 1 89 ? -9.617  5.676   -6.091  1.00 17.01 ? 89  LEU A N   1 
ATOM   675  C  CA  . LEU A 1 89 ? -10.907 5.003   -6.211  1.00 19.57 ? 89  LEU A CA  1 
ATOM   676  C  C   . LEU A 1 89 ? -11.444 4.551   -4.854  1.00 23.03 ? 89  LEU A C   1 
ATOM   677  O  O   . LEU A 1 89 ? -12.641 4.319   -4.711  1.00 27.73 ? 89  LEU A O   1 
ATOM   678  C  CB  . LEU A 1 89 ? -10.807 3.794   -7.114  1.00 14.42 ? 89  LEU A CB  1 
ATOM   679  C  CG  . LEU A 1 89 ? -10.426 3.927   -8.559  1.00 15.79 ? 89  LEU A CG  1 
ATOM   680  C  CD1 . LEU A 1 89 ? -10.494 2.547   -9.176  1.00 12.46 ? 89  LEU A CD1 1 
ATOM   681  C  CD2 . LEU A 1 89 ? -11.368 4.870   -9.278  1.00 16.45 ? 89  LEU A CD2 1 
ATOM   682  N  N   . LEU A 1 90 ? -10.565 4.423   -3.859  1.00 23.01 ? 90  LEU A N   1 
ATOM   683  C  CA  . LEU A 1 90 ? -10.981 3.983   -2.528  1.00 20.19 ? 90  LEU A CA  1 
ATOM   684  C  C   . LEU A 1 90 ? -11.795 4.998   -1.813  1.00 17.38 ? 90  LEU A C   1 
ATOM   685  O  O   . LEU A 1 90 ? -12.651 4.638   -1.013  1.00 15.72 ? 90  LEU A O   1 
ATOM   686  C  CB  . LEU A 1 90 ? -9.759  3.567   -1.637  1.00 15.15 ? 90  LEU A CB  1 
ATOM   687  C  CG  . LEU A 1 90 ? -8.981  2.295   -1.970  1.00 10.65 ? 90  LEU A CG  1 
ATOM   688  C  CD1 . LEU A 1 90 ? -7.816  2.178   -0.979  1.00 8.72  ? 90  LEU A CD1 1 
ATOM   689  C  CD2 . LEU A 1 90 ? -9.870  1.055   -1.934  1.00 7.13  ? 90  LEU A CD2 1 
ATOM   690  N  N   . THR A 1 91 ? -11.525 6.277   -2.058  1.00 13.34 ? 91  THR A N   1 
ATOM   691  C  CA  . THR A 1 91 ? -12.280 7.348   -1.429  1.00 13.84 ? 91  THR A CA  1 
ATOM   692  C  C   . THR A 1 91 ? -13.741 7.304   -1.917  1.00 19.27 ? 91  THR A C   1 
ATOM   693  O  O   . THR A 1 91 ? -14.677 7.503   -1.144  1.00 21.31 ? 91  THR A O   1 
ATOM   694  C  CB  . THR A 1 91 ? -11.752 8.630   -1.803  1.00 11.70 ? 91  THR A CB  1 
ATOM   695  O  OG1 . THR A 1 91 ? -11.721 8.722   -3.233  1.00 12.26 ? 91  THR A OG1 1 
ATOM   696  C  CG2 . THR A 1 91 ? -10.371 8.809   -1.236  1.00 12.95 ? 91  THR A CG2 1 
ATOM   697  N  N   . GLN A 1 92 ? -13.913 6.992   -3.198  1.00 21.07 ? 92  GLN A N   1 
ATOM   698  C  CA  . GLN A 1 92 ? -15.227 6.905   -3.826  1.00 18.85 ? 92  GLN A CA  1 
ATOM   699  C  C   . GLN A 1 92 ? -16.141 5.857   -3.259  1.00 20.67 ? 92  GLN A C   1 
ATOM   700  O  O   . GLN A 1 92 ? -17.360 5.999   -3.353  1.00 27.20 ? 92  GLN A O   1 
ATOM   701  C  CB  . GLN A 1 92 ? -15.081 6.696   -5.310  1.00 13.62 ? 92  GLN A CB  1 
ATOM   702  C  CG  . GLN A 1 92 ? -14.192 7.727   -5.979  1.00 11.01 ? 92  GLN A CG  1 
ATOM   703  C  CD  . GLN A 1 92 ? -14.766 9.119   -5.913  1.00 11.94 ? 92  GLN A CD  1 
ATOM   704  O  OE1 . GLN A 1 92 ? -14.285 9.988   -5.187  1.00 11.29 ? 92  GLN A OE1 1 
ATOM   705  N  NE2 . GLN A 1 92 ? -15.814 9.339   -6.664  1.00 11.79 ? 92  GLN A NE2 1 
ATOM   706  N  N   . ILE A 1 93 ? -15.597 4.764   -2.735  1.00 19.86 ? 93  ILE A N   1 
ATOM   707  C  CA  . ILE A 1 93 ? -16.458 3.733   -2.155  1.00 17.70 ? 93  ILE A CA  1 
ATOM   708  C  C   . ILE A 1 93 ? -16.662 3.938   -0.689  1.00 15.96 ? 93  ILE A C   1 
ATOM   709  O  O   . ILE A 1 93 ? -17.383 3.170   -0.057  1.00 17.28 ? 93  ILE A O   1 
ATOM   710  C  CB  . ILE A 1 93 ? -15.936 2.316   -2.392  1.00 17.37 ? 93  ILE A CB  1 
ATOM   711  C  CG1 . ILE A 1 93 ? -14.534 2.107   -1.778  1.00 22.96 ? 93  ILE A CG1 1 
ATOM   712  C  CG2 . ILE A 1 93 ? -16.014 1.994   -3.869  1.00 15.28 ? 93  ILE A CG2 1 
ATOM   713  C  CD1 . ILE A 1 93 ? -14.004 0.683   -1.939  1.00 19.91 ? 93  ILE A CD1 1 
ATOM   714  N  N   . GLY A 1 94 ? -16.045 4.990   -0.153  1.00 14.50 ? 94  GLY A N   1 
ATOM   715  C  CA  . GLY A 1 94 ? -16.143 5.317   1.260   1.00 20.36 ? 94  GLY A CA  1 
ATOM   716  C  C   . GLY A 1 94 ? -15.267 4.457   2.167   1.00 29.07 ? 94  GLY A C   1 
ATOM   717  O  O   . GLY A 1 94 ? -15.673 4.124   3.279   1.00 33.61 ? 94  GLY A O   1 
ATOM   718  N  N   . CYS A 1 95 ? -14.060 4.124   1.709   1.00 32.38 ? 95  CYS A N   1 
ATOM   719  C  CA  . CYS A 1 95 ? -13.116 3.290   2.463   1.00 27.87 ? 95  CYS A CA  1 
ATOM   720  C  C   . CYS A 1 95 ? -12.321 4.077   3.496   1.00 25.95 ? 95  CYS A C   1 
ATOM   721  O  O   . CYS A 1 95 ? -11.799 5.154   3.199   1.00 25.68 ? 95  CYS A O   1 
ATOM   722  C  CB  . CYS A 1 95 ? -12.162 2.611   1.496   1.00 29.33 ? 95  CYS A CB  1 
ATOM   723  S  SG  . CYS A 1 95 ? -11.157 1.293   2.205   1.00 23.99 ? 95  CYS A SG  1 
ATOM   724  N  N   . THR A 1 96 ? -12.256 3.551   4.714   1.00 22.92 ? 96  THR A N   1 
ATOM   725  C  CA  . THR A 1 96 ? -11.514 4.191   5.802   1.00 21.46 ? 96  THR A CA  1 
ATOM   726  C  C   . THR A 1 96 ? -10.714 3.110   6.599   1.00 18.68 ? 96  THR A C   1 
ATOM   727  O  O   . THR A 1 96 ? -10.971 1.904   6.458   1.00 9.06  ? 96  THR A O   1 
ATOM   728  C  CB  . THR A 1 96 ? -12.481 4.940   6.826   1.00 23.62 ? 96  THR A CB  1 
ATOM   729  O  OG1 . THR A 1 96 ? -13.447 4.019   7.358   1.00 25.73 ? 96  THR A OG1 1 
ATOM   730  C  CG2 . THR A 1 96 ? -13.187 6.108   6.171   1.00 20.42 ? 96  THR A CG2 1 
ATOM   731  N  N   . LEU A 1 97 ? -9.757  3.562   7.407   1.00 19.97 ? 97  LEU A N   1 
ATOM   732  C  CA  . LEU A 1 97 ? -8.967  2.665   8.254   1.00 24.19 ? 97  LEU A CA  1 
ATOM   733  C  C   . LEU A 1 97 ? -9.370  2.954   9.709   1.00 25.81 ? 97  LEU A C   1 
ATOM   734  O  O   . LEU A 1 97 ? -9.548  4.113   10.091  1.00 24.07 ? 97  LEU A O   1 
ATOM   735  C  CB  . LEU A 1 97 ? -7.436  2.931   8.115   1.00 20.03 ? 97  LEU A CB  1 
ATOM   736  C  CG  . LEU A 1 97 ? -6.325  2.797   7.096   1.00 16.47 ? 97  LEU A CG  1 
ATOM   737  C  CD1 . LEU A 1 97 ? -6.382  1.399   6.533   1.00 17.13 ? 97  LEU A CD1 1 
ATOM   738  C  CD2 . LEU A 1 97 ? -6.418  3.823   5.999   1.00 20.86 ? 97  LEU A CD2 1 
ATOM   739  N  N   . ASN A 1 98 ? -9.501  1.923   10.526  1.00 30.30 ? 98  ASN A N   1 
ATOM   740  C  CA  . ASN A 1 98 ? -9.871  2.174   11.907  1.00 40.28 ? 98  ASN A CA  1 
ATOM   741  C  C   . ASN A 1 98 ? -9.179  1.231   12.852  1.00 39.91 ? 98  ASN A C   1 
ATOM   742  O  O   . ASN A 1 98 ? -9.090  0.022   12.603  1.00 36.61 ? 98  ASN A O   1 
ATOM   743  C  CB  . ASN A 1 98 ? -11.438 2.102   12.084  1.00 54.71 ? 98  ASN A CB  1 
ATOM   744  C  CG  . ASN A 1 98 ? -11.918 2.724   13.405  1.00 69.07 ? 98  ASN A CG  1 
ATOM   745  O  OD1 . ASN A 1 98 ? -12.165 3.930   13.484  1.00 75.01 ? 98  ASN A OD1 1 
ATOM   746  N  ND2 . ASN A 1 98 ? -12.075 1.892   14.441  1.00 75.23 ? 98  ASN A ND2 1 
ATOM   747  N  N   . PHE A 1 99 ? -8.638  1.801   13.920  1.00 37.17 ? 99  PHE A N   1 
ATOM   748  C  CA  . PHE A 1 99 ? -7.962  1.035   14.955  1.00 37.82 ? 99  PHE A CA  1 
ATOM   749  C  C   . PHE A 1 99 ? -8.143  1.720   16.297  1.00 41.63 ? 99  PHE A C   1 
ATOM   750  O  O   . PHE A 1 99 ? -8.698  2.845   16.280  1.00 41.16 ? 99  PHE A O   1 
ATOM   751  C  CB  . PHE A 1 99 ? -6.469  0.857   14.639  1.00 31.10 ? 99  PHE A CB  1 
ATOM   752  C  CG  . PHE A 1 99 ? -5.722  2.145   14.414  1.00 27.03 ? 99  PHE A CG  1 
ATOM   753  C  CD1 . PHE A 1 99 ? -5.112  2.806   15.473  1.00 25.58 ? 99  PHE A CD1 1 
ATOM   754  C  CD2 . PHE A 1 99 ? -5.563  2.657   13.132  1.00 27.60 ? 99  PHE A CD2 1 
ATOM   755  C  CE1 . PHE A 1 99 ? -4.350  3.955   15.256  1.00 29.37 ? 99  PHE A CE1 1 
ATOM   756  C  CE2 . PHE A 1 99 ? -4.805  3.804   12.905  1.00 25.69 ? 99  PHE A CE2 1 
ATOM   757  C  CZ  . PHE A 1 99 ? -4.195  4.452   13.967  1.00 29.67 ? 99  PHE A CZ  1 
ATOM   758  N  N   . PRO B 1 1  ? -8.836  5.420   15.982  1.00 42.88 ? 201 PRO B N   1 
ATOM   759  C  CA  . PRO B 1 1  ? -9.368  6.575   15.210  1.00 42.77 ? 201 PRO B CA  1 
ATOM   760  C  C   . PRO B 1 1  ? -9.751  6.111   13.844  1.00 41.07 ? 201 PRO B C   1 
ATOM   761  O  O   . PRO B 1 1  ? -9.317  5.040   13.416  1.00 39.54 ? 201 PRO B O   1 
ATOM   762  C  CB  . PRO B 1 1  ? -8.287  7.632   15.107  1.00 44.64 ? 201 PRO B CB  1 
ATOM   763  C  CG  . PRO B 1 1  ? -7.079  6.825   15.115  1.00 41.14 ? 201 PRO B CG  1 
ATOM   764  C  CD  . PRO B 1 1  ? -7.439  5.860   16.209  1.00 43.81 ? 201 PRO B CD  1 
ATOM   765  N  N   . GLN B 1 2  ? -10.600 6.882   13.168  1.00 41.86 ? 202 GLN B N   1 
ATOM   766  C  CA  . GLN B 1 2  ? -11.025 6.556   11.808  1.00 41.27 ? 202 GLN B CA  1 
ATOM   767  C  C   . GLN B 1 2  ? -10.268 7.495   10.894  1.00 37.30 ? 202 GLN B C   1 
ATOM   768  O  O   . GLN B 1 2  ? -10.298 8.712   11.091  1.00 38.04 ? 202 GLN B O   1 
ATOM   769  C  CB  . GLN B 1 2  ? -12.519 6.766   11.645  1.00 43.27 ? 202 GLN B CB  1 
ATOM   770  C  CG  . GLN B 1 2  ? -13.157 5.898   10.542  1.00 48.22 ? 202 GLN B CG  1 
ATOM   771  C  CD  . GLN B 1 2  ? -14.628 6.213   10.330  1.00 49.42 ? 202 GLN B CD  1 
ATOM   772  O  OE1 . GLN B 1 2  ? -15.006 7.373   10.176  1.00 47.01 ? 202 GLN B OE1 1 
ATOM   773  N  NE2 . GLN B 1 2  ? -15.464 5.181   10.335  1.00 48.99 ? 202 GLN B NE2 1 
ATOM   774  N  N   . ILE B 1 3  ? -9.534  6.934   9.939   1.00 33.54 ? 203 ILE B N   1 
ATOM   775  C  CA  . ILE B 1 3  ? -8.735  7.733   9.007   1.00 30.69 ? 203 ILE B CA  1 
ATOM   776  C  C   . ILE B 1 3  ? -9.251  7.628   7.612   1.00 27.74 ? 203 ILE B C   1 
ATOM   777  O  O   . ILE B 1 3  ? -9.531  6.523   7.140   1.00 26.25 ? 203 ILE B O   1 
ATOM   778  C  CB  . ILE B 1 3  ? -7.260  7.274   9.013   1.00 28.33 ? 203 ILE B CB  1 
ATOM   779  C  CG1 . ILE B 1 3  ? -6.730  7.365   10.451  1.00 27.50 ? 203 ILE B CG1 1 
ATOM   780  C  CG2 . ILE B 1 3  ? -6.429  8.143   8.086   1.00 28.43 ? 203 ILE B CG2 1 
ATOM   781  C  CD1 . ILE B 1 3  ? -5.330  6.849   10.619  1.00 30.30 ? 203 ILE B CD1 1 
ATOM   782  N  N   . THR B 1 4  ? -9.403  8.766   6.937   1.00 26.84 ? 204 THR B N   1 
ATOM   783  C  CA  . THR B 1 4  ? -9.894  8.755   5.559   1.00 27.55 ? 204 THR B CA  1 
ATOM   784  C  C   . THR B 1 4  ? -8.776  8.828   4.551   1.00 25.67 ? 204 THR B C   1 
ATOM   785  O  O   . THR B 1 4  ? -7.662  9.271   4.859   1.00 26.63 ? 204 THR B O   1 
ATOM   786  C  CB  . THR B 1 4  ? -10.937 9.879   5.271   1.00 25.35 ? 204 THR B CB  1 
ATOM   787  O  OG1 . THR B 1 4  ? -10.423 11.149  5.691   1.00 28.48 ? 204 THR B OG1 1 
ATOM   788  C  CG2 . THR B 1 4  ? -12.245 9.589   5.984   1.00 21.31 ? 204 THR B CG2 1 
ATOM   789  N  N   . LEU B 1 5  ? -9.090  8.429   3.326   1.00 23.33 ? 205 LEU B N   1 
ATOM   790  C  CA  . LEU B 1 5  ? -8.113  8.391   2.251   1.00 20.20 ? 205 LEU B CA  1 
ATOM   791  C  C   . LEU B 1 5  ? -8.074  9.562   1.297   1.00 20.49 ? 205 LEU B C   1 
ATOM   792  O  O   . LEU B 1 5  ? -7.615  9.420   0.170   1.00 20.46 ? 205 LEU B O   1 
ATOM   793  C  CB  . LEU B 1 5  ? -8.262  7.067   1.477   1.00 15.60 ? 205 LEU B CB  1 
ATOM   794  C  CG  . LEU B 1 5  ? -8.082  5.867   2.480   1.00 12.82 ? 205 LEU B CG  1 
ATOM   795  C  CD1 . LEU B 1 5  ? -8.368  4.496   1.902   1.00 10.62 ? 205 LEU B CD1 1 
ATOM   796  C  CD2 . LEU B 1 5  ? -6.666  5.934   2.998   1.00 8.97  ? 205 LEU B CD2 1 
ATOM   797  N  N   . TRP B 1 6  ? -8.561  10.726  1.713   1.00 24.57 ? 206 TRP B N   1 
ATOM   798  C  CA  . TRP B 1 6  ? -8.517  11.902  0.841   1.00 26.14 ? 206 TRP B CA  1 
ATOM   799  C  C   . TRP B 1 6  ? -7.055  12.377  0.839   1.00 29.75 ? 206 TRP B C   1 
ATOM   800  O  O   . TRP B 1 6  ? -6.600  13.047  -0.087  1.00 31.81 ? 206 TRP B O   1 
ATOM   801  C  CB  . TRP B 1 6  ? -9.511  13.042  1.328   1.00 24.21 ? 206 TRP B CB  1 
ATOM   802  C  CG  . TRP B 1 6  ? -10.954 12.592  1.342   1.00 22.02 ? 206 TRP B CG  1 
ATOM   803  C  CD1 . TRP B 1 6  ? -11.673 12.211  2.426   1.00 18.22 ? 206 TRP B CD1 1 
ATOM   804  C  CD2 . TRP B 1 6  ? -11.780 12.306  0.196   1.00 26.60 ? 206 TRP B CD2 1 
ATOM   805  N  NE1 . TRP B 1 6  ? -12.877 11.677  2.037   1.00 21.71 ? 206 TRP B NE1 1 
ATOM   806  C  CE2 . TRP B 1 6  ? -12.965 11.722  0.673   1.00 22.38 ? 206 TRP B CE2 1 
ATOM   807  C  CE3 . TRP B 1 6  ? -11.625 12.470  -1.188  1.00 28.35 ? 206 TRP B CE3 1 
ATOM   808  C  CZ2 . TRP B 1 6  ? -13.989 11.307  -0.182  1.00 23.16 ? 206 TRP B CZ2 1 
ATOM   809  C  CZ3 . TRP B 1 6  ? -12.648 12.053  -2.036  1.00 22.65 ? 206 TRP B CZ3 1 
ATOM   810  C  CH2 . TRP B 1 6  ? -13.813 11.480  -1.523  1.00 23.12 ? 206 TRP B CH2 1 
ATOM   811  N  N   . GLN B 1 7  ? -6.336  12.029  1.899   1.00 34.30 ? 207 GLN B N   1 
ATOM   812  C  CA  . GLN B 1 7  ? -4.919  12.350  2.036   1.00 35.29 ? 207 GLN B CA  1 
ATOM   813  C  C   . GLN B 1 7  ? -4.194  11.015  2.211   1.00 34.73 ? 207 GLN B C   1 
ATOM   814  O  O   . GLN B 1 7  ? -4.830  9.966   2.273   1.00 35.14 ? 207 GLN B O   1 
ATOM   815  C  CB  . GLN B 1 7  ? -4.662  13.183  3.285   1.00 37.71 ? 207 GLN B CB  1 
ATOM   816  C  CG  . GLN B 1 7  ? -5.092  14.605  3.224   1.00 46.59 ? 207 GLN B CG  1 
ATOM   817  C  CD  . GLN B 1 7  ? -4.371  15.453  4.259   1.00 51.17 ? 207 GLN B CD  1 
ATOM   818  O  OE1 . GLN B 1 7  ? -4.928  15.796  5.303   1.00 49.53 ? 207 GLN B OE1 1 
ATOM   819  N  NE2 . GLN B 1 7  ? -3.118  15.790  3.969   1.00 51.01 ? 207 GLN B NE2 1 
ATOM   820  N  N   . ARG B 1 8  ? -2.870  11.048  2.291   1.00 35.85 ? 208 ARG B N   1 
ATOM   821  C  CA  . ARG B 1 8  ? -2.088  9.832   2.505   1.00 34.01 ? 208 ARG B CA  1 
ATOM   822  C  C   . ARG B 1 8  ? -2.241  9.552   4.005   1.00 26.29 ? 208 ARG B C   1 
ATOM   823  O  O   . ARG B 1 8  ? -2.043  10.450  4.830   1.00 26.57 ? 208 ARG B O   1 
ATOM   824  C  CB  . ARG B 1 8  ? -0.601  10.080  2.167   1.00 36.92 ? 208 ARG B CB  1 
ATOM   825  C  CG  . ARG B 1 8  ? -0.401  10.819  0.869   1.00 48.10 ? 208 ARG B CG  1 
ATOM   826  C  CD  . ARG B 1 8  ? 1.073   11.015  0.513   1.00 54.62 ? 208 ARG B CD  1 
ATOM   827  N  NE  . ARG B 1 8  ? 1.602   9.895   -0.258  1.00 61.21 ? 208 ARG B NE  1 
ATOM   828  C  CZ  . ARG B 1 8  ? 2.440   10.022  -1.284  1.00 65.30 ? 208 ARG B CZ  1 
ATOM   829  N  NH1 . ARG B 1 8  ? 2.867   8.945   -1.925  1.00 67.85 ? 208 ARG B NH1 1 
ATOM   830  N  NH2 . ARG B 1 8  ? 2.848   11.221  -1.683  1.00 67.68 ? 208 ARG B NH2 1 
ATOM   831  N  N   . PRO B 1 9  ? -2.656  8.332   4.375   1.00 18.56 ? 209 PRO B N   1 
ATOM   832  C  CA  . PRO B 1 9  ? -2.821  8.012   5.795   1.00 18.25 ? 209 PRO B CA  1 
ATOM   833  C  C   . PRO B 1 9  ? -1.481  7.947   6.517   1.00 18.91 ? 209 PRO B C   1 
ATOM   834  O  O   . PRO B 1 9  ? -0.888  6.880   6.641   1.00 19.27 ? 209 PRO B O   1 
ATOM   835  C  CB  . PRO B 1 9  ? -3.548  6.673   5.764   1.00 15.83 ? 209 PRO B CB  1 
ATOM   836  C  CG  . PRO B 1 9  ? -3.091  6.066   4.497   1.00 15.77 ? 209 PRO B CG  1 
ATOM   837  C  CD  . PRO B 1 9  ? -3.063  7.207   3.517   1.00 11.54 ? 209 PRO B CD  1 
ATOM   838  N  N   . VAL B 1 10 ? -1.017  9.106   6.978   1.00 19.39 ? 210 VAL B N   1 
ATOM   839  C  CA  . VAL B 1 10 ? 0.256   9.249   7.672   1.00 26.08 ? 210 VAL B CA  1 
ATOM   840  C  C   . VAL B 1 10 ? 0.099   9.456   9.225   1.00 31.56 ? 210 VAL B C   1 
ATOM   841  O  O   . VAL B 1 10 ? -0.506  10.437  9.669   1.00 37.77 ? 210 VAL B O   1 
ATOM   842  C  CB  . VAL B 1 10 ? 1.085   10.470  7.061   1.00 23.12 ? 210 VAL B CB  1 
ATOM   843  C  CG1 . VAL B 1 10 ? 2.401   10.641  7.786   1.00 26.05 ? 210 VAL B CG1 1 
ATOM   844  C  CG2 . VAL B 1 10 ? 1.339   10.256  5.578   1.00 21.70 ? 210 VAL B CG2 1 
ATOM   845  N  N   . VAL B 1 11 ? 0.662   8.533   10.006  1.00 33.14 ? 211 VAL B N   1 
ATOM   846  C  CA  . VAL B 1 11 ? 0.620   8.587   11.472  1.00 29.56 ? 211 VAL B CA  1 
ATOM   847  C  C   . VAL B 1 11 ? 2.041   8.808   12.071  1.00 32.44 ? 211 VAL B C   1 
ATOM   848  O  O   . VAL B 1 11 ? 3.038   8.821   11.349  1.00 33.36 ? 211 VAL B O   1 
ATOM   849  C  CB  . VAL B 1 11 ? 0.060   7.277   12.072  1.00 28.90 ? 211 VAL B CB  1 
ATOM   850  C  CG1 . VAL B 1 11 ? -1.410  7.114   11.726  1.00 23.08 ? 211 VAL B CG1 1 
ATOM   851  C  CG2 . VAL B 1 11 ? 0.875   6.084   11.580  1.00 19.81 ? 211 VAL B CG2 1 
ATOM   852  N  N   . THR B 1 12 ? 2.117   8.967   13.388  1.00 35.92 ? 212 THR B N   1 
ATOM   853  C  CA  . THR B 1 12 ? 3.400   9.177   14.058  1.00 35.93 ? 212 THR B CA  1 
ATOM   854  C  C   . THR B 1 12 ? 3.837   7.942   14.792  1.00 33.84 ? 212 THR B C   1 
ATOM   855  O  O   . THR B 1 12 ? 3.065   7.373   15.567  1.00 33.41 ? 212 THR B O   1 
ATOM   856  C  CB  . THR B 1 12 ? 3.323   10.356  15.072  1.00 38.37 ? 212 THR B CB  1 
ATOM   857  O  OG1 . THR B 1 12 ? 3.024   11.575  14.372  1.00 47.04 ? 212 THR B OG1 1 
ATOM   858  C  CG2 . THR B 1 12 ? 4.639   10.519  15.823  1.00 42.34 ? 212 THR B CG2 1 
ATOM   859  N  N   . ILE B 1 13 ? 5.063   7.497   14.532  1.00 32.84 ? 213 ILE B N   1 
ATOM   860  C  CA  . ILE B 1 13 ? 5.599   6.316   15.205  1.00 31.63 ? 213 ILE B CA  1 
ATOM   861  C  C   . ILE B 1 13 ? 6.873   6.654   16.004  1.00 32.26 ? 213 ILE B C   1 
ATOM   862  O  O   . ILE B 1 13 ? 7.605   7.583   15.658  1.00 32.88 ? 213 ILE B O   1 
ATOM   863  C  CB  . ILE B 1 13 ? 5.939   5.165   14.212  1.00 27.77 ? 213 ILE B CB  1 
ATOM   864  C  CG1 . ILE B 1 13 ? 7.028   5.586   13.265  1.00 28.01 ? 213 ILE B CG1 1 
ATOM   865  C  CG2 . ILE B 1 13 ? 4.706   4.709   13.472  1.00 22.66 ? 213 ILE B CG2 1 
ATOM   866  C  CD1 . ILE B 1 13 ? 7.599   4.434   12.468  1.00 24.53 ? 213 ILE B CD1 1 
ATOM   867  N  N   . LYS B 1 14 ? 7.091   5.926   17.098  1.00 33.59 ? 214 LYS B N   1 
ATOM   868  C  CA  . LYS B 1 14 ? 8.273   6.109   17.941  1.00 35.01 ? 214 LYS B CA  1 
ATOM   869  C  C   . LYS B 1 14 ? 9.067   4.821   17.854  1.00 35.38 ? 214 LYS B C   1 
ATOM   870  O  O   . LYS B 1 14 ? 8.543   3.730   18.110  1.00 33.30 ? 214 LYS B O   1 
ATOM   871  C  CB  . LYS B 1 14 ? 7.879   6.403   19.394  1.00 33.59 ? 214 LYS B CB  1 
ATOM   872  C  CG  . LYS B 1 14 ? 9.054   6.778   20.324  0.00 34.02 ? 214 LYS B CG  1 
ATOM   873  C  CD  . LYS B 1 14 ? 8.551   7.044   21.757  0.00 33.76 ? 214 LYS B CD  1 
ATOM   874  C  CE  . LYS B 1 14 ? 9.688   7.465   22.700  0.00 33.75 ? 214 LYS B CE  1 
ATOM   875  N  NZ  . LYS B 1 14 ? 10.290  8.776   22.326  0.00 33.77 ? 214 LYS B NZ  1 
ATOM   876  N  N   . ILE B 1 15 ? 10.323  4.946   17.447  1.00 39.62 ? 215 ILE B N   1 
ATOM   877  C  CA  . ILE B 1 15 ? 11.208  3.798   17.282  1.00 41.65 ? 215 ILE B CA  1 
ATOM   878  C  C   . ILE B 1 15 ? 12.630  4.240   17.513  1.00 45.84 ? 215 ILE B C   1 
ATOM   879  O  O   . ILE B 1 15 ? 13.162  5.062   16.771  1.00 46.55 ? 215 ILE B O   1 
ATOM   880  C  CB  . ILE B 1 15 ? 11.039  3.173   15.837  1.00 38.80 ? 215 ILE B CB  1 
ATOM   881  C  CG1 . ILE B 1 15 ? 11.846  1.926   15.643  1.00 35.57 ? 215 ILE B CG1 1 
ATOM   882  C  CG2 . ILE B 1 15 ? 11.307  4.229   14.757  1.00 40.06 ? 215 ILE B CG2 1 
ATOM   883  C  CD1 . ILE B 1 15 ? 11.504  1.199   14.361  1.00 32.94 ? 215 ILE B CD1 1 
ATOM   884  N  N   . GLY B 1 16 ? 13.234  3.741   18.587  1.00 51.55 ? 216 GLY B N   1 
ATOM   885  C  CA  . GLY B 1 16 ? 14.599  4.115   18.910  1.00 56.81 ? 216 GLY B CA  1 
ATOM   886  C  C   . GLY B 1 16 ? 14.667  5.443   19.650  1.00 61.82 ? 216 GLY B C   1 
ATOM   887  O  O   . GLY B 1 16 ? 15.683  6.142   19.590  1.00 63.86 ? 216 GLY B O   1 
ATOM   888  N  N   . GLY B 1 17 ? 13.578  5.793   20.335  1.00 62.46 ? 217 GLY B N   1 
ATOM   889  C  CA  . GLY B 1 17 ? 13.508  7.027   21.097  1.00 63.22 ? 217 GLY B CA  1 
ATOM   890  C  C   . GLY B 1 17 ? 13.209  8.267   20.275  1.00 65.29 ? 217 GLY B C   1 
ATOM   891  O  O   . GLY B 1 17 ? 13.166  9.374   20.817  1.00 64.28 ? 217 GLY B O   1 
ATOM   892  N  N   . GLN B 1 18 ? 12.975  8.089   18.977  1.00 65.72 ? 218 GLN B N   1 
ATOM   893  C  CA  . GLN B 1 18 ? 12.690  9.218   18.098  1.00 65.11 ? 218 GLN B CA  1 
ATOM   894  C  C   . GLN B 1 18 ? 11.360  9.084   17.404  1.00 61.23 ? 218 GLN B C   1 
ATOM   895  O  O   . GLN B 1 18 ? 10.897  7.975   17.133  1.00 56.94 ? 218 GLN B O   1 
ATOM   896  C  CB  . GLN B 1 18 ? 13.828  9.400   17.058  1.00 67.94 ? 218 GLN B CB  1 
ATOM   897  C  CG  . GLN B 1 18 ? 14.041  8.199   16.127  1.00 72.90 ? 218 GLN B CG  1 
ATOM   898  C  CD  . GLN B 1 18 ? 15.359  8.277   15.368  1.00 76.63 ? 218 GLN B CD  1 
ATOM   899  O  OE1 . GLN B 1 18 ? 15.717  9.323   14.819  1.00 76.70 ? 218 GLN B OE1 1 
ATOM   900  N  NE2 . GLN B 1 18 ? 16.095  7.167   15.347  1.00 77.54 ? 218 GLN B NE2 1 
ATOM   901  N  N   . LEU B 1 19 ? 10.715  10.222  17.173  1.00 61.91 ? 219 LEU B N   1 
ATOM   902  C  CA  . LEU B 1 19 ? 9.421   10.264  16.500  1.00 59.23 ? 219 LEU B CA  1 
ATOM   903  C  C   . LEU B 1 19 ? 9.645   10.498  15.040  1.00 56.41 ? 219 LEU B C   1 
ATOM   904  O  O   . LEU B 1 19 ? 10.532  11.257  14.653  1.00 57.90 ? 219 LEU B O   1 
ATOM   905  C  CB  . LEU B 1 19 ? 8.549   11.414  17.057  1.00 57.90 ? 219 LEU B CB  1 
ATOM   906  C  CG  . LEU B 1 19 ? 8.468   11.622  18.560  1.00 59.68 ? 219 LEU B CG  1 
ATOM   907  C  CD1 . LEU B 1 19 ? 7.508   12.775  18.809  1.00 62.57 ? 219 LEU B CD1 1 
ATOM   908  C  CD2 . LEU B 1 19 ? 8.007   10.373  19.287  1.00 61.24 ? 219 LEU B CD2 1 
ATOM   909  N  N   . MET B 1 20 ? 8.867   9.821   14.212  1.00 53.24 ? 220 MET B N   1 
ATOM   910  C  CA  . MET B 1 20 ? 8.958   9.987   12.768  1.00 51.05 ? 220 MET B CA  1 
ATOM   911  C  C   . MET B 1 20 ? 7.619   9.576   12.135  1.00 48.49 ? 220 MET B C   1 
ATOM   912  O  O   . MET B 1 20 ? 6.922   8.705   12.654  1.00 49.04 ? 220 MET B O   1 
ATOM   913  C  CB  . MET B 1 20 ? 10.154  9.174   12.183  1.00 51.64 ? 220 MET B CB  1 
ATOM   914  C  CG  . MET B 1 20 ? 10.308  7.754   12.740  1.00 51.04 ? 220 MET B CG  1 
ATOM   915  S  SD  . MET B 1 20 ? 11.706  6.889   12.021  1.00 49.62 ? 220 MET B SD  1 
ATOM   916  C  CE  . MET B 1 20 ? 10.874  5.889   10.830  1.00 48.09 ? 220 MET B CE  1 
ATOM   917  N  N   . GLU B 1 21 ? 7.234   10.252  11.057  1.00 43.63 ? 221 GLU B N   1 
ATOM   918  C  CA  . GLU B 1 21 ? 5.967   9.944   10.403  1.00 38.33 ? 221 GLU B CA  1 
ATOM   919  C  C   . GLU B 1 21 ? 6.087   8.760   9.457   1.00 34.46 ? 221 GLU B C   1 
ATOM   920  O  O   . GLU B 1 21 ? 7.116   8.569   8.803   1.00 32.92 ? 221 GLU B O   1 
ATOM   921  C  CB  . GLU B 1 21 ? 5.396   11.207  9.654   1.00 36.12 ? 221 GLU B CB  1 
ATOM   922  C  CG  . GLU B 1 21 ? 6.381   11.865  8.654   0.00 36.81 ? 221 GLU B CG  1 
ATOM   923  C  CD  . GLU B 1 21 ? 5.754   13.004  7.860   0.00 36.65 ? 221 GLU B CD  1 
ATOM   924  O  OE1 . GLU B 1 21 ? 5.658   14.130  8.395   0.00 36.67 ? 221 GLU B OE1 1 
ATOM   925  O  OE2 . GLU B 1 21 ? 5.366   12.773  6.696   0.00 36.67 ? 221 GLU B OE2 1 
ATOM   926  N  N   . ALA B 1 22 ? 5.042   7.947   9.410   1.00 29.54 ? 222 ALA B N   1 
ATOM   927  C  CA  . ALA B 1 22 ? 5.033   6.790   8.536   1.00 29.16 ? 222 ALA B CA  1 
ATOM   928  C  C   . ALA B 1 22 ? 3.679   6.655   7.888   1.00 28.56 ? 222 ALA B C   1 
ATOM   929  O  O   . ALA B 1 22 ? 2.667   7.071   8.444   1.00 33.10 ? 222 ALA B O   1 
ATOM   930  C  CB  . ALA B 1 22 ? 5.384   5.535   9.317   1.00 28.06 ? 222 ALA B CB  1 
ATOM   931  N  N   . LEU B 1 23 ? 3.660   6.082   6.697   1.00 23.47 ? 223 LEU B N   1 
ATOM   932  C  CA  . LEU B 1 23 ? 2.443   5.891   5.931   1.00 19.41 ? 223 LEU B CA  1 
ATOM   933  C  C   . LEU B 1 23 ? 1.805   4.559   6.257   1.00 20.29 ? 223 LEU B C   1 
ATOM   934  O  O   . LEU B 1 23 ? 2.506   3.566   6.432   1.00 26.40 ? 223 LEU B O   1 
ATOM   935  C  CB  . LEU B 1 23 ? 2.802   5.936   4.415   1.00 13.68 ? 223 LEU B CB  1 
ATOM   936  C  CG  . LEU B 1 23 ? 1.829   5.751   3.246   1.00 19.69 ? 223 LEU B CG  1 
ATOM   937  C  CD1 . LEU B 1 23 ? 1.200   7.075   2.863   1.00 18.53 ? 223 LEU B CD1 1 
ATOM   938  C  CD2 . LEU B 1 23 ? 2.582   5.184   2.057   1.00 9.98  ? 223 LEU B CD2 1 
ATOM   939  N  N   . ILE B 1 24 ? 0.478   4.514   6.335   1.00 16.85 ? 224 ILE B N   1 
ATOM   940  C  CA  . ILE B 1 24 ? -0.212  3.256   6.606   1.00 13.05 ? 224 ILE B CA  1 
ATOM   941  C  C   . ILE B 1 24 ? -0.388  2.600   5.288   1.00 15.14 ? 224 ILE B C   1 
ATOM   942  O  O   . ILE B 1 24 ? -1.044  3.142   4.397   1.00 16.67 ? 224 ILE B O   1 
ATOM   943  C  CB  . ILE B 1 24 ? -1.564  3.485   7.330   1.00 15.97 ? 224 ILE B CB  1 
ATOM   944  C  CG1 . ILE B 1 24 ? -1.191  4.098   8.727   1.00 15.63 ? 224 ILE B CG1 1 
ATOM   945  C  CG2 . ILE B 1 24 ? -2.330  2.170   7.504   1.00 10.42 ? 224 ILE B CG2 1 
ATOM   946  C  CD1 . ILE B 1 24 ? -2.354  4.291   9.670   1.00 18.94 ? 224 ILE B CD1 1 
ATOM   947  N  N   . ASP B 1 25 ? 0.177   1.410   5.130   1.00 13.81 ? 225 ASP B N   1 
ATOM   948  C  CA  . ASP B 1 25 ? 0.130   0.736   3.845   1.00 10.65 ? 225 ASP B CA  1 
ATOM   949  C  C   . ASP B 1 25 ? -0.384  -0.624  3.874   1.00 12.99 ? 225 ASP B C   1 
ATOM   950  O  O   . ASP B 1 25 ? 0.368   -1.559  4.088   1.00 21.28 ? 225 ASP B O   1 
ATOM   951  C  CB  . ASP B 1 25 ? 1.530   0.721   3.273   1.00 13.86 ? 225 ASP B CB  1 
ATOM   952  C  CG  . ASP B 1 25 ? 1.557   0.535   1.775   1.00 13.60 ? 225 ASP B CG  1 
ATOM   953  O  OD1 . ASP B 1 25 ? 2.293   1.305   1.128   1.00 21.38 ? 225 ASP B OD1 1 
ATOM   954  O  OD2 . ASP B 1 25 ? 0.869   -0.366  1.245   1.00 11.02 ? 225 ASP B OD2 1 
ATOM   955  N  N   . THR B 1 26 ? -1.645  -0.799  3.509   1.00 16.41 ? 226 THR B N   1 
ATOM   956  C  CA  . THR B 1 26 ? -2.251  -2.122  3.515   1.00 14.27 ? 226 THR B CA  1 
ATOM   957  C  C   . THR B 1 26 ? -1.764  -3.032  2.430   1.00 13.93 ? 226 THR B C   1 
ATOM   958  O  O   . THR B 1 26 ? -2.074  -4.223  2.435   1.00 18.53 ? 226 THR B O   1 
ATOM   959  C  CB  . THR B 1 26 ? -3.793  -2.032  3.445   1.00 18.28 ? 226 THR B CB  1 
ATOM   960  O  OG1 . THR B 1 26 ? -4.181  -1.352  2.239   1.00 23.41 ? 226 THR B OG1 1 
ATOM   961  C  CG2 . THR B 1 26 ? -4.329  -1.263  4.649   1.00 15.76 ? 226 THR B CG2 1 
ATOM   962  N  N   . GLY B 1 27 ? -1.030  -2.489  1.463   1.00 17.70 ? 227 GLY B N   1 
ATOM   963  C  CA  . GLY B 1 27 ? -0.518  -3.307  0.367   1.00 19.30 ? 227 GLY B CA  1 
ATOM   964  C  C   . GLY B 1 27 ? 0.863   -3.894  0.619   1.00 17.91 ? 227 GLY B C   1 
ATOM   965  O  O   . GLY B 1 27 ? 1.297   -4.826  -0.058  1.00 17.70 ? 227 GLY B O   1 
ATOM   966  N  N   . ALA B 1 28 ? 1.556   -3.329  1.600   1.00 16.44 ? 228 ALA B N   1 
ATOM   967  C  CA  . ALA B 1 28 ? 2.894   -3.765  1.974   1.00 13.41 ? 228 ALA B CA  1 
ATOM   968  C  C   . ALA B 1 28 ? 2.801   -4.890  2.949   1.00 15.34 ? 228 ALA B C   1 
ATOM   969  O  O   . ALA B 1 28 ? 2.133   -4.763  3.972   1.00 18.42 ? 228 ALA B O   1 
ATOM   970  C  CB  . ALA B 1 28 ? 3.653   -2.586  2.601   1.00 9.05  ? 228 ALA B CB  1 
ATOM   971  N  N   . ASP B 1 29 ? 3.480   -5.998  2.665   1.00 19.29 ? 229 ASP B N   1 
ATOM   972  C  CA  . ASP B 1 29 ? 3.491   -7.147  3.568   1.00 16.80 ? 229 ASP B CA  1 
ATOM   973  C  C   . ASP B 1 29 ? 4.355   -6.869  4.758   1.00 15.05 ? 229 ASP B C   1 
ATOM   974  O  O   . ASP B 1 29 ? 4.143   -7.452  5.819   1.00 18.13 ? 229 ASP B O   1 
ATOM   975  C  CB  . ASP B 1 29 ? 4.023   -8.367  2.888   1.00 19.76 ? 229 ASP B CB  1 
ATOM   976  C  CG  . ASP B 1 29 ? 3.171   -8.812  1.741   1.00 26.22 ? 229 ASP B CG  1 
ATOM   977  O  OD1 . ASP B 1 29 ? 3.737   -9.044  0.652   1.00 37.15 ? 229 ASP B OD1 1 
ATOM   978  O  OD2 . ASP B 1 29 ? 1.948   -8.941  1.915   1.00 35.14 ? 229 ASP B OD2 1 
ATOM   979  N  N   . ASP B 1 30 ? 5.311   -5.954  4.612   1.00 8.44  ? 230 ASP B N   1 
ATOM   980  C  CA  . ASP B 1 30 ? 6.236   -5.629  5.691   1.00 9.50  ? 230 ASP B CA  1 
ATOM   981  C  C   . ASP B 1 30 ? 6.383   -4.204  5.866   1.00 7.77  ? 230 ASP B C   1 
ATOM   982  O  O   . ASP B 1 30 ? 6.030   -3.431  4.995   1.00 9.79  ? 230 ASP B O   1 
ATOM   983  C  CB  . ASP B 1 30 ? 7.643   -6.200  5.401   1.00 17.42 ? 230 ASP B CB  1 
ATOM   984  C  CG  . ASP B 1 30 ? 7.609   -7.554  4.733   1.00 17.07 ? 230 ASP B CG  1 
ATOM   985  O  OD1 . ASP B 1 30 ? 7.849   -7.604  3.507   1.00 23.61 ? 230 ASP B OD1 1 
ATOM   986  O  OD2 . ASP B 1 30 ? 7.384   -8.563  5.427   1.00 27.40 ? 230 ASP B OD2 1 
ATOM   987  N  N   . THR B 1 31 ? 7.032   -3.830  6.966   1.00 13.03 ? 231 THR B N   1 
ATOM   988  C  CA  . THR B 1 31 ? 7.293   -2.439  7.348   1.00 14.90 ? 231 THR B CA  1 
ATOM   989  C  C   . THR B 1 31 ? 8.731   -2.075  6.920   1.00 21.71 ? 231 THR B C   1 
ATOM   990  O  O   . THR B 1 31 ? 9.692   -2.638  7.434   1.00 25.47 ? 231 THR B O   1 
ATOM   991  C  CB  . THR B 1 31 ? 7.181   -2.305  8.865   1.00 8.40  ? 231 THR B CB  1 
ATOM   992  O  OG1 . THR B 1 31 ? 5.863   -2.688  9.264   1.00 4.58  ? 231 THR B OG1 1 
ATOM   993  C  CG2 . THR B 1 31 ? 7.461   -0.900  9.329   1.00 4.99  ? 231 THR B CG2 1 
ATOM   994  N  N   . VAL B 1 32 ? 8.863   -1.132  5.992   1.00 25.19 ? 232 VAL B N   1 
ATOM   995  C  CA  . VAL B 1 32 ? 10.162  -0.719  5.466   1.00 16.37 ? 232 VAL B CA  1 
ATOM   996  C  C   . VAL B 1 32 ? 10.401  0.727   5.779   1.00 17.31 ? 232 VAL B C   1 
ATOM   997  O  O   . VAL B 1 32 ? 9.717   1.586   5.249   1.00 20.28 ? 232 VAL B O   1 
ATOM   998  C  CB  . VAL B 1 32 ? 10.205  -0.913  3.910   1.00 14.68 ? 232 VAL B CB  1 
ATOM   999  C  CG1 . VAL B 1 32 ? 11.625  -0.746  3.382   1.00 25.22 ? 232 VAL B CG1 1 
ATOM   1000 C  CG2 . VAL B 1 32 ? 9.661   -2.276  3.527   1.00 8.57  ? 232 VAL B CG2 1 
ATOM   1001 N  N   . LEU B 1 33 ? 11.367  1.023   6.635   1.00 18.82 ? 233 LEU B N   1 
ATOM   1002 C  CA  . LEU B 1 33 ? 11.659  2.410   6.997   1.00 27.34 ? 233 LEU B CA  1 
ATOM   1003 C  C   . LEU B 1 33 ? 12.902  2.931   6.260   1.00 33.91 ? 233 LEU B C   1 
ATOM   1004 O  O   . LEU B 1 33 ? 13.676  2.149   5.700   1.00 33.93 ? 233 LEU B O   1 
ATOM   1005 C  CB  . LEU B 1 33 ? 11.842  2.534   8.506   1.00 23.74 ? 233 LEU B CB  1 
ATOM   1006 C  CG  . LEU B 1 33 ? 10.633  1.937   9.268   1.00 24.79 ? 233 LEU B CG  1 
ATOM   1007 C  CD1 . LEU B 1 33 ? 10.972  1.753   10.733  1.00 26.28 ? 233 LEU B CD1 1 
ATOM   1008 C  CD2 . LEU B 1 33 ? 9.385   2.805   9.101   1.00 26.80 ? 233 LEU B CD2 1 
ATOM   1009 N  N   . GLU B 1 34 ? 13.084  4.247   6.243   1.00 41.77 ? 234 GLU B N   1 
ATOM   1010 C  CA  . GLU B 1 34 ? 14.219  4.847   5.554   1.00 48.03 ? 234 GLU B CA  1 
ATOM   1011 C  C   . GLU B 1 34 ? 15.577  4.536   6.223   1.00 52.20 ? 234 GLU B C   1 
ATOM   1012 O  O   . GLU B 1 34 ? 15.683  4.495   7.449   1.00 54.34 ? 234 GLU B O   1 
ATOM   1013 C  CB  . GLU B 1 34 ? 14.012  6.365   5.396   1.00 49.58 ? 234 GLU B CB  1 
ATOM   1014 C  CG  . GLU B 1 34 ? 12.854  6.739   4.405   1.00 56.74 ? 234 GLU B CG  1 
ATOM   1015 C  CD  . GLU B 1 34 ? 12.629  8.250   4.258   1.00 61.10 ? 234 GLU B CD  1 
ATOM   1016 O  OE1 . GLU B 1 34 ? 11.974  8.658   3.272   1.00 61.86 ? 234 GLU B OE1 1 
ATOM   1017 O  OE2 . GLU B 1 34 ? 13.094  9.029   5.120   1.00 60.78 ? 234 GLU B OE2 1 
ATOM   1018 N  N   . GLU B 1 35 ? 16.591  4.311   5.388   1.00 56.14 ? 235 GLU B N   1 
ATOM   1019 C  CA  . GLU B 1 35 ? 17.961  3.972   5.799   1.00 56.43 ? 235 GLU B CA  1 
ATOM   1020 C  C   . GLU B 1 35 ? 18.465  4.643   7.118   1.00 53.81 ? 235 GLU B C   1 
ATOM   1021 O  O   . GLU B 1 35 ? 18.689  5.854   7.169   1.00 52.45 ? 235 GLU B O   1 
ATOM   1022 C  CB  . GLU B 1 35 ? 18.949  4.278   4.609   1.00 62.00 ? 235 GLU B CB  1 
ATOM   1023 C  CG  . GLU B 1 35 ? 20.354  3.665   4.738   1.00 67.00 ? 235 GLU B CG  1 
ATOM   1024 C  CD  . GLU B 1 35 ? 20.325  2.151   4.852   1.00 70.70 ? 235 GLU B CD  1 
ATOM   1025 O  OE1 . GLU B 1 35 ? 20.524  1.645   5.978   1.00 75.11 ? 235 GLU B OE1 1 
ATOM   1026 O  OE2 . GLU B 1 35 ? 20.100  1.470   3.829   1.00 70.18 ? 235 GLU B OE2 1 
ATOM   1027 N  N   . MET B 1 36 ? 18.644  3.827   8.155   1.00 51.37 ? 236 MET B N   1 
ATOM   1028 C  CA  . MET B 1 36 ? 19.107  4.298   9.460   1.00 50.63 ? 236 MET B CA  1 
ATOM   1029 C  C   . MET B 1 36 ? 19.616  3.098   10.263  1.00 48.42 ? 236 MET B C   1 
ATOM   1030 O  O   . MET B 1 36 ? 19.500  1.952   9.814   1.00 45.91 ? 236 MET B O   1 
ATOM   1031 C  CB  . MET B 1 36 ? 17.961  4.961   10.228  1.00 50.28 ? 236 MET B CB  1 
ATOM   1032 C  CG  . MET B 1 36 ? 16.878  3.957   10.683  1.00 54.17 ? 236 MET B CG  1 
ATOM   1033 S  SD  . MET B 1 36 ? 15.617  4.659   11.740  1.00 54.83 ? 236 MET B SD  1 
ATOM   1034 C  CE  . MET B 1 36 ? 14.360  4.905   10.555  1.00 56.38 ? 236 MET B CE  1 
ATOM   1035 N  N   . ASP B 1 37 ? 20.159  3.369   11.450  1.00 46.07 ? 237 ASP B N   1 
ATOM   1036 C  CA  . ASP B 1 37 ? 20.682  2.323   12.337  1.00 45.32 ? 237 ASP B CA  1 
ATOM   1037 C  C   . ASP B 1 37 ? 19.783  2.148   13.544  1.00 44.33 ? 237 ASP B C   1 
ATOM   1038 O  O   . ASP B 1 37 ? 19.522  3.105   14.276  1.00 47.47 ? 237 ASP B O   1 
ATOM   1039 C  CB  . ASP B 1 37 ? 22.135  2.656   12.815  1.00 43.09 ? 237 ASP B CB  1 
ATOM   1040 C  CG  . ASP B 1 37 ? 23.192  2.300   11.784  1.00 43.41 ? 237 ASP B CG  1 
ATOM   1041 O  OD1 . ASP B 1 37 ? 23.796  3.228   11.204  1.00 44.23 ? 237 ASP B OD1 1 
ATOM   1042 O  OD2 . ASP B 1 37 ? 23.424  1.093   11.555  1.00 43.86 ? 237 ASP B OD2 1 
ATOM   1043 N  N   . LEU B 1 38 ? 19.293  0.934   13.750  1.00 41.46 ? 238 LEU B N   1 
ATOM   1044 C  CA  . LEU B 1 38 ? 18.417  0.660   14.882  1.00 39.80 ? 238 LEU B CA  1 
ATOM   1045 C  C   . LEU B 1 38 ? 19.143  -0.131  15.939  1.00 43.65 ? 238 LEU B C   1 
ATOM   1046 O  O   . LEU B 1 38 ? 20.067  -0.887  15.632  1.00 43.45 ? 238 LEU B O   1 
ATOM   1047 C  CB  . LEU B 1 38 ? 17.190  -0.133  14.431  1.00 30.58 ? 238 LEU B CB  1 
ATOM   1048 C  CG  . LEU B 1 38 ? 16.319  0.440   13.353  1.00 24.99 ? 238 LEU B CG  1 
ATOM   1049 C  CD1 . LEU B 1 38 ? 15.230  -0.569  13.133  1.00 22.45 ? 238 LEU B CD1 1 
ATOM   1050 C  CD2 . LEU B 1 38 ? 15.733  1.790   13.701  1.00 25.97 ? 238 LEU B CD2 1 
ATOM   1051 N  N   . PRO B 1 39 ? 18.759  0.043   17.217  1.00 45.55 ? 239 PRO B N   1 
ATOM   1052 C  CA  . PRO B 1 39 ? 19.395  -0.682  18.320  1.00 42.35 ? 239 PRO B CA  1 
ATOM   1053 C  C   . PRO B 1 39 ? 19.170  -2.198  18.190  1.00 38.02 ? 239 PRO B C   1 
ATOM   1054 O  O   . PRO B 1 39 ? 18.155  -2.740  18.631  1.00 39.11 ? 239 PRO B O   1 
ATOM   1055 C  CB  . PRO B 1 39 ? 18.696  -0.097  19.558  1.00 45.82 ? 239 PRO B CB  1 
ATOM   1056 C  CG  . PRO B 1 39 ? 17.353  0.331   19.033  1.00 46.69 ? 239 PRO B CG  1 
ATOM   1057 C  CD  . PRO B 1 39 ? 17.736  0.976   17.730  1.00 45.97 ? 239 PRO B CD  1 
ATOM   1058 N  N   . GLY B 1 40 ? 20.126  -2.864  17.558  1.00 33.73 ? 240 GLY B N   1 
ATOM   1059 C  CA  . GLY B 1 40 ? 20.046  -4.297  17.364  1.00 30.82 ? 240 GLY B CA  1 
ATOM   1060 C  C   . GLY B 1 40 ? 20.877  -4.681  16.159  1.00 26.97 ? 240 GLY B C   1 
ATOM   1061 O  O   . GLY B 1 40 ? 21.640  -3.870  15.635  1.00 27.29 ? 240 GLY B O   1 
ATOM   1062 N  N   . ARG B 1 41 ? 20.775  -5.923  15.720  1.00 22.71 ? 241 ARG B N   1 
ATOM   1063 C  CA  . ARG B 1 41 ? 21.542  -6.288  14.556  1.00 24.15 ? 241 ARG B CA  1 
ATOM   1064 C  C   . ARG B 1 41 ? 20.723  -6.893  13.523  1.00 24.52 ? 241 ARG B C   1 
ATOM   1065 O  O   . ARG B 1 41 ? 19.693  -7.509  13.808  1.00 25.63 ? 241 ARG B O   1 
ATOM   1066 C  CB  . ARG B 1 41 ? 22.824  -7.105  14.918  1.00 29.56 ? 241 ARG B CB  1 
ATOM   1067 C  CG  . ARG B 1 41 ? 22.674  -8.301  15.790  1.00 31.12 ? 241 ARG B CG  1 
ATOM   1068 C  CD  . ARG B 1 41 ? 24.015  -9.099  15.785  1.00 31.39 ? 241 ARG B CD  1 
ATOM   1069 N  NE  . ARG B 1 41 ? 25.183  -8.224  15.939  1.00 29.83 ? 241 ARG B NE  1 
ATOM   1070 C  CZ  . ARG B 1 41 ? 26.308  -8.346  15.225  1.00 27.23 ? 241 ARG B CZ  1 
ATOM   1071 N  NH1 . ARG B 1 41 ? 27.310  -7.504  15.430  1.00 22.27 ? 241 ARG B NH1 1 
ATOM   1072 N  NH2 . ARG B 1 41 ? 26.446  -9.322  14.325  1.00 14.57 ? 241 ARG B NH2 1 
ATOM   1073 N  N   . TRP B 1 42 ? 21.136  -6.688  12.279  1.00 23.34 ? 242 TRP B N   1 
ATOM   1074 C  CA  . TRP B 1 42 ? 20.387  -7.166  11.133  1.00 20.07 ? 242 TRP B CA  1 
ATOM   1075 C  C   . TRP B 1 42 ? 20.900  -8.301  10.358  1.00 22.24 ? 242 TRP B C   1 
ATOM   1076 O  O   . TRP B 1 42 ? 21.935  -8.876  10.666  1.00 27.96 ? 242 TRP B O   1 
ATOM   1077 C  CB  . TRP B 1 42 ? 20.151  -6.029  10.218  1.00 13.57 ? 242 TRP B CB  1 
ATOM   1078 C  CG  . TRP B 1 42 ? 21.387  -5.298  9.807   1.00 8.81  ? 242 TRP B CG  1 
ATOM   1079 C  CD1 . TRP B 1 42 ? 22.023  -4.307  10.497  1.00 10.24 ? 242 TRP B CD1 1 
ATOM   1080 C  CD2 . TRP B 1 42 ? 22.079  -5.428  8.562   1.00 4.73  ? 242 TRP B CD2 1 
ATOM   1081 N  NE1 . TRP B 1 42 ? 23.059  -3.804  9.746   1.00 7.70  ? 242 TRP B NE1 1 
ATOM   1082 C  CE2 . TRP B 1 42 ? 23.112  -4.480  8.557   1.00 4.88  ? 242 TRP B CE2 1 
ATOM   1083 C  CE3 . TRP B 1 42 ? 21.918  -6.253  7.440   1.00 9.03  ? 242 TRP B CE3 1 
ATOM   1084 C  CZ2 . TRP B 1 42 ? 23.974  -4.330  7.479   1.00 7.88  ? 242 TRP B CZ2 1 
ATOM   1085 C  CZ3 . TRP B 1 42 ? 22.776  -6.098  6.371   1.00 12.80 ? 242 TRP B CZ3 1 
ATOM   1086 C  CH2 . TRP B 1 42 ? 23.793  -5.151  6.400   1.00 9.73  ? 242 TRP B CH2 1 
ATOM   1087 N  N   . LYS B 1 43 ? 20.132  -8.665  9.341   1.00 24.92 ? 243 LYS B N   1 
ATOM   1088 C  CA  . LYS B 1 43 ? 20.455  -9.742  8.420   1.00 31.00 ? 243 LYS B CA  1 
ATOM   1089 C  C   . LYS B 1 43 ? 20.112  -9.139  7.089   1.00 35.71 ? 243 LYS B C   1 
ATOM   1090 O  O   . LYS B 1 43 ? 19.414  -8.125  7.024   1.00 36.94 ? 243 LYS B O   1 
ATOM   1091 C  CB  . LYS B 1 43 ? 19.540  -10.946 8.662   1.00 32.47 ? 243 LYS B CB  1 
ATOM   1092 C  CG  . LYS B 1 43 ? 19.639  -11.555 10.051  1.00 46.38 ? 243 LYS B CG  1 
ATOM   1093 C  CD  . LYS B 1 43 ? 18.278  -12.185 10.485  1.00 53.69 ? 243 LYS B CD  1 
ATOM   1094 C  CE  . LYS B 1 43 ? 17.316  -11.110 11.035  1.00 54.50 ? 243 LYS B CE  1 
ATOM   1095 N  NZ  . LYS B 1 43 ? 17.827  -10.507 12.306  1.00 57.49 ? 243 LYS B NZ  1 
ATOM   1096 N  N   . PRO B 1 44 ? 20.661  -9.679  5.996   1.00 36.84 ? 244 PRO B N   1 
ATOM   1097 C  CA  . PRO B 1 44 ? 20.316  -9.091  4.698   1.00 35.61 ? 244 PRO B CA  1 
ATOM   1098 C  C   . PRO B 1 44 ? 18.992  -9.683  4.179   1.00 33.45 ? 244 PRO B C   1 
ATOM   1099 O  O   . PRO B 1 44 ? 18.665  -10.835 4.478   1.00 34.63 ? 244 PRO B O   1 
ATOM   1100 C  CB  . PRO B 1 44 ? 21.493  -9.504  3.833   1.00 36.71 ? 244 PRO B CB  1 
ATOM   1101 C  CG  . PRO B 1 44 ? 21.832  -10.853 4.364   1.00 33.58 ? 244 PRO B CG  1 
ATOM   1102 C  CD  . PRO B 1 44 ? 21.778  -10.632 5.860   1.00 35.44 ? 244 PRO B CD  1 
ATOM   1103 N  N   . LYS B 1 45 ? 18.229  -8.894  3.426   1.00 31.22 ? 245 LYS B N   1 
ATOM   1104 C  CA  . LYS B 1 45 ? 16.961  -9.357  2.858   1.00 27.09 ? 245 LYS B CA  1 
ATOM   1105 C  C   . LYS B 1 45 ? 16.679  -8.595  1.569   1.00 27.73 ? 245 LYS B C   1 
ATOM   1106 O  O   . LYS B 1 45 ? 17.088  -7.442  1.413   1.00 22.25 ? 245 LYS B O   1 
ATOM   1107 C  CB  . LYS B 1 45 ? 15.778  -9.144  3.884   1.00 28.05 ? 245 LYS B CB  1 
ATOM   1108 C  CG  . LYS B 1 45 ? 14.406  -9.779  3.455   1.00 29.45 ? 245 LYS B CG  1 
ATOM   1109 C  CD  . LYS B 1 45 ? 13.271  -9.431  4.475   1.00 37.76 ? 245 LYS B CD  1 
ATOM   1110 C  CE  . LYS B 1 45 ? 11.874  -9.959  4.024   1.00 37.85 ? 245 LYS B CE  1 
ATOM   1111 N  NZ  . LYS B 1 45 ? 11.778  -11.447 4.009   1.00 43.09 ? 245 LYS B NZ  1 
ATOM   1112 N  N   . ILE B 1 46 ? 16.015  -9.260  0.630   1.00 27.60 ? 246 ILE B N   1 
ATOM   1113 C  CA  . ILE B 1 46 ? 15.669  -8.653  -0.649  1.00 32.63 ? 246 ILE B CA  1 
ATOM   1114 C  C   . ILE B 1 46 ? 14.121  -8.622  -0.821  1.00 34.62 ? 246 ILE B C   1 
ATOM   1115 O  O   . ILE B 1 46 ? 13.459  -9.662  -0.773  1.00 32.80 ? 246 ILE B O   1 
ATOM   1116 C  CB  . ILE B 1 46 ? 16.324  -9.428  -1.832  1.00 32.89 ? 246 ILE B CB  1 
ATOM   1117 C  CG1 . ILE B 1 46 ? 17.828  -9.134  -1.827  1.00 31.14 ? 246 ILE B CG1 1 
ATOM   1118 C  CG2 . ILE B 1 46 ? 15.694  -9.038  -3.153  1.00 31.56 ? 246 ILE B CG2 1 
ATOM   1119 C  CD1 . ILE B 1 46 ? 18.572  -9.767  -2.978  1.00 34.63 ? 246 ILE B CD1 1 
ATOM   1120 N  N   . ILE B 1 47 ? 13.568  -7.426  -0.987  1.00 36.49 ? 247 ILE B N   1 
ATOM   1121 C  CA  . ILE B 1 47 ? 12.125  -7.263  -1.165  1.00 34.40 ? 247 ILE B CA  1 
ATOM   1122 C  C   . ILE B 1 47 ? 11.775  -6.803  -2.559  1.00 36.17 ? 247 ILE B C   1 
ATOM   1123 O  O   . ILE B 1 47 ? 12.500  -6.017  -3.179  1.00 32.29 ? 247 ILE B O   1 
ATOM   1124 C  CB  . ILE B 1 47 ? 11.510  -6.259  -0.151  1.00 29.43 ? 247 ILE B CB  1 
ATOM   1125 C  CG1 . ILE B 1 47 ? 12.289  -4.938  -0.249  1.00 28.31 ? 247 ILE B CG1 1 
ATOM   1126 C  CG2 . ILE B 1 47 ? 11.381  -6.896  1.221   1.00 27.28 ? 247 ILE B CG2 1 
ATOM   1127 C  CD1 . ILE B 1 47 ? 11.833  -3.880  0.738   1.00 26.08 ? 247 ILE B CD1 1 
ATOM   1128 N  N   . GLY B 1 48 ? 10.645  -7.292  -3.049  1.00 41.44 ? 248 GLY B N   1 
ATOM   1129 C  CA  . GLY B 1 48 ? 10.184  -6.932  -4.370  1.00 43.79 ? 248 GLY B CA  1 
ATOM   1130 C  C   . GLY B 1 48 ? 9.019   -5.971  -4.294  1.00 45.81 ? 248 GLY B C   1 
ATOM   1131 O  O   . GLY B 1 48 ? 8.096   -6.142  -3.487  1.00 42.66 ? 248 GLY B O   1 
ATOM   1132 N  N   . GLY B 1 49 ? 9.073   -4.949  -5.139  1.00 47.90 ? 249 GLY B N   1 
ATOM   1133 C  CA  . GLY B 1 49 ? 8.019   -3.955  -5.186  1.00 44.98 ? 249 GLY B CA  1 
ATOM   1134 C  C   . GLY B 1 49 ? 7.664   -3.672  -6.626  1.00 42.67 ? 249 GLY B C   1 
ATOM   1135 O  O   . GLY B 1 49 ? 7.932   -4.487  -7.517  1.00 44.46 ? 249 GLY B O   1 
ATOM   1136 N  N   . ILE B 1 50 ? 7.043   -2.528  -6.868  1.00 41.10 ? 250 ILE B N   1 
ATOM   1137 C  CA  . ILE B 1 50 ? 6.677   -2.166  -8.226  1.00 41.65 ? 250 ILE B CA  1 
ATOM   1138 C  C   . ILE B 1 50 ? 7.882   -1.601  -8.887  1.00 39.85 ? 250 ILE B C   1 
ATOM   1139 O  O   . ILE B 1 50 ? 8.499   -0.663  -8.381  1.00 38.79 ? 250 ILE B O   1 
ATOM   1140 C  CB  . ILE B 1 50 ? 5.477   -1.161  -8.249  1.00 41.19 ? 250 ILE B CB  1 
ATOM   1141 C  CG1 . ILE B 1 50 ? 4.226   -2.005  -8.002  1.00 42.93 ? 250 ILE B CG1 1 
ATOM   1142 C  CG2 . ILE B 1 50 ? 5.380   -0.431  -9.586  1.00 42.55 ? 250 ILE B CG2 1 
ATOM   1143 C  CD1 . ILE B 1 50 ? 2.929   -1.263  -8.215  1.00 47.76 ? 250 ILE B CD1 1 
ATOM   1144 N  N   . GLY B 1 51 ? 8.281   -2.228  -9.984  1.00 39.73 ? 251 GLY B N   1 
ATOM   1145 C  CA  . GLY B 1 51 ? 9.445   -1.774  -10.720 1.00 44.26 ? 251 GLY B CA  1 
ATOM   1146 C  C   . GLY B 1 51 ? 10.800  -2.064  -10.087 1.00 43.95 ? 251 GLY B C   1 
ATOM   1147 O  O   . GLY B 1 51 ? 11.611  -1.158  -9.922  1.00 42.00 ? 251 GLY B O   1 
ATOM   1148 N  N   . GLY B 1 52 ? 11.042  -3.315  -9.702  1.00 45.23 ? 252 GLY B N   1 
ATOM   1149 C  CA  . GLY B 1 52 ? 12.328  -3.658  -9.127  1.00 46.17 ? 252 GLY B CA  1 
ATOM   1150 C  C   . GLY B 1 52 ? 12.374  -4.332  -7.768  1.00 48.02 ? 252 GLY B C   1 
ATOM   1151 O  O   . GLY B 1 52 ? 11.351  -4.610  -7.136  1.00 47.02 ? 252 GLY B O   1 
ATOM   1152 N  N   . PHE B 1 53 ? 13.603  -4.630  -7.358  1.00 47.71 ? 253 PHE B N   1 
ATOM   1153 C  CA  . PHE B 1 53 ? 13.912  -5.258  -6.081  1.00 45.01 ? 253 PHE B CA  1 
ATOM   1154 C  C   . PHE B 1 53 ? 14.871  -4.359  -5.395  1.00 44.95 ? 253 PHE B C   1 
ATOM   1155 O  O   . PHE B 1 53 ? 15.624  -3.634  -6.046  1.00 44.80 ? 253 PHE B O   1 
ATOM   1156 C  CB  . PHE B 1 53 ? 14.572  -6.590  -6.287  1.00 43.22 ? 253 PHE B CB  1 
ATOM   1157 C  CG  . PHE B 1 53 ? 13.629  -7.695  -6.655  1.00 46.58 ? 253 PHE B CG  1 
ATOM   1158 C  CD1 . PHE B 1 53 ? 13.102  -8.524  -5.675  1.00 47.44 ? 253 PHE B CD1 1 
ATOM   1159 C  CD2 . PHE B 1 53 ? 13.297  -7.935  -7.981  1.00 50.18 ? 253 PHE B CD2 1 
ATOM   1160 C  CE1 . PHE B 1 53 ? 12.251  -9.582  -6.011  1.00 50.73 ? 253 PHE B CE1 1 
ATOM   1161 C  CE2 . PHE B 1 53 ? 12.447  -8.993  -8.329  1.00 53.38 ? 253 PHE B CE2 1 
ATOM   1162 C  CZ  . PHE B 1 53 ? 11.925  -9.817  -7.340  1.00 53.30 ? 253 PHE B CZ  1 
ATOM   1163 N  N   . VAL B 1 54 ? 14.855  -4.379  -4.072  1.00 43.08 ? 254 VAL B N   1 
ATOM   1164 C  CA  . VAL B 1 54 ? 15.766  -3.555  -3.290  1.00 42.21 ? 254 VAL B CA  1 
ATOM   1165 C  C   . VAL B 1 54 ? 16.392  -4.446  -2.179  1.00 42.88 ? 254 VAL B C   1 
ATOM   1166 O  O   . VAL B 1 54 ? 15.814  -5.469  -1.796  1.00 42.61 ? 254 VAL B O   1 
ATOM   1167 C  CB  . VAL B 1 54 ? 15.015  -2.273  -2.715  1.00 40.40 ? 254 VAL B CB  1 
ATOM   1168 C  CG1 . VAL B 1 54 ? 15.670  -1.761  -1.458  1.00 44.85 ? 254 VAL B CG1 1 
ATOM   1169 C  CG2 . VAL B 1 54 ? 15.016  -1.171  -3.756  1.00 40.26 ? 254 VAL B CG2 1 
ATOM   1170 N  N   . LYS B 1 55 ? 17.605  -4.107  -1.750  1.00 41.38 ? 255 LYS B N   1 
ATOM   1171 C  CA  . LYS B 1 55 ? 18.292  -4.873  -0.707  1.00 36.89 ? 255 LYS B CA  1 
ATOM   1172 C  C   . LYS B 1 55 ? 18.145  -4.101  0.577   1.00 33.10 ? 255 LYS B C   1 
ATOM   1173 O  O   . LYS B 1 55 ? 18.564  -2.946  0.671   1.00 30.17 ? 255 LYS B O   1 
ATOM   1174 C  CB  . LYS B 1 55 ? 19.802  -5.064  -1.068  1.00 38.95 ? 255 LYS B CB  1 
ATOM   1175 C  CG  . LYS B 1 55 ? 20.580  -6.002  -0.119  0.00 38.16 ? 255 LYS B CG  1 
ATOM   1176 C  CD  . LYS B 1 55 ? 22.091  -6.079  -0.483  0.00 38.20 ? 255 LYS B CD  1 
ATOM   1177 C  CE  . LYS B 1 55 ? 22.342  -6.819  -1.813  0.00 38.22 ? 255 LYS B CE  1 
ATOM   1178 N  NZ  . LYS B 1 55 ? 23.801  -6.921  -2.125  0.00 38.35 ? 255 LYS B NZ  1 
ATOM   1179 N  N   . VAL B 1 56 ? 17.537  -4.729  1.572   1.00 28.35 ? 256 VAL B N   1 
ATOM   1180 C  CA  . VAL B 1 56 ? 17.303  -4.072  2.850   1.00 26.21 ? 256 VAL B CA  1 
ATOM   1181 C  C   . VAL B 1 56 ? 17.885  -4.809  4.052   1.00 26.77 ? 256 VAL B C   1 
ATOM   1182 O  O   . VAL B 1 56 ? 18.145  -6.015  3.992   1.00 26.44 ? 256 VAL B O   1 
ATOM   1183 C  CB  . VAL B 1 56 ? 15.753  -3.858  3.085   1.00 22.05 ? 256 VAL B CB  1 
ATOM   1184 C  CG1 . VAL B 1 56 ? 15.212  -2.793  2.146   1.00 18.10 ? 256 VAL B CG1 1 
ATOM   1185 C  CG2 . VAL B 1 56 ? 15.000  -5.163  2.864   1.00 10.03 ? 256 VAL B CG2 1 
ATOM   1186 N  N   . ARG B 1 57 ? 18.091  -4.069  5.138   1.00 25.08 ? 257 ARG B N   1 
ATOM   1187 C  CA  . ARG B 1 57 ? 18.600  -4.619  6.389   1.00 20.07 ? 257 ARG B CA  1 
ATOM   1188 C  C   . ARG B 1 57 ? 17.368  -5.069  7.253   1.00 22.73 ? 257 ARG B C   1 
ATOM   1189 O  O   . ARG B 1 57 ? 16.539  -4.242  7.626   1.00 22.71 ? 257 ARG B O   1 
ATOM   1190 C  CB  . ARG B 1 57 ? 19.306  -3.558  7.178   1.00 15.99 ? 257 ARG B CB  1 
ATOM   1191 C  CG  . ARG B 1 57 ? 20.528  -2.891  6.559   1.00 11.37 ? 257 ARG B CG  1 
ATOM   1192 C  CD  . ARG B 1 57 ? 20.965  -1.788  7.537   1.00 17.04 ? 257 ARG B CD  1 
ATOM   1193 N  NE  . ARG B 1 57 ? 22.250  -1.182  7.220   1.00 28.75 ? 257 ARG B NE  1 
ATOM   1194 C  CZ  . ARG B 1 57 ? 22.774  -0.154  7.888   1.00 36.15 ? 257 ARG B CZ  1 
ATOM   1195 N  NH1 . ARG B 1 57 ? 23.959  0.331   7.536   1.00 40.21 ? 257 ARG B NH1 1 
ATOM   1196 N  NH2 . ARG B 1 57 ? 22.106  0.408   8.893   1.00 34.42 ? 257 ARG B NH2 1 
ATOM   1197 N  N   . GLN B 1 58 ? 17.286  -6.350  7.588   1.00 22.50 ? 258 GLN B N   1 
ATOM   1198 C  CA  . GLN B 1 58 ? 16.187  -6.849  8.401   1.00 16.19 ? 258 GLN B CA  1 
ATOM   1199 C  C   . GLN B 1 58 ? 16.525  -6.861  9.892   1.00 20.57 ? 258 GLN B C   1 
ATOM   1200 O  O   . GLN B 1 58 ? 17.437  -7.566  10.318  1.00 24.85 ? 258 GLN B O   1 
ATOM   1201 C  CB  . GLN B 1 58 ? 15.806  -8.265  7.953   1.00 14.06 ? 258 GLN B CB  1 
ATOM   1202 C  CG  . GLN B 1 58 ? 14.865  -9.011  8.902   1.00 18.16 ? 258 GLN B CG  1 
ATOM   1203 C  CD  . GLN B 1 58 ? 14.475  -10.383 8.378   1.00 23.83 ? 258 GLN B CD  1 
ATOM   1204 O  OE1 . GLN B 1 58 ? 14.722  -10.711 7.221   1.00 29.99 ? 258 GLN B OE1 1 
ATOM   1205 N  NE2 . GLN B 1 58 ? 13.853  -11.184 9.227   1.00 24.05 ? 258 GLN B NE2 1 
ATOM   1206 N  N   . TYR B 1 59 ? 15.812  -6.060  10.678  1.00 21.53 ? 259 TYR B N   1 
ATOM   1207 C  CA  . TYR B 1 59 ? 16.010  -6.016  12.129  1.00 22.56 ? 259 TYR B CA  1 
ATOM   1208 C  C   . TYR B 1 59 ? 14.823  -6.741  12.783  1.00 24.04 ? 259 TYR B C   1 
ATOM   1209 O  O   . TYR B 1 59 ? 13.680  -6.339  12.605  1.00 28.63 ? 259 TYR B O   1 
ATOM   1210 C  CB  . TYR B 1 59 ? 16.064  -4.569  12.639  1.00 21.11 ? 259 TYR B CB  1 
ATOM   1211 C  CG  . TYR B 1 59 ? 17.319  -3.782  12.291  1.00 24.83 ? 259 TYR B CG  1 
ATOM   1212 C  CD1 . TYR B 1 59 ? 17.428  -3.096  11.073  1.00 24.15 ? 259 TYR B CD1 1 
ATOM   1213 C  CD2 . TYR B 1 59 ? 18.342  -3.618  13.230  1.00 27.21 ? 259 TYR B CD2 1 
ATOM   1214 C  CE1 . TYR B 1 59 ? 18.510  -2.259  10.806  1.00 22.93 ? 259 TYR B CE1 1 
ATOM   1215 C  CE2 . TYR B 1 59 ? 19.432  -2.784  12.974  1.00 28.91 ? 259 TYR B CE2 1 
ATOM   1216 C  CZ  . TYR B 1 59 ? 19.507  -2.096  11.763  1.00 25.90 ? 259 TYR B CZ  1 
ATOM   1217 O  OH  . TYR B 1 59 ? 20.540  -1.220  11.548  1.00 29.43 ? 259 TYR B OH  1 
ATOM   1218 N  N   . ASP B 1 60 ? 15.092  -7.810  13.523  1.00 28.50 ? 260 ASP B N   1 
ATOM   1219 C  CA  . ASP B 1 60 ? 14.032  -8.579  14.172  1.00 26.54 ? 260 ASP B CA  1 
ATOM   1220 C  C   . ASP B 1 60 ? 13.652  -8.136  15.588  1.00 31.02 ? 260 ASP B C   1 
ATOM   1221 O  O   . ASP B 1 60 ? 14.438  -7.489  16.278  1.00 31.65 ? 260 ASP B O   1 
ATOM   1222 C  CB  . ASP B 1 60 ? 14.381  -10.067 14.175  1.00 26.17 ? 260 ASP B CB  1 
ATOM   1223 C  CG  . ASP B 1 60 ? 14.210  -10.711 12.820  1.00 32.31 ? 260 ASP B CG  1 
ATOM   1224 O  OD1 . ASP B 1 60 ? 14.465  -11.931 12.705  1.00 34.50 ? 260 ASP B OD1 1 
ATOM   1225 O  OD2 . ASP B 1 60 ? 13.823  -10.000 11.867  1.00 37.05 ? 260 ASP B OD2 1 
ATOM   1226 N  N   . GLN B 1 61 ? 12.432  -8.498  15.992  1.00 34.81 ? 261 GLN B N   1 
ATOM   1227 C  CA  . GLN B 1 61 ? 11.864  -8.196  17.307  1.00 38.23 ? 261 GLN B CA  1 
ATOM   1228 C  C   . GLN B 1 61 ? 12.149  -6.769  17.827  1.00 36.71 ? 261 GLN B C   1 
ATOM   1229 O  O   . GLN B 1 61 ? 12.587  -6.581  18.959  1.00 37.63 ? 261 GLN B O   1 
ATOM   1230 C  CB  . GLN B 1 61 ? 12.326  -9.255  18.368  1.00 48.04 ? 261 GLN B CB  1 
ATOM   1231 C  CG  . GLN B 1 61 ? 12.343  -10.745 17.881  1.00 62.94 ? 261 GLN B CG  1 
ATOM   1232 C  CD  . GLN B 1 61 ? 11.061  -11.175 17.183  1.00 73.72 ? 261 GLN B CD  1 
ATOM   1233 O  OE1 . GLN B 1 61 ? 11.071  -11.498 15.991  1.00 78.37 ? 261 GLN B OE1 1 
ATOM   1234 N  NE2 . GLN B 1 61 ? 9.955   -11.200 17.920  1.00 78.20 ? 261 GLN B NE2 1 
ATOM   1235 N  N   . ILE B 1 62 ? 11.857  -5.769  17.005  1.00 38.55 ? 262 ILE B N   1 
ATOM   1236 C  CA  . ILE B 1 62 ? 12.077  -4.375  17.378  1.00 38.62 ? 262 ILE B CA  1 
ATOM   1237 C  C   . ILE B 1 62 ? 10.772  -3.759  18.005  1.00 39.50 ? 262 ILE B C   1 
ATOM   1238 O  O   . ILE B 1 62 ? 9.660   -4.015  17.531  1.00 37.52 ? 262 ILE B O   1 
ATOM   1239 C  CB  . ILE B 1 62 ? 12.534  -3.516  16.110  1.00 36.90 ? 262 ILE B CB  1 
ATOM   1240 C  CG1 . ILE B 1 62 ? 14.005  -3.772  15.739  1.00 38.43 ? 262 ILE B CG1 1 
ATOM   1241 C  CG2 . ILE B 1 62 ? 12.358  -2.032  16.368  1.00 41.54 ? 262 ILE B CG2 1 
ATOM   1242 C  CD1 . ILE B 1 62 ? 15.016  -3.157  16.705  1.00 36.70 ? 262 ILE B CD1 1 
ATOM   1243 N  N   . PRO B 1 63 ? 10.916  -3.033  19.128  1.00 38.60 ? 263 PRO B N   1 
ATOM   1244 C  CA  . PRO B 1 63 ? 9.783   -2.396  19.800  1.00 35.54 ? 263 PRO B CA  1 
ATOM   1245 C  C   . PRO B 1 63 ? 9.432   -0.999  19.157  1.00 34.56 ? 263 PRO B C   1 
ATOM   1246 O  O   . PRO B 1 63 ? 10.247  -0.071  19.136  1.00 30.46 ? 263 PRO B O   1 
ATOM   1247 C  CB  . PRO B 1 63 ? 10.273  -2.261  21.234  1.00 35.38 ? 263 PRO B CB  1 
ATOM   1248 C  CG  . PRO B 1 63 ? 11.725  -1.989  21.050  1.00 37.77 ? 263 PRO B CG  1 
ATOM   1249 C  CD  . PRO B 1 63 ? 12.120  -2.991  19.978  1.00 39.34 ? 263 PRO B CD  1 
ATOM   1250 N  N   . ILE B 1 64 ? 8.210   -0.890  18.656  1.00 34.38 ? 264 ILE B N   1 
ATOM   1251 C  CA  . ILE B 1 64 ? 7.751   0.331   18.017  1.00 36.18 ? 264 ILE B CA  1 
ATOM   1252 C  C   . ILE B 1 64 ? 6.331   0.710   18.535  1.00 38.66 ? 264 ILE B C   1 
ATOM   1253 O  O   . ILE B 1 64 ? 5.458   -0.151  18.679  1.00 34.84 ? 264 ILE B O   1 
ATOM   1254 C  CB  . ILE B 1 64 ? 7.786   0.166   16.469  1.00 32.45 ? 264 ILE B CB  1 
ATOM   1255 C  CG1 . ILE B 1 64 ? 7.278   1.407   15.809  1.00 34.42 ? 264 ILE B CG1 1 
ATOM   1256 C  CG2 . ILE B 1 64 ? 7.173   -1.167  16.058  1.00 30.49 ? 264 ILE B CG2 1 
ATOM   1257 C  CD1 . ILE B 1 64 ? 7.433   1.375   14.310  1.00 39.36 ? 264 ILE B CD1 1 
ATOM   1258 N  N   . GLU B 1 65 ? 6.152   1.989   18.857  1.00 43.17 ? 265 GLU B N   1 
ATOM   1259 C  CA  . GLU B 1 65 ? 4.886   2.518   19.384  1.00 48.71 ? 265 GLU B CA  1 
ATOM   1260 C  C   . GLU B 1 65 ? 4.043   3.206   18.315  1.00 44.91 ? 265 GLU B C   1 
ATOM   1261 O  O   . GLU B 1 65 ? 4.229   4.389   18.041  1.00 42.08 ? 265 GLU B O   1 
ATOM   1262 C  CB  . GLU B 1 65 ? 5.181   3.529   20.495  1.00 56.15 ? 265 GLU B CB  1 
ATOM   1263 C  CG  . GLU B 1 65 ? 4.556   3.209   21.837  1.00 69.43 ? 265 GLU B CG  1 
ATOM   1264 C  CD  . GLU B 1 65 ? 5.513   3.471   22.988  1.00 76.44 ? 265 GLU B CD  1 
ATOM   1265 O  OE1 . GLU B 1 65 ? 6.046   4.602   23.078  1.00 78.25 ? 265 GLU B OE1 1 
ATOM   1266 O  OE2 . GLU B 1 65 ? 5.745   2.538   23.791  1.00 82.32 ? 265 GLU B OE2 1 
ATOM   1267 N  N   . ILE B 1 66 ? 3.084   2.491   17.749  1.00 44.31 ? 266 ILE B N   1 
ATOM   1268 C  CA  . ILE B 1 66 ? 2.241   3.069   16.712  1.00 48.57 ? 266 ILE B CA  1 
ATOM   1269 C  C   . ILE B 1 66 ? 0.970   3.725   17.294  1.00 53.39 ? 266 ILE B C   1 
ATOM   1270 O  O   . ILE B 1 66 ? 0.012   3.030   17.652  1.00 52.52 ? 266 ILE B O   1 
ATOM   1271 C  CB  . ILE B 1 66 ? 1.819   2.010   15.684  1.00 48.49 ? 266 ILE B CB  1 
ATOM   1272 C  CG1 . ILE B 1 66 ? 3.033   1.224   15.208  1.00 50.38 ? 266 ILE B CG1 1 
ATOM   1273 C  CG2 . ILE B 1 66 ? 1.186   2.677   14.475  1.00 46.95 ? 266 ILE B CG2 1 
ATOM   1274 C  CD1 . ILE B 1 66 ? 2.693   0.096   14.263  1.00 49.72 ? 266 ILE B CD1 1 
ATOM   1275 N  N   . CYS B 1 67 ? 0.986   5.054   17.398  1.00 57.18 ? 267 CYS B N   1 
ATOM   1276 C  CA  . CYS B 1 67 ? -0.155  5.822   17.907  1.00 60.78 ? 267 CYS B CA  1 
ATOM   1277 C  C   . CYS B 1 67 ? -0.649  5.375   19.299  1.00 61.55 ? 267 CYS B C   1 
ATOM   1278 O  O   . CYS B 1 67 ? -1.830  5.075   19.488  1.00 62.31 ? 267 CYS B O   1 
ATOM   1279 C  CB  . CYS B 1 67 ? -1.337  5.758   16.887  1.00 62.95 ? 267 CYS B CB  1 
ATOM   1280 S  SG  . CYS B 1 67 ? -1.948  7.366   16.332  1.00 67.20 ? 267 CYS B SG  1 
ATOM   1281 N  N   . GLY B 1 68 ? 0.265   5.325   20.265  1.00 62.62 ? 268 GLY B N   1 
ATOM   1282 C  CA  . GLY B 1 68 ? -0.102  4.924   21.613  1.00 62.03 ? 268 GLY B CA  1 
ATOM   1283 C  C   . GLY B 1 68 ? 0.093   3.447   21.886  1.00 60.42 ? 268 GLY B C   1 
ATOM   1284 O  O   . GLY B 1 68 ? 0.609   3.069   22.938  1.00 65.63 ? 268 GLY B O   1 
ATOM   1285 N  N   . HIS B 1 69 ? -0.311  2.605   20.939  1.00 57.15 ? 269 HIS B N   1 
ATOM   1286 C  CA  . HIS B 1 69 ? -0.182  1.158   21.089  1.00 51.82 ? 269 HIS B CA  1 
ATOM   1287 C  C   . HIS B 1 69 ? 1.295   0.752   21.023  1.00 49.68 ? 269 HIS B C   1 
ATOM   1288 O  O   . HIS B 1 69 ? 2.025   1.194   20.133  1.00 45.31 ? 269 HIS B O   1 
ATOM   1289 C  CB  . HIS B 1 69 ? -0.956  0.410   19.954  1.00 54.62 ? 269 HIS B CB  1 
ATOM   1290 C  CG  . HIS B 1 69 ? -2.376  0.861   19.766  1.00 61.74 ? 269 HIS B CG  1 
ATOM   1291 N  ND1 . HIS B 1 69 ? -3.460  0.059   20.065  1.00 61.15 ? 269 HIS B ND1 1 
ATOM   1292 C  CD2 . HIS B 1 69 ? -2.891  2.005   19.250  1.00 61.51 ? 269 HIS B CD2 1 
ATOM   1293 C  CE1 . HIS B 1 69 ? -4.574  0.688   19.744  1.00 63.82 ? 269 HIS B CE1 1 
ATOM   1294 N  NE2 . HIS B 1 69 ? -4.257  1.872   19.246  1.00 62.33 ? 269 HIS B NE2 1 
ATOM   1295 N  N   . LYS B 1 70 ? 1.743   -0.034  22.000  1.00 49.09 ? 270 LYS B N   1 
ATOM   1296 C  CA  . LYS B 1 70 ? 3.119   -0.521  22.007  1.00 45.78 ? 270 LYS B CA  1 
ATOM   1297 C  C   . LYS B 1 70 ? 3.059   -1.826  21.204  1.00 43.43 ? 270 LYS B C   1 
ATOM   1298 O  O   . LYS B 1 70 ? 2.203   -2.676  21.447  1.00 40.63 ? 270 LYS B O   1 
ATOM   1299 C  CB  . LYS B 1 70 ? 3.613   -0.754  23.433  1.00 48.89 ? 270 LYS B CB  1 
ATOM   1300 C  CG  . LYS B 1 70 ? 5.144   -1.020  23.554  1.00 53.41 ? 270 LYS B CG  1 
ATOM   1301 C  CD  . LYS B 1 70 ? 5.486   -2.481  23.236  1.00 57.59 ? 270 LYS B CD  1 
ATOM   1302 C  CE  . LYS B 1 70 ? 4.696   -3.444  24.158  1.00 58.31 ? 270 LYS B CE  1 
ATOM   1303 N  NZ  . LYS B 1 70 ? 4.285   -4.682  23.437  1.00 54.49 ? 270 LYS B NZ  1 
ATOM   1304 N  N   . VAL B 1 71 ? 3.973   -1.970  20.253  1.00 42.55 ? 271 VAL B N   1 
ATOM   1305 C  CA  . VAL B 1 71 ? 4.007   -3.124  19.359  1.00 38.69 ? 271 VAL B CA  1 
ATOM   1306 C  C   . VAL B 1 71 ? 5.456   -3.643  19.149  1.00 37.62 ? 271 VAL B C   1 
ATOM   1307 O  O   . VAL B 1 71 ? 6.415   -2.909  19.382  1.00 37.25 ? 271 VAL B O   1 
ATOM   1308 C  CB  . VAL B 1 71 ? 3.348   -2.691  17.975  1.00 41.28 ? 271 VAL B CB  1 
ATOM   1309 C  CG1 . VAL B 1 71 ? 3.949   -3.420  16.797  1.00 43.49 ? 271 VAL B CG1 1 
ATOM   1310 C  CG2 . VAL B 1 71 ? 1.845   -2.892  18.031  1.00 39.09 ? 271 VAL B CG2 1 
ATOM   1311 N  N   . ILE B 1 72 ? 5.606   -4.912  18.767  1.00 34.97 ? 272 ILE B N   1 
ATOM   1312 C  CA  . ILE B 1 72 ? 6.936   -5.489  18.517  1.00 31.96 ? 272 ILE B CA  1 
ATOM   1313 C  C   . ILE B 1 72 ? 6.938   -6.284  17.252  1.00 27.18 ? 272 ILE B C   1 
ATOM   1314 O  O   . ILE B 1 72 ? 6.071   -7.134  17.034  1.00 26.55 ? 272 ILE B O   1 
ATOM   1315 C  CB  . ILE B 1 72 ? 7.445   -6.417  19.743  1.00 35.61 ? 272 ILE B CB  1 
ATOM   1316 C  CG1 . ILE B 1 72 ? 8.082   -5.478  20.826  1.00 37.85 ? 272 ILE B CG1 1 
ATOM   1317 C  CG2 . ILE B 1 72 ? 8.363   -7.549  19.235  1.00 27.32 ? 272 ILE B CG2 1 
ATOM   1318 C  CD1 . ILE B 1 72 ? 7.890   -5.963  22.268  1.00 39.84 ? 272 ILE B CD1 1 
ATOM   1319 N  N   . GLY B 1 73 ? 7.910   -6.027  16.389  1.00 21.35 ? 273 GLY B N   1 
ATOM   1320 C  CA  . GLY B 1 73 ? 7.958   -6.774  15.154  1.00 18.77 ? 273 GLY B CA  1 
ATOM   1321 C  C   . GLY B 1 73 ? 9.199   -6.523  14.340  1.00 20.62 ? 273 GLY B C   1 
ATOM   1322 O  O   . GLY B 1 73 ? 10.101  -5.787  14.742  1.00 21.93 ? 273 GLY B O   1 
ATOM   1323 N  N   . THR B 1 74 ? 9.252   -7.185  13.196  1.00 21.41 ? 274 THR B N   1 
ATOM   1324 C  CA  . THR B 1 74 ? 10.368  -7.067  12.272  1.00 21.05 ? 274 THR B CA  1 
ATOM   1325 C  C   . THR B 1 74 ? 10.228  -5.785  11.437  1.00 22.64 ? 274 THR B C   1 
ATOM   1326 O  O   . THR B 1 74 ? 9.165   -5.526  10.868  1.00 23.02 ? 274 THR B O   1 
ATOM   1327 C  CB  . THR B 1 74 ? 10.375  -8.282  11.277  1.00 21.02 ? 274 THR B CB  1 
ATOM   1328 O  OG1 . THR B 1 74 ? 10.392  -9.519  12.005  1.00 22.21 ? 274 THR B OG1 1 
ATOM   1329 C  CG2 . THR B 1 74 ? 11.575  -8.221  10.353  1.00 25.74 ? 274 THR B CG2 1 
ATOM   1330 N  N   . VAL B 1 75 ? 11.273  -4.970  11.392  1.00 20.84 ? 275 VAL B N   1 
ATOM   1331 C  CA  . VAL B 1 75 ? 11.231  -3.779  10.558  1.00 21.80 ? 275 VAL B CA  1 
ATOM   1332 C  C   . VAL B 1 75 ? 12.432  -3.792  9.586   1.00 22.26 ? 275 VAL B C   1 
ATOM   1333 O  O   . VAL B 1 75 ? 13.539  -4.137  9.974   1.00 20.76 ? 275 VAL B O   1 
ATOM   1334 C  CB  . VAL B 1 75 ? 11.200  -2.466  11.377  1.00 23.32 ? 275 VAL B CB  1 
ATOM   1335 C  CG1 . VAL B 1 75 ? 10.414  -2.662  12.655  1.00 25.48 ? 275 VAL B CG1 1 
ATOM   1336 C  CG2 . VAL B 1 75 ? 12.591  -1.940  11.637  1.00 25.83 ? 275 VAL B CG2 1 
ATOM   1337 N  N   . LEU B 1 76 ? 12.183  -3.492  8.320   1.00 20.37 ? 276 LEU B N   1 
ATOM   1338 C  CA  . LEU B 1 76 ? 13.239  -3.469  7.319   1.00 14.80 ? 276 LEU B CA  1 
ATOM   1339 C  C   . LEU B 1 76 ? 13.698  -2.055  7.127   1.00 20.17 ? 276 LEU B C   1 
ATOM   1340 O  O   . LEU B 1 76 ? 12.911  -1.123  7.243   1.00 23.95 ? 276 LEU B O   1 
ATOM   1341 C  CB  . LEU B 1 76 ? 12.739  -4.018  6.028   1.00 7.83  ? 276 LEU B CB  1 
ATOM   1342 C  CG  . LEU B 1 76 ? 11.974  -5.371  6.184   1.00 9.45  ? 276 LEU B CG  1 
ATOM   1343 C  CD1 . LEU B 1 76 ? 11.415  -5.811  4.853   1.00 2.00  ? 276 LEU B CD1 1 
ATOM   1344 C  CD2 . LEU B 1 76 ? 12.849  -6.473  6.745   1.00 6.09  ? 276 LEU B CD2 1 
ATOM   1345 N  N   . VAL B 1 77 ? 14.987  -1.875  6.872   1.00 24.00 ? 277 VAL B N   1 
ATOM   1346 C  CA  . VAL B 1 77 ? 15.572  -0.552  6.660   1.00 26.04 ? 277 VAL B CA  1 
ATOM   1347 C  C   . VAL B 1 77 ? 16.261  -0.527  5.271   1.00 31.12 ? 277 VAL B C   1 
ATOM   1348 O  O   . VAL B 1 77 ? 17.027  -1.432  4.934   1.00 31.27 ? 277 VAL B O   1 
ATOM   1349 C  CB  . VAL B 1 77 ? 16.586  -0.211  7.770   1.00 25.00 ? 277 VAL B CB  1 
ATOM   1350 C  CG1 . VAL B 1 77 ? 17.414  0.977   7.383   1.00 28.20 ? 277 VAL B CG1 1 
ATOM   1351 C  CG2 . VAL B 1 77 ? 15.859  0.067   9.064   1.00 25.52 ? 277 VAL B CG2 1 
ATOM   1352 N  N   . GLY B 1 78 ? 15.951  0.484   4.464   1.00 33.76 ? 278 GLY B N   1 
ATOM   1353 C  CA  . GLY B 1 78 ? 16.538  0.567   3.141   1.00 34.79 ? 278 GLY B CA  1 
ATOM   1354 C  C   . GLY B 1 78 ? 16.239  1.867   2.430   1.00 37.40 ? 278 GLY B C   1 
ATOM   1355 O  O   . GLY B 1 78 ? 15.717  2.804   3.048   1.00 35.21 ? 278 GLY B O   1 
ATOM   1356 N  N   . PRO B 1 79 ? 16.578  1.972   1.132   1.00 37.57 ? 279 PRO B N   1 
ATOM   1357 C  CA  . PRO B 1 79 ? 16.356  3.163   0.309   1.00 39.12 ? 279 PRO B CA  1 
ATOM   1358 C  C   . PRO B 1 79 ? 14.888  3.258   -0.160  1.00 40.58 ? 279 PRO B C   1 
ATOM   1359 O  O   . PRO B 1 79 ? 14.580  3.050   -1.343  1.00 46.73 ? 279 PRO B O   1 
ATOM   1360 C  CB  . PRO B 1 79 ? 17.304  2.932   -0.870  1.00 37.69 ? 279 PRO B CB  1 
ATOM   1361 C  CG  . PRO B 1 79 ? 17.189  1.454   -1.076  1.00 35.52 ? 279 PRO B CG  1 
ATOM   1362 C  CD  . PRO B 1 79 ? 17.321  0.956   0.362   1.00 40.34 ? 279 PRO B CD  1 
ATOM   1363 N  N   . THR B 1 80 ? 13.998  3.554   0.774   1.00 37.06 ? 280 THR B N   1 
ATOM   1364 C  CA  . THR B 1 80 ? 12.590  3.693   0.455   1.00 30.94 ? 280 THR B CA  1 
ATOM   1365 C  C   . THR B 1 80 ? 12.283  5.133   0.429   1.00 29.37 ? 280 THR B C   1 
ATOM   1366 O  O   . THR B 1 80 ? 12.822  5.911   1.225   1.00 26.07 ? 280 THR B O   1 
ATOM   1367 C  CB  . THR B 1 80 ? 11.685  3.029   1.502   1.00 31.33 ? 280 THR B CB  1 
ATOM   1368 O  OG1 . THR B 1 80 ? 10.322  3.304   1.170   1.00 30.21 ? 280 THR B OG1 1 
ATOM   1369 C  CG2 . THR B 1 80 ? 11.971  3.570   2.894   1.00 24.88 ? 280 THR B CG2 1 
ATOM   1370 N  N   . PRO B 1 81 ? 11.414  5.549   -0.507  1.00 29.57 ? 281 PRO B N   1 
ATOM   1371 C  CA  . PRO B 1 81 ? 11.026  6.956   -0.632  1.00 27.88 ? 281 PRO B CA  1 
ATOM   1372 C  C   . PRO B 1 81 ? 10.271  7.441   0.604   1.00 31.15 ? 281 PRO B C   1 
ATOM   1373 O  O   . PRO B 1 81 ? 10.345  8.621   0.946   1.00 35.49 ? 281 PRO B O   1 
ATOM   1374 C  CB  . PRO B 1 81 ? 10.156  6.955   -1.872  1.00 27.37 ? 281 PRO B CB  1 
ATOM   1375 C  CG  . PRO B 1 81 ? 9.587   5.563   -1.914  1.00 29.68 ? 281 PRO B CG  1 
ATOM   1376 C  CD  . PRO B 1 81 ? 10.787  4.736   -1.566  1.00 27.02 ? 281 PRO B CD  1 
ATOM   1377 N  N   . THR B 1 82 ? 9.578   6.531   1.297   1.00 30.77 ? 282 THR B N   1 
ATOM   1378 C  CA  . THR B 1 82 ? 8.831   6.901   2.506   1.00 29.19 ? 282 THR B CA  1 
ATOM   1379 C  C   . THR B 1 82 ? 8.803   5.781   3.511   1.00 27.49 ? 282 THR B C   1 
ATOM   1380 O  O   . THR B 1 82 ? 8.937   4.607   3.148   1.00 26.31 ? 282 THR B O   1 
ATOM   1381 C  CB  . THR B 1 82 ? 7.336   7.255   2.199   1.00 29.68 ? 282 THR B CB  1 
ATOM   1382 O  OG1 . THR B 1 82 ? 7.094   7.172   0.789   1.00 33.07 ? 282 THR B OG1 1 
ATOM   1383 C  CG2 . THR B 1 82 ? 7.013   8.649   2.696   1.00 28.19 ? 282 THR B CG2 1 
ATOM   1384 N  N   . ASN B 1 83 ? 8.649   6.147   4.785   1.00 24.57 ? 283 ASN B N   1 
ATOM   1385 C  CA  . ASN B 1 83 ? 8.549   5.174   5.866   1.00 23.06 ? 283 ASN B CA  1 
ATOM   1386 C  C   . ASN B 1 83 ? 7.201   4.501   5.692   1.00 20.78 ? 283 ASN B C   1 
ATOM   1387 O  O   . ASN B 1 83 ? 6.172   5.167   5.670   1.00 24.96 ? 283 ASN B O   1 
ATOM   1388 C  CB  . ASN B 1 83 ? 8.597   5.868   7.224   1.00 24.37 ? 283 ASN B CB  1 
ATOM   1389 C  CG  . ASN B 1 83 ? 9.919   6.547   7.485   1.00 28.28 ? 283 ASN B CG  1 
ATOM   1390 O  OD1 . ASN B 1 83 ? 10.961  6.099   7.020   1.00 31.34 ? 283 ASN B OD1 1 
ATOM   1391 N  ND2 . ASN B 1 83 ? 9.884   7.628   8.238   1.00 32.69 ? 283 ASN B ND2 1 
ATOM   1392 N  N   . ILE B 1 84 ? 7.212   3.181   5.578   1.00 19.94 ? 284 ILE B N   1 
ATOM   1393 C  CA  . ILE B 1 84 ? 6.010   2.389   5.376   1.00 14.05 ? 284 ILE B CA  1 
ATOM   1394 C  C   . ILE B 1 84 ? 5.729   1.453   6.555   1.00 20.12 ? 284 ILE B C   1 
ATOM   1395 O  O   . ILE B 1 84 ? 6.643   0.790   7.060   1.00 21.19 ? 284 ILE B O   1 
ATOM   1396 C  CB  . ILE B 1 84 ? 6.185   1.501   4.128   1.00 13.53 ? 284 ILE B CB  1 
ATOM   1397 C  CG1 . ILE B 1 84 ? 6.458   2.361   2.912   1.00 24.73 ? 284 ILE B CG1 1 
ATOM   1398 C  CG2 . ILE B 1 84 ? 5.031   0.534   3.985   1.00 12.88 ? 284 ILE B CG2 1 
ATOM   1399 C  CD1 . ILE B 1 84 ? 6.820   1.557   1.668   1.00 27.62 ? 284 ILE B CD1 1 
ATOM   1400 N  N   . ILE B 1 85 ? 4.459   1.386   6.958   1.00 17.43 ? 285 ILE B N   1 
ATOM   1401 C  CA  . ILE B 1 85 ? 3.996   0.495   8.021   1.00 13.68 ? 285 ILE B CA  1 
ATOM   1402 C  C   . ILE B 1 85 ? 3.090   -0.534  7.328   1.00 10.62 ? 285 ILE B C   1 
ATOM   1403 O  O   . ILE B 1 85 ? 1.978   -0.210  6.922   1.00 19.84 ? 285 ILE B O   1 
ATOM   1404 C  CB  . ILE B 1 85 ? 3.174   1.238   9.071   1.00 14.77 ? 285 ILE B CB  1 
ATOM   1405 C  CG1 . ILE B 1 85 ? 4.031   2.233   9.817   1.00 23.69 ? 285 ILE B CG1 1 
ATOM   1406 C  CG2 . ILE B 1 85 ? 2.708   0.280   10.148  1.00 15.14 ? 285 ILE B CG2 1 
ATOM   1407 C  CD1 . ILE B 1 85 ? 3.251   3.072   10.819  1.00 30.27 ? 285 ILE B CD1 1 
ATOM   1408 N  N   . GLY B 1 86 ? 3.580   -1.759  7.178   1.00 8.82  ? 286 GLY B N   1 
ATOM   1409 C  CA  . GLY B 1 86 ? 2.834   -2.797  6.495   1.00 3.23  ? 286 GLY B CA  1 
ATOM   1410 C  C   . GLY B 1 86 ? 1.929   -3.618  7.374   1.00 14.00 ? 286 GLY B C   1 
ATOM   1411 O  O   . GLY B 1 86 ? 1.803   -3.363  8.579   1.00 16.34 ? 286 GLY B O   1 
ATOM   1412 N  N   . ARG B 1 87 ? 1.324   -4.643  6.784   1.00 15.31 ? 287 ARG B N   1 
ATOM   1413 C  CA  . ARG B 1 87 ? 0.405   -5.505  7.509   1.00 18.70 ? 287 ARG B CA  1 
ATOM   1414 C  C   . ARG B 1 87 ? 0.944   -6.145  8.789   1.00 25.38 ? 287 ARG B C   1 
ATOM   1415 O  O   . ARG B 1 87 ? 0.231   -6.198  9.791   1.00 30.97 ? 287 ARG B O   1 
ATOM   1416 C  CB  . ARG B 1 87 ? -0.156  -6.554  6.602   1.00 16.52 ? 287 ARG B CB  1 
ATOM   1417 C  CG  . ARG B 1 87 ? -1.030  -5.993  5.507   1.00 11.55 ? 287 ARG B CG  1 
ATOM   1418 C  CD  . ARG B 1 87 ? -1.837  -7.084  4.842   1.00 13.77 ? 287 ARG B CD  1 
ATOM   1419 N  NE  . ARG B 1 87 ? -1.005  -8.040  4.124   1.00 22.81 ? 287 ARG B NE  1 
ATOM   1420 C  CZ  . ARG B 1 87 ? -0.706  -9.260  4.556   1.00 28.27 ? 287 ARG B CZ  1 
ATOM   1421 N  NH1 . ARG B 1 87 ? 0.058   -10.052 3.812   1.00 27.53 ? 287 ARG B NH1 1 
ATOM   1422 N  NH2 . ARG B 1 87 ? -1.153  -9.689  5.729   1.00 25.28 ? 287 ARG B NH2 1 
ATOM   1423 N  N   . ASN B 1 88 ? 2.207   -6.568  8.786   1.00 25.55 ? 288 ASN B N   1 
ATOM   1424 C  CA  . ASN B 1 88 ? 2.798   -7.219  9.959   1.00 20.09 ? 288 ASN B CA  1 
ATOM   1425 C  C   . ASN B 1 88 ? 2.645   -6.444  11.254  1.00 17.91 ? 288 ASN B C   1 
ATOM   1426 O  O   . ASN B 1 88 ? 2.531   -7.045  12.314  1.00 24.64 ? 288 ASN B O   1 
ATOM   1427 C  CB  . ASN B 1 88 ? 4.295   -7.559  9.717   1.00 14.08 ? 288 ASN B CB  1 
ATOM   1428 C  CG  . ASN B 1 88 ? 5.179   -6.342  9.779   1.00 14.64 ? 288 ASN B CG  1 
ATOM   1429 O  OD1 . ASN B 1 88 ? 4.921   -5.332  9.123   1.00 21.71 ? 288 ASN B OD1 1 
ATOM   1430 N  ND2 . ASN B 1 88 ? 6.237   -6.424  10.565  1.00 15.58 ? 288 ASN B ND2 1 
ATOM   1431 N  N   . LEU B 1 89 ? 2.702   -5.120  11.190  1.00 13.56 ? 289 LEU B N   1 
ATOM   1432 C  CA  . LEU B 1 89 ? 2.534   -4.319  12.398  1.00 18.50 ? 289 LEU B CA  1 
ATOM   1433 C  C   . LEU B 1 89 ? 1.091   -3.815  12.534  1.00 23.67 ? 289 LEU B C   1 
ATOM   1434 O  O   . LEU B 1 89 ? 0.601   -3.607  13.647  1.00 26.39 ? 289 LEU B O   1 
ATOM   1435 C  CB  . LEU B 1 89 ? 3.463   -3.127  12.406  1.00 16.84 ? 289 LEU B CB  1 
ATOM   1436 C  CG  . LEU B 1 89 ? 4.957   -3.302  12.359  1.00 19.09 ? 289 LEU B CG  1 
ATOM   1437 C  CD1 . LEU B 1 89 ? 5.584   -1.942  12.622  1.00 23.11 ? 289 LEU B CD1 1 
ATOM   1438 C  CD2 . LEU B 1 89 ? 5.410   -4.273  13.401  1.00 21.39 ? 289 LEU B CD2 1 
ATOM   1439 N  N   . LEU B 1 90 ? 0.406   -3.640  11.403  1.00 24.02 ? 290 LEU B N   1 
ATOM   1440 C  CA  . LEU B 1 90 ? -0.962  -3.147  11.419  1.00 18.91 ? 290 LEU B CA  1 
ATOM   1441 C  C   . LEU B 1 90 ? -1.906  -4.103  12.093  1.00 19.79 ? 290 LEU B C   1 
ATOM   1442 O  O   . LEU B 1 90 ? -2.815  -3.670  12.794  1.00 14.81 ? 290 LEU B O   1 
ATOM   1443 C  CB  . LEU B 1 90 ? -1.462  -2.786  9.989   1.00 13.78 ? 290 LEU B CB  1 
ATOM   1444 C  CG  . LEU B 1 90 ? -0.793  -1.562  9.337   1.00 9.08  ? 290 LEU B CG  1 
ATOM   1445 C  CD1 . LEU B 1 90 ? -1.420  -1.410  7.967   1.00 6.21  ? 290 LEU B CD1 1 
ATOM   1446 C  CD2 . LEU B 1 90 ? -0.922  -0.267  10.140  1.00 6.96  ? 290 LEU B CD2 1 
ATOM   1447 N  N   . THR B 1 91 ? -1.692  -5.405  11.920  1.00 17.63 ? 291 THR B N   1 
ATOM   1448 C  CA  . THR B 1 91 ? -2.550  -6.390  12.564  1.00 19.39 ? 291 THR B CA  1 
ATOM   1449 C  C   . THR B 1 91 ? -2.441  -6.253  14.073  1.00 23.34 ? 291 THR B C   1 
ATOM   1450 O  O   . THR B 1 91 ? -3.437  -6.374  14.787  1.00 26.40 ? 291 THR B O   1 
ATOM   1451 C  CB  . THR B 1 91 ? -2.162  -7.815  12.212  1.00 16.45 ? 291 THR B CB  1 
ATOM   1452 O  OG1 . THR B 1 91 ? -0.853  -8.103  12.717  1.00 24.17 ? 291 THR B OG1 1 
ATOM   1453 C  CG2 . THR B 1 91 ? -2.178  -8.009  10.716  1.00 14.63 ? 291 THR B CG2 1 
ATOM   1454 N  N   . GLN B 1 92 ? -1.242  -5.931  14.550  1.00 25.46 ? 292 GLN B N   1 
ATOM   1455 C  CA  . GLN B 1 92 ? -0.984  -5.788  15.982  1.00 25.04 ? 292 GLN B CA  1 
ATOM   1456 C  C   . GLN B 1 92 ? -1.624  -4.623  16.649  1.00 25.27 ? 292 GLN B C   1 
ATOM   1457 O  O   . GLN B 1 92 ? -1.715  -4.608  17.878  1.00 27.69 ? 292 GLN B O   1 
ATOM   1458 C  CB  . GLN B 1 92 ? 0.512   -5.791  16.252  1.00 21.11 ? 292 GLN B CB  1 
ATOM   1459 C  CG  . GLN B 1 92 ? 1.225   -7.011  15.670  1.00 15.62 ? 292 GLN B CG  1 
ATOM   1460 C  CD  . GLN B 1 92 ? 0.726   -8.320  16.242  1.00 15.39 ? 292 GLN B CD  1 
ATOM   1461 O  OE1 . GLN B 1 92 ? 0.096   -9.122  15.556  1.00 12.12 ? 292 GLN B OE1 1 
ATOM   1462 N  NE2 . GLN B 1 92 ? 1.016   -8.550  17.502  1.00 14.32 ? 292 GLN B NE2 1 
ATOM   1463 N  N   . ILE B 1 93 ? -2.021  -3.606  15.883  1.00 24.26 ? 293 ILE B N   1 
ATOM   1464 C  CA  . ILE B 1 93 ? -2.704  -2.461  16.477  1.00 20.31 ? 293 ILE B CA  1 
ATOM   1465 C  C   . ILE B 1 93 ? -4.223  -2.576  16.281  1.00 20.59 ? 293 ILE B C   1 
ATOM   1466 O  O   . ILE B 1 93 ? -4.984  -1.744  16.770  1.00 24.31 ? 293 ILE B O   1 
ATOM   1467 C  CB  . ILE B 1 93 ? -2.222  -1.118  15.940  1.00 21.27 ? 293 ILE B CB  1 
ATOM   1468 C  CG1 . ILE B 1 93 ? -2.379  -1.010  14.458  1.00 22.34 ? 293 ILE B CG1 1 
ATOM   1469 C  CG2 . ILE B 1 93 ? -0.813  -0.852  16.421  1.00 21.99 ? 293 ILE B CG2 1 
ATOM   1470 C  CD1 . ILE B 1 93 ? -2.165  0.400   13.954  1.00 18.58 ? 293 ILE B CD1 1 
ATOM   1471 N  N   . GLY B 1 94 ? -4.644  -3.622  15.576  1.00 20.27 ? 294 GLY B N   1 
ATOM   1472 C  CA  . GLY B 1 94 ? -6.055  -3.857  15.328  1.00 23.22 ? 294 GLY B CA  1 
ATOM   1473 C  C   . GLY B 1 94 ? -6.633  -3.096  14.149  1.00 27.05 ? 294 GLY B C   1 
ATOM   1474 O  O   . GLY B 1 94 ? -7.840  -2.929  14.061  1.00 30.29 ? 294 GLY B O   1 
ATOM   1475 N  N   . CYS B 1 95 ? -5.779  -2.655  13.232  1.00 27.64 ? 295 CYS B N   1 
ATOM   1476 C  CA  . CYS B 1 95 ? -6.202  -1.905  12.056  1.00 26.79 ? 295 CYS B CA  1 
ATOM   1477 C  C   . CYS B 1 95 ? -7.055  -2.715  11.067  1.00 28.30 ? 295 CYS B C   1 
ATOM   1478 O  O   . CYS B 1 95 ? -6.684  -3.830  10.675  1.00 27.03 ? 295 CYS B O   1 
ATOM   1479 C  CB  . CYS B 1 95 ? -4.996  -1.365  11.351  1.00 29.16 ? 295 CYS B CB  1 
ATOM   1480 S  SG  . CYS B 1 95 ? -5.333  -0.068  10.164  1.00 27.75 ? 295 CYS B SG  1 
ATOM   1481 N  N   . THR B 1 96 ? -8.193  -2.139  10.677  1.00 26.03 ? 296 THR B N   1 
ATOM   1482 C  CA  . THR B 1 96 ? -9.119  -2.755  9.729   1.00 21.35 ? 296 THR B CA  1 
ATOM   1483 C  C   . THR B 1 96 ? -9.470  -1.765  8.631   1.00 19.53 ? 296 THR B C   1 
ATOM   1484 O  O   . THR B 1 96 ? -9.221  -0.555  8.762   1.00 13.01 ? 296 THR B O   1 
ATOM   1485 C  CB  . THR B 1 96 ? -10.459 -3.174  10.420  1.00 24.93 ? 296 THR B CB  1 
ATOM   1486 O  OG1 . THR B 1 96 ? -10.782 -2.240  11.462  1.00 28.66 ? 296 THR B OG1 1 
ATOM   1487 C  CG2 . THR B 1 96 ? -10.379 -4.590  10.976  1.00 23.65 ? 296 THR B CG2 1 
ATOM   1488 N  N   . LEU B 1 97 ? -10.015 -2.289  7.534   1.00 19.87 ? 297 LEU B N   1 
ATOM   1489 C  CA  . LEU B 1 97 ? -10.460 -1.474  6.403   1.00 20.42 ? 297 LEU B CA  1 
ATOM   1490 C  C   . LEU B 1 97 ? -11.951 -1.591  6.396   1.00 21.57 ? 297 LEU B C   1 
ATOM   1491 O  O   . LEU B 1 97 ? -12.485 -2.706  6.414   1.00 17.82 ? 297 LEU B O   1 
ATOM   1492 C  CB  . LEU B 1 97 ? -9.930  -2.011  5.091   1.00 13.24 ? 297 LEU B CB  1 
ATOM   1493 C  CG  . LEU B 1 97 ? -8.522  -1.820  4.699   1.00 12.71 ? 297 LEU B CG  1 
ATOM   1494 C  CD1 . LEU B 1 97 ? -8.268  -2.825  3.587   1.00 13.11 ? 297 LEU B CD1 1 
ATOM   1495 C  CD2 . LEU B 1 97 ? -8.224  -0.408  4.248   1.00 2.14  ? 297 LEU B CD2 1 
ATOM   1496 N  N   . ASN B 1 98 ? -12.644 -0.462  6.354   1.00 21.72 ? 298 ASN B N   1 
ATOM   1497 C  CA  . ASN B 1 98 ? -14.098 -0.488  6.364   1.00 29.57 ? 298 ASN B CA  1 
ATOM   1498 C  C   . ASN B 1 98 ? -14.675 0.307   5.257   1.00 29.26 ? 298 ASN B C   1 
ATOM   1499 O  O   . ASN B 1 98 ? -14.221 1.416   4.978   1.00 31.32 ? 298 ASN B O   1 
ATOM   1500 C  CB  . ASN B 1 98 ? -14.632 0.071   7.703   1.00 35.64 ? 298 ASN B CB  1 
ATOM   1501 C  CG  . ASN B 1 98 ? -14.078 -0.660  8.912   1.00 41.86 ? 298 ASN B CG  1 
ATOM   1502 O  OD1 . ASN B 1 98 ? -14.331 -1.847  9.111   1.00 41.90 ? 298 ASN B OD1 1 
ATOM   1503 N  ND2 . ASN B 1 98 ? -13.319 0.059   9.738   1.00 42.04 ? 298 ASN B ND2 1 
ATOM   1504 N  N   . PHE B 1 99 ? -15.689 -0.246  4.606   1.00 30.37 ? 299 PHE B N   1 
ATOM   1505 C  CA  . PHE B 1 99 ? -16.383 0.455   3.531   1.00 34.33 ? 299 PHE B CA  1 
ATOM   1506 C  C   . PHE B 1 99 ? -17.820 -0.093  3.301   1.00 36.60 ? 299 PHE B C   1 
ATOM   1507 O  O   . PHE B 1 99 ? -18.091 -1.230  3.754   1.00 35.22 ? 299 PHE B O   1 
ATOM   1508 C  CB  . PHE B 1 99 ? -15.562 0.438   2.209   1.00 30.58 ? 299 PHE B CB  1 
ATOM   1509 C  CG  . PHE B 1 99 ? -15.308 -0.930  1.652   1.00 25.70 ? 299 PHE B CG  1 
ATOM   1510 C  CD1 . PHE B 1 99 ? -16.279 -1.582  0.917   1.00 28.61 ? 299 PHE B CD1 1 
ATOM   1511 C  CD2 . PHE B 1 99 ? -14.083 -1.550  1.833   1.00 24.84 ? 299 PHE B CD2 1 
ATOM   1512 C  CE1 . PHE B 1 99 ? -16.027 -2.831  0.357   1.00 32.71 ? 299 PHE B CE1 1 
ATOM   1513 C  CE2 . PHE B 1 99 ? -13.821 -2.801  1.276   1.00 21.58 ? 299 PHE B CE2 1 
ATOM   1514 C  CZ  . PHE B 1 99 ? -14.794 -3.444  0.541   1.00 28.95 ? 299 PHE B CZ  1 
HETATM 1515 C  C1  . 3IN C 2 .  ? 5.396   3.962   -3.780  1.00 33.63 ? 622 3IN B C1  1 
HETATM 1516 C  C2  . 3IN C 2 .  ? 4.127   3.131   -3.439  1.00 24.48 ? 622 3IN B C2  1 
HETATM 1517 C  C3  . 3IN C 2 .  ? 3.527   2.573   -4.704  1.00 23.04 ? 622 3IN B C3  1 
HETATM 1518 O  O4  . 3IN C 2 .  ? 4.481   -5.924  -0.036  1.00 27.23 ? 622 3IN B O4  1 
HETATM 1519 O  O5  . 3IN C 2 .  ? 5.583   6.377   -1.215  1.00 48.68 ? 622 3IN B O5  1 
HETATM 1520 N  N6  . 3IN C 2 .  ? 7.182   6.927   -4.328  0.00 46.22 ? 622 3IN B N6  1 
HETATM 1521 C  C7  . 3IN C 2 .  ? 3.256   3.853   -7.594  1.00 23.76 ? 622 3IN B C7  1 
HETATM 1522 C  C8  . 3IN C 2 .  ? 4.853   2.763   -1.247  1.00 23.31 ? 622 3IN B C8  1 
HETATM 1523 C  C9  . 3IN C 2 .  ? 6.079   3.690   -1.428  1.00 29.34 ? 622 3IN B C9  1 
HETATM 1524 C  C10 . 3IN C 2 .  ? 3.213   1.512   -2.052  1.00 18.45 ? 622 3IN B C10 1 
HETATM 1525 C  C11 . 3IN C 2 .  ? 3.206   -0.001  -2.029  1.00 15.27 ? 622 3IN B C11 1 
HETATM 1526 C  C12 . 3IN C 2 .  ? 3.130   -0.866  -3.262  1.00 18.58 ? 622 3IN B C12 1 
HETATM 1527 C  C13 . 3IN C 2 .  ? 3.285   -2.420  -3.008  1.00 26.08 ? 622 3IN B C13 1 
HETATM 1528 C  C14 . 3IN C 2 .  ? 3.040   -3.057  -4.403  1.00 26.41 ? 622 3IN B C14 1 
HETATM 1529 C  C15 . 3IN C 2 .  ? 3.199   -4.563  -4.455  1.00 31.96 ? 622 3IN B C15 1 
HETATM 1530 C  C16 . 3IN C 2 .  ? 2.118   -5.415  -4.191  1.00 32.71 ? 622 3IN B C16 1 
HETATM 1531 C  C19 . 3IN C 2 .  ? 4.696   -6.505  -4.763  1.00 38.58 ? 622 3IN B C19 1 
HETATM 1532 C  C20 . 3IN C 2 .  ? 4.450   -5.102  -4.780  1.00 35.26 ? 622 3IN B C20 1 
HETATM 1533 C  C21 . 3IN C 2 .  ? 4.794   -2.766  -2.486  1.00 30.44 ? 622 3IN B C21 1 
HETATM 1534 C  C22 . 3IN C 2 .  ? 6.084   -4.463  -1.008  1.00 28.15 ? 622 3IN B C22 1 
HETATM 1535 C  C24 . 3IN C 2 .  ? 6.958   -5.974  0.477   1.00 27.61 ? 622 3IN B C24 1 
HETATM 1536 C  C27 . 3IN C 2 .  ? 6.499   12.595  -5.862  0.00 45.99 ? 622 3IN B C27 1 
HETATM 1537 C  C30 . 3IN C 2 .  ? 7.089   -3.570  -0.091  1.00 29.79 ? 622 3IN B C30 1 
HETATM 1538 C  C31 . 3IN C 2 .  ? 5.845   5.986   -2.361  1.00 42.16 ? 622 3IN B C31 1 
HETATM 1539 C  C32 . 3IN C 2 .  ? 6.090   6.953   -3.514  0.00 45.16 ? 622 3IN B C32 1 
HETATM 1540 C  C33 . 3IN C 2 .  ? 7.383   7.951   -5.212  0.00 47.12 ? 622 3IN B C33 1 
HETATM 1541 C  C34 . 3IN C 2 .  ? 6.479   9.036   -5.346  0.00 47.07 ? 622 3IN B C34 1 
HETATM 1542 C  C35 . 3IN C 2 .  ? 5.375   11.544  -7.711  0.00 46.12 ? 622 3IN B C35 1 
HETATM 1543 N  N1  . 3IN C 2 .  ? 5.854   4.614   -2.533  1.00 35.20 ? 622 3IN B N1  1 
HETATM 1544 O  O1  . 3IN C 2 .  ? 3.880   1.466   -5.114  1.00 22.00 ? 622 3IN B O1  1 
HETATM 1545 N  N2  . 3IN C 2 .  ? 2.601   3.403   -5.289  1.00 20.45 ? 622 3IN B N2  1 
HETATM 1546 C  C4  . 3IN C 2 .  ? 2.143   3.360   -6.683  1.00 19.32 ? 622 3IN B C4  1 
HETATM 1547 C  C5  . 3IN C 2 .  ? 1.096   4.423   -7.015  1.00 20.59 ? 622 3IN B C5  1 
HETATM 1548 C  C6  . 3IN C 2 .  ? 1.719   1.946   -7.073  1.00 15.27 ? 622 3IN B C6  1 
HETATM 1549 N  N3  . 3IN C 2 .  ? 4.491   2.048   -2.494  1.00 21.85 ? 622 3IN B N3  1 
HETATM 1550 O  O2  . 3IN C 2 .  ? 2.044   -0.275  -1.324  1.00 17.60 ? 622 3IN B O2  1 
HETATM 1551 C  C17 . 3IN C 2 .  ? 2.298   -6.828  -4.170  1.00 37.06 ? 622 3IN B C17 1 
HETATM 1552 C  C18 . 3IN C 2 .  ? 3.615   -7.366  -4.397  1.00 37.62 ? 622 3IN B C18 1 
HETATM 1553 O  O3  . 3IN C 2 .  ? 5.726   -1.952  -2.613  1.00 28.85 ? 622 3IN B O3  1 
HETATM 1554 N  N4  . 3IN C 2 .  ? 4.971   -3.998  -1.874  1.00 30.08 ? 622 3IN B N4  1 
HETATM 1555 C  C23 . 3IN C 2 .  ? 5.817   -5.937  -0.573  1.00 30.12 ? 622 3IN B C23 1 
HETATM 1556 C  C25 . 3IN C 2 .  ? 7.159   -4.610  1.040   1.00 29.46 ? 622 3IN B C25 1 
HETATM 1557 C  C29 . 3IN C 2 .  ? 6.445   -2.265  0.369   1.00 27.41 ? 622 3IN B C29 1 
HETATM 1558 N  N7  . 3IN C 2 .  ? 5.373   9.027   -4.573  0.00 47.14 ? 622 3IN B N7  1 
HETATM 1559 C  C36 . 3IN C 2 .  ? 5.190   8.035   -3.678  0.00 46.27 ? 622 3IN B C36 1 
HETATM 1560 CL CL1 . 3IN C 2 .  ? 8.798   7.930   -6.230  0.00 13.45 ? 622 3IN B CL1 1 
HETATM 1561 C  C26 . 3IN C 2 .  ? 7.352   11.334  -5.596  0.00 46.73 ? 622 3IN B C26 1 
HETATM 1562 N  N8  . 3IN C 2 .  ? 6.209   12.694  -7.306  0.00 45.82 ? 622 3IN B N8  1 
HETATM 1563 C  C37 . 3IN C 2 .  ? 6.166   10.223  -7.521  0.00 46.83 ? 622 3IN B C37 1 
HETATM 1564 N  N5  . 3IN C 2 .  ? 6.681   10.143  -6.146  0.00 46.95 ? 622 3IN B N5  1 
HETATM 1565 C  C28 . 3IN C 2 .  ? 5.553   13.973  -7.612  0.00 45.02 ? 622 3IN B C28 1 
HETATM 1566 O  O   . HOH D 3 .  ? 3.565   11.344  -13.689 1.00 94.31 ? 303 HOH A O   1 
HETATM 1567 O  O   . HOH D 3 .  ? -2.605  10.159  -31.022 1.00 72.17 ? 306 HOH A O   1 
HETATM 1568 O  O   . HOH D 3 .  ? -5.359  16.592  -17.105 1.00 81.69 ? 309 HOH A O   1 
HETATM 1569 O  O   . HOH D 3 .  ? 9.175   0.718   -17.552 1.00 44.80 ? 312 HOH A O   1 
HETATM 1570 O  O   . HOH D 3 .  ? -0.934  7.057   -0.004  1.00 33.94 ? 313 HOH A O   1 
HETATM 1571 O  O   . HOH D 3 .  ? -14.353 8.332   1.614   1.00 45.20 ? 314 HOH A O   1 
HETATM 1572 O  O   . HOH D 3 .  ? -4.855  6.305   -11.123 1.00 45.45 ? 322 HOH A O   1 
HETATM 1573 O  O   . HOH D 3 .  ? -2.409  -10.181 -3.866  1.00 45.66 ? 323 HOH A O   1 
HETATM 1574 O  O   . HOH D 3 .  ? -11.275 -10.347 6.841   1.00 32.81 ? 324 HOH A O   1 
HETATM 1575 O  O   . HOH D 3 .  ? -10.102 -14.681 -2.811  1.00 85.65 ? 325 HOH A O   1 
HETATM 1576 O  O   . HOH D 3 .  ? 2.018   6.656   -0.702  1.00 32.89 ? 327 HOH A O   1 
HETATM 1577 O  O   . HOH D 3 .  ? 6.814   -6.168  -12.944 1.00 83.20 ? 328 HOH A O   1 
HETATM 1578 O  O   . HOH D 3 .  ? -20.344 -1.150  1.161   1.00 41.81 ? 330 HOH A O   1 
HETATM 1579 O  O   . HOH D 3 .  ? -16.888 7.644   -8.534  1.00 39.02 ? 331 HOH A O   1 
HETATM 1580 O  O   . HOH D 3 .  ? -9.110  9.280   -10.419 1.00 38.53 ? 333 HOH A O   1 
HETATM 1581 O  O   . HOH D 3 .  ? -12.565 -13.496 10.964  1.00 62.04 ? 336 HOH A O   1 
HETATM 1582 O  O   . HOH D 3 .  ? 5.292   -9.008  -13.385 1.00 68.70 ? 337 HOH A O   1 
HETATM 1583 O  O   . HOH D 3 .  ? -5.049  0.397   -26.031 1.00 46.52 ? 338 HOH A O   1 
HETATM 1584 O  O   . HOH D 3 .  ? -10.299 -11.382 13.362  1.00 41.39 ? 341 HOH A O   1 
HETATM 1585 O  O   . HOH D 3 .  ? -6.201  13.917  -17.097 1.00 76.16 ? 347 HOH A O   1 
HETATM 1586 O  O   . HOH D 3 .  ? 4.105   13.558  -25.006 1.00 66.10 ? 351 HOH A O   1 
HETATM 1587 O  O   . HOH D 3 .  ? -9.896  -12.758 9.660   1.00 93.97 ? 352 HOH A O   1 
HETATM 1588 O  O   . HOH D 3 .  ? -8.508  -9.063  14.579  1.00 18.49 ? 353 HOH A O   1 
HETATM 1589 O  O   . HOH D 3 .  ? -11.490 -13.178 7.158   1.00 77.06 ? 355 HOH A O   1 
HETATM 1590 O  O   . HOH D 3 .  ? -10.347 -16.085 5.845   1.00 86.70 ? 356 HOH A O   1 
HETATM 1591 O  O   . HOH D 3 .  ? -3.296  -9.500  -10.245 1.00 92.53 ? 357 HOH A O   1 
HETATM 1592 O  O   . HOH D 3 .  ? -1.215  -4.895  -23.042 1.00 55.58 ? 359 HOH A O   1 
HETATM 1593 O  O   . HOH D 3 .  ? -5.140  10.539  -9.724  1.00 37.84 ? 362 HOH A O   1 
HETATM 1594 O  O   . HOH D 3 .  ? -10.163 10.542  -15.278 1.00 40.69 ? 363 HOH A O   1 
HETATM 1595 O  O   . HOH D 3 .  ? -4.985  -9.808  -13.610 1.00 55.72 ? 365 HOH A O   1 
HETATM 1596 O  O   . HOH D 3 .  ? -14.379 -9.978  6.094   1.00 68.84 ? 366 HOH A O   1 
HETATM 1597 O  O   . HOH D 3 .  ? -14.777 5.510   -21.850 1.00 62.19 ? 367 HOH A O   1 
HETATM 1598 O  O   . HOH D 3 .  ? -19.971 6.248   1.643   1.00 61.93 ? 444 HOH A O   1 
HETATM 1599 O  O   . HOH E 3 .  ? -0.877  -6.909  1.470   1.00 28.39 ? 300 HOH B O   1 
HETATM 1600 O  O   . HOH E 3 .  ? 6.210   -0.264  -4.703  1.00 28.28 ? 301 HOH B O   1 
HETATM 1601 O  O   . HOH E 3 .  ? -0.644  9.873   14.526  1.00 52.06 ? 302 HOH B O   1 
HETATM 1602 O  O   . HOH E 3 .  ? -11.499 7.784   2.142   1.00 14.64 ? 304 HOH B O   1 
HETATM 1603 O  O   . HOH E 3 .  ? 8.344   -9.158  8.393   1.00 61.83 ? 305 HOH B O   1 
HETATM 1604 O  O   . HOH E 3 .  ? 26.050  0.804   10.006  1.00 44.53 ? 307 HOH B O   1 
HETATM 1605 O  O   . HOH E 3 .  ? 4.983   -10.532 6.239   1.00 59.90 ? 308 HOH B O   1 
HETATM 1606 O  O   . HOH E 3 .  ? 8.634   -6.517  8.187   1.00 27.99 ? 310 HOH B O   1 
HETATM 1607 O  O   . HOH E 3 .  ? 6.354   -10.883 9.947   1.00 77.26 ? 311 HOH B O   1 
HETATM 1608 O  O   . HOH E 3 .  ? -6.168  -6.321  10.940  1.00 19.24 ? 315 HOH B O   1 
HETATM 1609 O  O   . HOH E 3 .  ? 2.647   6.001   -4.894  1.00 40.42 ? 316 HOH B O   1 
HETATM 1610 O  O   . HOH E 3 .  ? -8.199  12.258  4.400   1.00 35.22 ? 317 HOH B O   1 
HETATM 1611 O  O   . HOH E 3 .  ? 4.366   -5.968  15.358  1.00 70.67 ? 318 HOH B O   1 
HETATM 1612 O  O   . HOH E 3 .  ? 8.134   -5.357  -10.479 1.00 87.78 ? 319 HOH B O   1 
HETATM 1613 O  O   . HOH E 3 .  ? 3.803   10.258  2.515   1.00 32.21 ? 320 HOH B O   1 
HETATM 1614 O  O   . HOH E 3 .  ? 7.069   -8.584  -5.853  1.00 57.45 ? 321 HOH B O   1 
HETATM 1615 O  O   . HOH E 3 .  ? -5.459  10.864  5.838   1.00 41.35 ? 326 HOH B O   1 
HETATM 1616 O  O   . HOH E 3 .  ? 0.833   -7.355  -0.905  1.00 37.44 ? 329 HOH B O   1 
HETATM 1617 O  O   . HOH E 3 .  ? 11.395  3.993   20.906  1.00 66.37 ? 332 HOH B O   1 
HETATM 1618 O  O   . HOH E 3 .  ? 15.561  -12.253 0.883   1.00 43.87 ? 334 HOH B O   1 
HETATM 1619 O  O   . HOH E 3 .  ? -9.644  11.672  -5.384  1.00 67.58 ? 335 HOH B O   1 
HETATM 1620 O  O   . HOH E 3 .  ? -6.983  -2.302  19.830  1.00 43.37 ? 339 HOH B O   1 
HETATM 1621 O  O   . HOH E 3 .  ? 21.185  1.674   -0.766  1.00 84.72 ? 340 HOH B O   1 
HETATM 1622 O  O   . HOH E 3 .  ? 16.372  4.800   -4.222  1.00 60.82 ? 342 HOH B O   1 
HETATM 1623 O  O   . HOH E 3 .  ? 28.371  -9.851  17.796  1.00 6.03  ? 343 HOH B O   1 
HETATM 1624 O  O   . HOH E 3 .  ? -8.918  -4.985  16.341  1.00 60.52 ? 345 HOH B O   1 
HETATM 1625 O  O   . HOH E 3 .  ? 16.688  -0.795  -7.172  1.00 73.17 ? 346 HOH B O   1 
HETATM 1626 O  O   . HOH E 3 .  ? -7.697  12.043  -3.044  1.00 99.72 ? 348 HOH B O   1 
HETATM 1627 O  O   . HOH E 3 .  ? -6.251  -7.012  13.938  1.00 32.09 ? 349 HOH B O   1 
HETATM 1628 O  O   . HOH E 3 .  ? 6.812   -9.120  12.076  1.00 14.81 ? 350 HOH B O   1 
HETATM 1629 O  O   . HOH E 3 .  ? 8.616   -3.974  24.949  1.00 57.05 ? 354 HOH B O   1 
HETATM 1630 O  O   . HOH E 3 .  ? 8.934   -7.004  -7.800  1.00 64.41 ? 358 HOH B O   1 
HETATM 1631 O  O   . HOH E 3 .  ? -7.611  -5.267  19.060  1.00 40.55 ? 360 HOH B O   1 
HETATM 1632 O  O   . HOH E 3 .  ? -15.461 10.546  3.510   1.00 21.35 ? 361 HOH B O   1 
HETATM 1633 O  O   . HOH E 3 .  ? 23.458  4.115   6.218   1.00 91.21 ? 364 HOH B O   1 
HETATM 1634 O  O   . HOH E 3 .  ? 2.928   -6.750  18.790  1.00 55.61 ? 368 HOH B O   1 
# 
